data_4LEF
#
_entry.id   4LEF
#
_cell.length_a   83.048
_cell.length_b   100.308
_cell.length_c   168.037
_cell.angle_alpha   90.00
_cell.angle_beta   104.48
_cell.angle_gamma   90.00
#
_symmetry.space_group_name_H-M   'P 1 21 1'
#
loop_
_entity.id
_entity.type
_entity.pdbx_description
1 polymer 'Phosphotriesterase homology protein'
2 non-polymer 'ZINC ION'
3 non-polymer 'PHOSPHATE ION'
4 non-polymer beta-D-glucopyranose
5 water water
#
_entity_poly.entity_id   1
_entity_poly.type   'polypeptide(L)'
_entity_poly.pdbx_seq_one_letter_code
;MSFDPTGYTLAHEHLHIDLSGFKNNVDCRLDQYAFICQEMNDLMTRGVRNVIEMTNRYMGRNAQFMLDVMRETGINVVAC
TGYYQDAFFPEHVATRSVQELAQEMVDEIEQGIDGTELKAGIIAEIGTSEGKITPLEEKVFIAAALAHNQTGRPISTHTS
FSTMGLEQLALLQAHGVDLSRVTVGHCDLKDNLDNILKMIDLGAYVQFDTIGKNSYYPDEKRIAMLHALRDRGLLNRVML
SMDITRRSHLKANGGYGYDYLLTTFIPQLRQSGFSQADVDVMLRENPSQFFQ
;
_entity_poly.pdbx_strand_id   C,D,A,B,E,F,G,H
#
# COMPACT_ATOMS: atom_id res chain seq x y z
N PHE A 3 -22.67 18.67 -37.35
CA PHE A 3 -22.32 17.57 -36.44
C PHE A 3 -20.80 17.47 -36.23
N ASP A 4 -20.38 17.46 -34.96
CA ASP A 4 -18.97 17.41 -34.58
C ASP A 4 -18.66 16.03 -33.98
N PRO A 5 -17.99 15.15 -34.76
CA PRO A 5 -17.75 13.78 -34.30
C PRO A 5 -16.74 13.68 -33.16
N THR A 6 -16.07 14.77 -32.84
CA THR A 6 -15.13 14.74 -31.72
C THR A 6 -15.84 14.90 -30.38
N GLY A 7 -17.09 15.36 -30.41
CA GLY A 7 -17.81 15.62 -29.19
C GLY A 7 -18.78 14.52 -28.80
N TYR A 8 -19.25 14.57 -27.55
CA TYR A 8 -20.34 13.71 -27.13
C TYR A 8 -21.64 14.15 -27.78
N THR A 9 -22.57 13.20 -27.90
CA THR A 9 -23.84 13.43 -28.55
C THR A 9 -24.96 12.86 -27.71
N LEU A 10 -26.02 13.65 -27.56
CA LEU A 10 -27.26 13.18 -26.97
C LEU A 10 -28.16 12.75 -28.13
N ALA A 11 -28.51 11.47 -28.19
CA ALA A 11 -29.13 10.90 -29.38
C ALA A 11 -30.64 11.16 -29.54
N HIS A 12 -31.31 11.65 -28.49
CA HIS A 12 -32.74 11.87 -28.57
C HIS A 12 -33.16 12.94 -27.57
N GLU A 13 -33.35 14.15 -28.08
CA GLU A 13 -33.71 15.28 -27.23
C GLU A 13 -34.73 16.17 -27.93
N HIS A 14 -35.39 17.04 -27.15
CA HIS A 14 -36.22 18.07 -27.73
C HIS A 14 -35.71 19.40 -27.21
N LEU A 15 -35.66 20.40 -28.09
CA LEU A 15 -35.29 21.75 -27.68
C LEU A 15 -36.50 22.69 -27.76
N HIS A 16 -37.39 22.40 -28.70
CA HIS A 16 -38.66 23.09 -28.81
C HIS A 16 -39.71 22.10 -29.25
N ILE A 17 -40.59 21.73 -28.34
CA ILE A 17 -41.67 20.81 -28.68
C ILE A 17 -42.93 21.36 -28.05
N ASP A 18 -44.08 21.21 -28.70
CA ASP A 18 -45.32 21.75 -28.11
C ASP A 18 -46.43 20.74 -28.31
N LEU A 19 -46.59 19.86 -27.33
CA LEU A 19 -47.72 18.94 -27.27
C LEU A 19 -48.79 19.41 -26.29
N SER A 20 -48.76 20.70 -25.91
CA SER A 20 -49.69 21.19 -24.89
C SER A 20 -51.14 21.16 -25.37
N GLY A 21 -51.34 21.25 -26.67
CA GLY A 21 -52.69 21.21 -27.20
C GLY A 21 -53.27 19.81 -27.11
N PHE A 22 -52.51 18.84 -27.61
CA PHE A 22 -52.89 17.43 -27.56
C PHE A 22 -53.16 16.97 -26.14
N LYS A 23 -52.30 17.40 -25.22
CA LYS A 23 -52.31 16.86 -23.86
C LYS A 23 -53.04 17.74 -22.85
N ASN A 24 -53.49 18.92 -23.30
CA ASN A 24 -54.14 19.91 -22.44
C ASN A 24 -53.29 20.19 -21.19
N ASN A 25 -52.03 20.53 -21.42
CA ASN A 25 -51.07 20.59 -20.34
C ASN A 25 -49.94 21.54 -20.73
N VAL A 26 -49.82 22.68 -20.06
CA VAL A 26 -48.81 23.67 -20.44
C VAL A 26 -47.40 23.21 -20.15
N ASP A 27 -47.25 22.15 -19.35
CA ASP A 27 -45.92 21.64 -19.06
C ASP A 27 -45.31 21.05 -20.33
N CYS A 28 -46.17 20.65 -21.26
CA CYS A 28 -45.73 20.06 -22.52
C CYS A 28 -45.41 21.07 -23.62
N ARG A 29 -45.43 22.36 -23.28
CA ARG A 29 -44.98 23.41 -24.18
C ARG A 29 -43.53 23.80 -23.83
N LEU A 30 -42.57 23.08 -24.39
CA LEU A 30 -41.18 23.37 -24.09
C LEU A 30 -40.67 24.46 -25.02
N ASP A 31 -40.70 25.71 -24.56
CA ASP A 31 -40.38 26.84 -25.43
C ASP A 31 -39.56 27.91 -24.72
N GLN A 32 -38.97 27.55 -23.58
CA GLN A 32 -38.26 28.52 -22.76
C GLN A 32 -36.81 28.71 -23.22
N TYR A 33 -36.66 29.61 -24.19
CA TYR A 33 -35.40 29.82 -24.89
C TYR A 33 -34.21 30.15 -23.99
N ALA A 34 -34.34 31.12 -23.09
CA ALA A 34 -33.22 31.50 -22.23
C ALA A 34 -32.73 30.33 -21.37
N PHE A 35 -33.67 29.58 -20.80
CA PHE A 35 -33.33 28.41 -19.99
C PHE A 35 -32.65 27.34 -20.84
N ILE A 36 -33.18 27.12 -22.03
CA ILE A 36 -32.65 26.05 -22.88
C ILE A 36 -31.25 26.41 -23.40
N CYS A 37 -31.00 27.69 -23.67
CA CYS A 37 -29.64 28.11 -24.04
C CYS A 37 -28.63 27.82 -22.94
N GLN A 38 -29.01 28.12 -21.71
CA GLN A 38 -28.14 27.83 -20.55
C GLN A 38 -27.90 26.32 -20.43
N GLU A 39 -28.95 25.53 -20.61
CA GLU A 39 -28.80 24.07 -20.60
C GLU A 39 -27.82 23.60 -21.67
N MET A 40 -27.90 24.20 -22.87
CA MET A 40 -26.99 23.81 -23.93
C MET A 40 -25.57 24.21 -23.58
N ASN A 41 -25.41 25.37 -22.95
CA ASN A 41 -24.07 25.78 -22.52
C ASN A 41 -23.52 24.82 -21.48
N ASP A 42 -24.40 24.40 -20.57
CA ASP A 42 -24.02 23.43 -19.55
C ASP A 42 -23.52 22.13 -20.18
N LEU A 43 -24.21 21.66 -21.22
CA LEU A 43 -23.78 20.45 -21.93
C LEU A 43 -22.40 20.61 -22.54
N MET A 44 -22.15 21.74 -23.18
N MET A 44 -22.16 21.73 -23.18
N MET A 44 -22.19 21.74 -23.20
CA MET A 44 -20.88 21.94 -23.85
CA MET A 44 -20.88 21.94 -23.85
CA MET A 44 -20.91 22.02 -23.85
C MET A 44 -19.72 22.02 -22.87
C MET A 44 -19.72 22.00 -22.86
C MET A 44 -19.76 21.94 -22.85
N THR A 45 -19.99 22.48 -21.65
CA THR A 45 -18.94 22.54 -20.62
C THR A 45 -18.48 21.14 -20.25
N ARG A 46 -19.33 20.16 -20.48
CA ARG A 46 -18.96 18.79 -20.17
C ARG A 46 -18.72 17.92 -21.40
N GLY A 47 -18.53 18.55 -22.55
CA GLY A 47 -18.04 17.86 -23.72
C GLY A 47 -19.11 17.38 -24.71
N VAL A 48 -20.37 17.69 -24.42
CA VAL A 48 -21.45 17.40 -25.37
C VAL A 48 -21.57 18.51 -26.39
N ARG A 49 -21.36 18.18 -27.67
CA ARG A 49 -21.43 19.21 -28.70
C ARG A 49 -22.49 18.96 -29.76
N ASN A 50 -23.19 17.83 -29.67
CA ASN A 50 -24.24 17.51 -30.62
C ASN A 50 -25.50 17.07 -29.90
N VAL A 51 -26.63 17.56 -30.39
CA VAL A 51 -27.92 17.14 -29.87
C VAL A 51 -28.80 16.79 -31.05
N ILE A 52 -29.36 15.59 -31.06
CA ILE A 52 -30.20 15.19 -32.16
C ILE A 52 -31.63 15.49 -31.75
N GLU A 53 -32.25 16.44 -32.45
CA GLU A 53 -33.53 16.97 -32.01
C GLU A 53 -34.67 16.20 -32.68
N MET A 54 -35.60 15.71 -31.87
CA MET A 54 -36.60 14.74 -32.29
C MET A 54 -38.01 15.31 -32.54
N THR A 55 -38.13 16.63 -32.59
CA THR A 55 -39.44 17.24 -32.79
C THR A 55 -39.73 17.43 -34.27
N ASN A 56 -40.60 16.62 -34.86
CA ASN A 56 -40.96 16.87 -36.26
C ASN A 56 -42.08 17.91 -36.35
N ARG A 57 -42.50 18.26 -37.57
CA ARG A 57 -43.33 19.47 -37.79
C ARG A 57 -44.55 19.56 -36.87
N TYR A 58 -45.33 18.49 -36.82
CA TYR A 58 -46.63 18.57 -36.15
C TYR A 58 -46.54 18.20 -34.67
N MET A 59 -45.32 18.08 -34.16
CA MET A 59 -45.08 18.03 -32.71
C MET A 59 -44.70 19.41 -32.18
N GLY A 60 -44.75 20.41 -33.06
CA GLY A 60 -44.45 21.79 -32.65
C GLY A 60 -42.99 22.19 -32.85
N ARG A 61 -42.37 21.62 -33.87
CA ARG A 61 -40.98 21.97 -34.19
C ARG A 61 -40.84 23.45 -34.49
N ASN A 62 -39.72 24.05 -34.08
CA ASN A 62 -39.48 25.46 -34.42
C ASN A 62 -38.06 25.59 -34.93
N ALA A 63 -37.89 25.63 -36.25
CA ALA A 63 -36.54 25.68 -36.82
C ALA A 63 -35.79 26.95 -36.42
N GLN A 64 -36.48 28.08 -36.42
CA GLN A 64 -35.82 29.35 -36.08
C GLN A 64 -35.26 29.32 -34.66
N PHE A 65 -36.04 28.77 -33.74
CA PHE A 65 -35.64 28.58 -32.34
C PHE A 65 -34.34 27.76 -32.28
N MET A 66 -34.31 26.65 -33.02
CA MET A 66 -33.12 25.80 -33.07
C MET A 66 -31.92 26.52 -33.68
N LEU A 67 -32.12 27.25 -34.77
CA LEU A 67 -31.03 28.04 -35.35
C LEU A 67 -30.51 29.06 -34.36
N ASP A 68 -31.43 29.70 -33.64
CA ASP A 68 -31.05 30.70 -32.62
C ASP A 68 -30.22 30.07 -31.50
N VAL A 69 -30.64 28.89 -31.04
CA VAL A 69 -29.89 28.19 -29.99
C VAL A 69 -28.47 27.85 -30.43
N MET A 70 -28.33 27.35 -31.65
CA MET A 70 -26.99 27.08 -32.18
C MET A 70 -26.15 28.35 -32.22
N ARG A 71 -26.72 29.45 -32.69
CA ARG A 71 -25.96 30.69 -32.80
C ARG A 71 -25.56 31.22 -31.43
N GLU A 72 -26.45 31.12 -30.46
CA GLU A 72 -26.16 31.64 -29.12
C GLU A 72 -25.08 30.82 -28.42
N THR A 73 -25.15 29.51 -28.58
CA THR A 73 -24.32 28.59 -27.80
C THR A 73 -23.17 27.92 -28.55
N GLY A 74 -23.32 27.73 -29.85
CA GLY A 74 -22.31 27.03 -30.61
C GLY A 74 -22.54 25.53 -30.66
N ILE A 75 -23.59 25.05 -30.01
CA ILE A 75 -23.86 23.63 -30.02
C ILE A 75 -24.37 23.22 -31.41
N ASN A 76 -24.20 21.96 -31.79
CA ASN A 76 -24.74 21.46 -33.05
C ASN A 76 -26.07 20.78 -32.79
N VAL A 77 -27.09 21.18 -33.54
CA VAL A 77 -28.39 20.56 -33.41
C VAL A 77 -28.71 19.91 -34.73
N VAL A 78 -29.07 18.64 -34.70
CA VAL A 78 -29.54 17.99 -35.90
C VAL A 78 -31.06 17.95 -35.83
N ALA A 79 -31.74 18.57 -36.78
CA ALA A 79 -33.20 18.63 -36.78
C ALA A 79 -33.78 17.47 -37.57
N CYS A 80 -35.07 17.18 -37.38
CA CYS A 80 -35.64 15.99 -37.97
C CYS A 80 -36.87 16.30 -38.79
N THR A 81 -37.27 15.31 -39.58
CA THR A 81 -38.51 15.40 -40.35
C THR A 81 -39.23 14.09 -40.13
N GLY A 82 -40.56 14.12 -40.17
CA GLY A 82 -41.33 12.90 -39.99
C GLY A 82 -42.72 13.15 -39.44
N TYR A 83 -43.40 12.06 -39.06
CA TYR A 83 -44.67 12.16 -38.37
C TYR A 83 -44.56 11.28 -37.14
N TYR A 84 -45.27 11.68 -36.09
CA TYR A 84 -45.00 11.17 -34.75
C TYR A 84 -45.65 9.80 -34.46
N GLN A 85 -46.92 9.79 -34.11
CA GLN A 85 -47.63 8.53 -33.84
C GLN A 85 -49.12 8.76 -34.00
N ASP A 86 -49.90 7.67 -34.01
CA ASP A 86 -51.29 7.73 -34.48
C ASP A 86 -52.17 8.79 -33.82
N ALA A 87 -52.10 8.85 -32.50
CA ALA A 87 -52.97 9.76 -31.73
C ALA A 87 -52.64 11.24 -31.96
N PHE A 88 -51.54 11.50 -32.65
CA PHE A 88 -51.03 12.85 -32.80
C PHE A 88 -50.98 13.32 -34.26
N PHE A 89 -51.29 12.43 -35.22
CA PHE A 89 -51.19 12.80 -36.64
C PHE A 89 -52.24 13.83 -37.01
N PRO A 90 -51.85 14.79 -37.88
CA PRO A 90 -52.83 15.67 -38.54
C PRO A 90 -53.73 14.84 -39.44
N GLU A 91 -54.95 15.31 -39.66
CA GLU A 91 -55.91 14.60 -40.50
C GLU A 91 -55.35 14.29 -41.89
N HIS A 92 -54.43 15.11 -42.38
CA HIS A 92 -53.94 14.89 -43.74
C HIS A 92 -53.03 13.67 -43.93
N VAL A 93 -52.58 13.04 -42.84
CA VAL A 93 -51.78 11.84 -42.97
C VAL A 93 -52.64 10.76 -43.64
N ALA A 94 -53.92 10.75 -43.29
CA ALA A 94 -54.87 9.83 -43.90
C ALA A 94 -55.15 10.13 -45.38
N THR A 95 -55.33 11.41 -45.70
CA THR A 95 -55.79 11.80 -47.06
C THR A 95 -54.69 11.94 -48.11
N ARG A 96 -53.48 12.28 -47.69
CA ARG A 96 -52.36 12.35 -48.63
C ARG A 96 -51.75 10.97 -48.91
N SER A 97 -51.18 10.80 -50.09
CA SER A 97 -50.61 9.52 -50.48
C SER A 97 -49.28 9.27 -49.79
N VAL A 98 -48.87 8.00 -49.78
CA VAL A 98 -47.55 7.62 -49.26
C VAL A 98 -46.46 8.41 -49.94
N GLN A 99 -46.55 8.52 -51.26
CA GLN A 99 -45.53 9.25 -52.01
C GLN A 99 -45.50 10.72 -51.62
N GLU A 100 -46.67 11.30 -51.34
CA GLU A 100 -46.71 12.70 -50.89
C GLU A 100 -46.05 12.92 -49.52
N LEU A 101 -46.33 12.04 -48.56
CA LEU A 101 -45.70 12.13 -47.26
C LEU A 101 -44.19 11.97 -47.37
N ALA A 102 -43.76 11.05 -48.23
CA ALA A 102 -42.34 10.82 -48.46
C ALA A 102 -41.67 12.07 -49.04
N GLN A 103 -42.31 12.66 -50.05
CA GLN A 103 -41.75 13.84 -50.71
C GLN A 103 -41.63 15.00 -49.74
N GLU A 104 -42.57 15.10 -48.80
CA GLU A 104 -42.49 16.13 -47.76
C GLU A 104 -41.23 16.00 -46.92
N MET A 105 -40.91 14.77 -46.50
CA MET A 105 -39.72 14.53 -45.72
C MET A 105 -38.44 14.77 -46.52
N VAL A 106 -38.43 14.32 -47.78
CA VAL A 106 -37.33 14.59 -48.70
C VAL A 106 -37.08 16.09 -48.82
N ASP A 107 -38.14 16.86 -49.05
CA ASP A 107 -37.97 18.31 -49.19
C ASP A 107 -37.45 18.96 -47.91
N GLU A 108 -37.88 18.46 -46.75
CA GLU A 108 -37.40 19.01 -45.48
C GLU A 108 -35.91 18.70 -45.28
N ILE A 109 -35.46 17.58 -45.84
CA ILE A 109 -34.05 17.22 -45.78
C ILE A 109 -33.22 18.00 -46.81
N GLU A 110 -33.76 18.13 -48.02
CA GLU A 110 -33.01 18.71 -49.15
C GLU A 110 -33.21 20.22 -49.34
N GLN A 111 -34.39 20.74 -49.05
CA GLN A 111 -34.67 22.16 -49.26
C GLN A 111 -34.56 22.95 -47.96
N GLY A 112 -35.26 22.49 -46.93
CA GLY A 112 -35.22 23.17 -45.65
C GLY A 112 -36.52 23.04 -44.86
N ILE A 113 -36.49 23.43 -43.58
CA ILE A 113 -37.66 23.33 -42.72
C ILE A 113 -38.18 24.69 -42.24
N ASP A 114 -39.50 24.77 -42.08
CA ASP A 114 -40.18 25.91 -41.47
C ASP A 114 -39.80 27.24 -42.12
N GLY A 115 -39.49 27.19 -43.41
CA GLY A 115 -39.16 28.39 -44.16
C GLY A 115 -37.80 28.97 -43.85
N THR A 116 -36.95 28.20 -43.18
CA THR A 116 -35.60 28.66 -42.83
C THR A 116 -34.53 27.97 -43.66
N GLU A 117 -33.27 28.26 -43.35
CA GLU A 117 -32.14 27.67 -44.05
C GLU A 117 -31.77 26.33 -43.43
N LEU A 118 -32.40 26.02 -42.31
CA LEU A 118 -32.11 24.79 -41.60
C LEU A 118 -32.71 23.61 -42.36
N LYS A 119 -31.95 22.54 -42.51
CA LYS A 119 -32.42 21.34 -43.18
C LYS A 119 -32.49 20.18 -42.20
N ALA A 120 -33.47 19.29 -42.39
CA ALA A 120 -33.54 18.09 -41.56
C ALA A 120 -32.35 17.17 -41.85
N GLY A 121 -31.76 16.60 -40.79
CA GLY A 121 -30.64 15.70 -40.93
C GLY A 121 -30.98 14.25 -40.60
N ILE A 122 -32.21 14.01 -40.16
CA ILE A 122 -32.62 12.67 -39.78
C ILE A 122 -34.15 12.54 -39.89
N ILE A 123 -34.62 11.32 -40.11
CA ILE A 123 -36.05 11.05 -40.13
C ILE A 123 -36.42 10.49 -38.75
N ALA A 124 -37.19 11.27 -38.00
CA ALA A 124 -37.41 10.98 -36.58
C ALA A 124 -38.45 11.96 -36.03
N GLU A 125 -38.93 11.76 -34.79
CA GLU A 125 -38.99 10.43 -34.21
C GLU A 125 -40.26 9.82 -34.75
N ILE A 126 -40.12 8.77 -35.54
CA ILE A 126 -41.30 8.17 -36.14
C ILE A 126 -41.76 7.01 -35.28
N GLY A 127 -43.02 7.07 -34.85
CA GLY A 127 -43.44 6.19 -33.79
C GLY A 127 -44.57 5.23 -34.09
N THR A 128 -44.68 4.24 -33.21
CA THR A 128 -45.80 3.32 -33.23
C THR A 128 -46.50 3.35 -31.86
N SER A 129 -47.74 2.89 -31.84
CA SER A 129 -48.55 2.91 -30.65
C SER A 129 -48.19 1.76 -29.71
N GLU A 130 -48.81 1.74 -28.53
CA GLU A 130 -48.53 0.70 -27.56
C GLU A 130 -49.04 -0.66 -28.01
N GLY A 131 -48.11 -1.57 -28.26
CA GLY A 131 -48.47 -2.96 -28.58
C GLY A 131 -49.06 -3.17 -29.97
N LYS A 132 -48.99 -2.14 -30.82
CA LYS A 132 -49.47 -2.31 -32.18
C LYS A 132 -48.94 -1.24 -33.11
N ILE A 133 -48.92 -1.56 -34.40
CA ILE A 133 -48.68 -0.58 -35.44
C ILE A 133 -50.01 -0.30 -36.13
N THR A 134 -50.45 0.97 -36.11
CA THR A 134 -51.75 1.29 -36.74
C THR A 134 -51.55 1.41 -38.25
N PRO A 135 -52.65 1.38 -39.02
CA PRO A 135 -52.50 1.58 -40.46
C PRO A 135 -51.81 2.90 -40.85
N LEU A 136 -52.06 4.00 -40.15
CA LEU A 136 -51.40 5.24 -40.54
C LEU A 136 -49.93 5.26 -40.11
N GLU A 137 -49.61 4.60 -39.01
CA GLU A 137 -48.20 4.47 -38.62
C GLU A 137 -47.44 3.64 -39.65
N GLU A 138 -48.05 2.57 -40.16
CA GLU A 138 -47.39 1.77 -41.18
C GLU A 138 -47.07 2.65 -42.41
N LYS A 139 -48.05 3.45 -42.79
CA LYS A 139 -47.96 4.35 -43.92
C LYS A 139 -46.82 5.34 -43.75
N VAL A 140 -46.68 5.90 -42.54
CA VAL A 140 -45.59 6.82 -42.24
C VAL A 140 -44.24 6.12 -42.33
N PHE A 141 -44.16 4.89 -41.83
CA PHE A 141 -42.93 4.14 -41.88
C PHE A 141 -42.51 3.79 -43.31
N ILE A 142 -43.50 3.47 -44.14
CA ILE A 142 -43.23 3.16 -45.54
C ILE A 142 -42.76 4.42 -46.24
N ALA A 143 -43.38 5.54 -45.90
CA ALA A 143 -42.95 6.83 -46.45
C ALA A 143 -41.54 7.21 -45.98
N ALA A 144 -41.23 6.91 -44.72
CA ALA A 144 -39.90 7.15 -44.18
C ALA A 144 -38.83 6.31 -44.91
N ALA A 145 -39.18 5.07 -45.20
CA ALA A 145 -38.29 4.19 -45.95
C ALA A 145 -37.96 4.77 -47.32
N LEU A 146 -38.98 5.31 -47.98
CA LEU A 146 -38.81 5.93 -49.29
C LEU A 146 -37.88 7.12 -49.19
N ALA A 147 -38.16 7.99 -48.22
CA ALA A 147 -37.34 9.17 -47.97
C ALA A 147 -35.89 8.81 -47.66
N HIS A 148 -35.70 7.74 -46.88
CA HIS A 148 -34.36 7.29 -46.54
C HIS A 148 -33.63 6.83 -47.79
N ASN A 149 -34.37 6.11 -48.63
CA ASN A 149 -33.80 5.60 -49.86
C ASN A 149 -33.40 6.72 -50.81
N GLN A 150 -34.17 7.81 -50.83
CA GLN A 150 -33.85 8.93 -51.71
C GLN A 150 -32.71 9.82 -51.18
N THR A 151 -32.56 9.88 -49.87
CA THR A 151 -31.65 10.86 -49.26
C THR A 151 -30.46 10.27 -48.50
N GLY A 152 -30.56 9.00 -48.11
CA GLY A 152 -29.53 8.38 -47.30
C GLY A 152 -29.53 8.74 -45.82
N ARG A 153 -30.45 9.60 -45.39
CA ARG A 153 -30.47 9.98 -43.99
C ARG A 153 -31.05 8.86 -43.13
N PRO A 154 -30.51 8.68 -41.91
CA PRO A 154 -30.93 7.56 -41.08
C PRO A 154 -32.30 7.81 -40.47
N ILE A 155 -32.84 6.79 -39.83
CA ILE A 155 -34.17 6.87 -39.25
C ILE A 155 -34.07 6.61 -37.75
N SER A 156 -34.79 7.38 -36.93
CA SER A 156 -34.80 7.20 -35.49
C SER A 156 -36.25 7.05 -35.04
N THR A 157 -36.57 5.98 -34.33
CA THR A 157 -37.97 5.67 -34.07
C THR A 157 -38.40 5.98 -32.64
N HIS A 158 -39.71 5.98 -32.44
CA HIS A 158 -40.32 6.07 -31.15
C HIS A 158 -41.01 4.73 -30.88
N THR A 159 -40.69 4.09 -29.75
CA THR A 159 -41.54 3.00 -29.28
C THR A 159 -42.36 3.43 -28.08
N SER A 160 -43.61 2.99 -28.04
CA SER A 160 -44.49 3.31 -26.91
C SER A 160 -44.37 2.19 -25.88
N PHE A 161 -43.92 2.58 -24.67
CA PHE A 161 -43.66 1.63 -23.58
C PHE A 161 -42.76 0.48 -24.05
N SER A 162 -41.77 0.81 -24.87
CA SER A 162 -40.78 -0.15 -25.36
C SER A 162 -41.40 -1.35 -26.08
N THR A 163 -42.46 -1.12 -26.85
CA THR A 163 -43.08 -2.21 -27.64
C THR A 163 -42.91 -1.98 -29.13
N MET A 164 -42.96 -3.07 -29.89
CA MET A 164 -43.01 -3.07 -31.35
C MET A 164 -41.70 -2.73 -32.06
N GLY A 165 -40.59 -2.62 -31.31
CA GLY A 165 -39.30 -2.38 -31.93
C GLY A 165 -38.95 -3.38 -33.03
N LEU A 166 -39.07 -4.67 -32.72
CA LEU A 166 -38.74 -5.69 -33.71
C LEU A 166 -39.61 -5.60 -34.96
N GLU A 167 -40.88 -5.24 -34.78
CA GLU A 167 -41.81 -5.10 -35.90
C GLU A 167 -41.47 -3.88 -36.74
N GLN A 168 -41.02 -2.79 -36.09
CA GLN A 168 -40.58 -1.60 -36.83
C GLN A 168 -39.41 -1.96 -37.72
N LEU A 169 -38.47 -2.71 -37.16
CA LEU A 169 -37.28 -3.10 -37.91
C LEU A 169 -37.66 -3.98 -39.09
N ALA A 170 -38.57 -4.92 -38.87
CA ALA A 170 -38.98 -5.84 -39.94
C ALA A 170 -39.62 -5.07 -41.10
N LEU A 171 -40.44 -4.08 -40.74
CA LEU A 171 -41.11 -3.24 -41.73
C LEU A 171 -40.11 -2.38 -42.52
N LEU A 172 -39.18 -1.74 -41.81
CA LEU A 172 -38.22 -0.86 -42.47
C LEU A 172 -37.31 -1.66 -43.40
N GLN A 173 -36.90 -2.83 -42.92
CA GLN A 173 -36.01 -3.68 -43.71
C GLN A 173 -36.69 -4.19 -44.98
N ALA A 174 -37.97 -4.56 -44.84
CA ALA A 174 -38.76 -5.03 -45.96
C ALA A 174 -38.88 -3.96 -47.04
N HIS A 175 -38.72 -2.69 -46.65
CA HIS A 175 -38.84 -1.59 -47.60
C HIS A 175 -37.50 -0.96 -47.94
N GLY A 176 -36.45 -1.76 -47.77
CA GLY A 176 -35.16 -1.44 -48.33
C GLY A 176 -34.22 -0.66 -47.43
N VAL A 177 -34.61 -0.45 -46.17
CA VAL A 177 -33.71 0.23 -45.24
C VAL A 177 -32.73 -0.75 -44.64
N ASP A 178 -31.43 -0.46 -44.78
CA ASP A 178 -30.42 -1.23 -44.06
C ASP A 178 -30.49 -0.86 -42.57
N LEU A 179 -30.57 -1.86 -41.71
CA LEU A 179 -30.90 -1.59 -40.31
C LEU A 179 -29.78 -0.92 -39.52
N SER A 180 -28.58 -0.87 -40.10
CA SER A 180 -27.50 -0.09 -39.50
C SER A 180 -27.82 1.41 -39.57
N ARG A 181 -28.85 1.75 -40.33
CA ARG A 181 -29.27 3.15 -40.47
C ARG A 181 -30.52 3.43 -39.65
N VAL A 182 -30.84 2.52 -38.73
CA VAL A 182 -32.02 2.68 -37.87
C VAL A 182 -31.64 2.57 -36.41
N THR A 183 -32.16 3.51 -35.61
CA THR A 183 -31.97 3.43 -34.17
C THR A 183 -33.33 3.44 -33.51
N VAL A 184 -33.53 2.52 -32.57
CA VAL A 184 -34.85 2.34 -31.98
C VAL A 184 -34.95 3.10 -30.66
N GLY A 185 -35.89 4.04 -30.59
CA GLY A 185 -36.02 4.88 -29.41
C GLY A 185 -36.81 4.27 -28.26
N HIS A 186 -36.51 4.74 -27.05
CA HIS A 186 -37.25 4.38 -25.84
C HIS A 186 -37.20 2.88 -25.53
N CYS A 187 -36.01 2.28 -25.63
CA CYS A 187 -35.86 0.87 -25.30
C CYS A 187 -35.78 0.58 -23.80
N ASP A 188 -35.75 1.66 -22.99
CA ASP A 188 -35.46 1.55 -21.57
C ASP A 188 -36.63 1.97 -20.67
N LEU A 189 -37.84 1.54 -21.00
CA LEU A 189 -39.00 1.87 -20.16
C LEU A 189 -39.51 0.64 -19.39
N LYS A 190 -38.80 -0.48 -19.53
CA LYS A 190 -39.12 -1.71 -18.83
C LYS A 190 -37.97 -2.67 -19.03
N ASP A 191 -37.95 -3.76 -18.27
CA ASP A 191 -36.98 -4.82 -18.53
C ASP A 191 -37.27 -5.40 -19.90
N ASN A 192 -36.30 -5.27 -20.80
CA ASN A 192 -36.55 -5.40 -22.23
C ASN A 192 -35.35 -6.08 -22.90
N LEU A 193 -34.56 -6.79 -22.12
CA LEU A 193 -33.28 -7.31 -22.61
C LEU A 193 -33.43 -8.29 -23.77
N ASP A 194 -34.36 -9.23 -23.65
CA ASP A 194 -34.56 -10.21 -24.73
C ASP A 194 -34.81 -9.53 -26.08
N ASN A 195 -35.69 -8.53 -26.13
CA ASN A 195 -35.96 -7.86 -27.40
C ASN A 195 -34.81 -6.96 -27.85
N ILE A 196 -34.16 -6.30 -26.89
CA ILE A 196 -32.99 -5.49 -27.21
C ILE A 196 -31.90 -6.34 -27.89
N LEU A 197 -31.66 -7.52 -27.34
CA LEU A 197 -30.67 -8.42 -27.91
C LEU A 197 -31.06 -8.82 -29.33
N LYS A 198 -32.35 -9.08 -29.55
CA LYS A 198 -32.81 -9.43 -30.89
C LYS A 198 -32.66 -8.27 -31.87
N MET A 199 -32.96 -7.05 -31.42
CA MET A 199 -32.83 -5.86 -32.26
C MET A 199 -31.38 -5.58 -32.65
N ILE A 200 -30.48 -5.70 -31.67
CA ILE A 200 -29.05 -5.57 -31.95
C ILE A 200 -28.58 -6.66 -32.93
N ASP A 201 -29.05 -7.89 -32.73
CA ASP A 201 -28.68 -8.99 -33.61
C ASP A 201 -29.12 -8.76 -35.06
N LEU A 202 -30.22 -8.05 -35.24
CA LEU A 202 -30.74 -7.72 -36.57
C LEU A 202 -29.92 -6.64 -37.27
N GLY A 203 -29.13 -5.89 -36.50
CA GLY A 203 -28.25 -4.87 -37.06
C GLY A 203 -28.55 -3.44 -36.64
N ALA A 204 -29.61 -3.24 -35.86
CA ALA A 204 -30.05 -1.89 -35.50
C ALA A 204 -29.27 -1.36 -34.30
N TYR A 205 -29.38 -0.06 -34.09
CA TYR A 205 -28.95 0.55 -32.83
C TYR A 205 -30.14 0.63 -31.90
N VAL A 206 -29.87 0.62 -30.60
CA VAL A 206 -30.91 0.83 -29.60
C VAL A 206 -30.58 2.01 -28.69
N GLN A 207 -31.59 2.68 -28.17
CA GLN A 207 -31.37 3.85 -27.31
C GLN A 207 -31.96 3.70 -25.92
N PHE A 208 -31.17 4.04 -24.92
CA PHE A 208 -31.67 4.21 -23.56
C PHE A 208 -31.79 5.71 -23.46
N ASP A 209 -32.93 6.24 -23.87
CA ASP A 209 -33.05 7.68 -24.00
C ASP A 209 -34.06 8.27 -23.02
N THR A 210 -34.44 7.51 -21.99
CA THR A 210 -35.33 8.07 -20.98
C THR A 210 -34.69 8.06 -19.60
N ILE A 211 -33.37 8.24 -19.59
CA ILE A 211 -32.61 8.30 -18.35
C ILE A 211 -33.19 9.45 -17.52
N GLY A 212 -33.41 9.19 -16.25
CA GLY A 212 -33.99 10.18 -15.36
C GLY A 212 -35.50 10.09 -15.23
N LYS A 213 -36.16 9.43 -16.18
CA LYS A 213 -37.62 9.28 -16.11
C LYS A 213 -37.95 8.09 -15.22
N ASN A 214 -37.74 8.27 -13.92
CA ASN A 214 -37.85 7.22 -12.91
C ASN A 214 -39.26 6.88 -12.50
N SER A 215 -40.20 7.75 -12.85
CA SER A 215 -41.61 7.46 -12.65
C SER A 215 -41.93 6.19 -13.42
N TYR A 216 -41.48 6.15 -14.66
CA TYR A 216 -41.77 5.06 -15.58
C TYR A 216 -41.04 3.76 -15.23
N TYR A 217 -39.84 3.89 -14.69
CA TYR A 217 -38.89 2.78 -14.62
C TYR A 217 -37.61 3.35 -14.00
N PRO A 218 -37.03 2.62 -13.03
CA PRO A 218 -35.88 3.14 -12.28
C PRO A 218 -34.56 3.11 -13.05
N ASP A 219 -33.75 4.17 -12.89
CA ASP A 219 -32.41 4.25 -13.49
C ASP A 219 -31.56 3.06 -13.08
N GLU A 220 -31.80 2.56 -11.87
CA GLU A 220 -31.13 1.38 -11.36
C GLU A 220 -31.27 0.20 -12.32
N LYS A 221 -32.46 0.04 -12.89
CA LYS A 221 -32.69 -1.08 -13.80
C LYS A 221 -32.13 -0.82 -15.19
N ARG A 222 -32.11 0.45 -15.61
CA ARG A 222 -31.44 0.82 -16.85
C ARG A 222 -29.97 0.39 -16.77
N ILE A 223 -29.36 0.66 -15.62
CA ILE A 223 -27.93 0.36 -15.43
C ILE A 223 -27.68 -1.15 -15.51
N ALA A 224 -28.57 -1.92 -14.90
CA ALA A 224 -28.44 -3.37 -14.91
C ALA A 224 -28.53 -3.90 -16.34
N MET A 225 -29.49 -3.38 -17.11
CA MET A 225 -29.56 -3.72 -18.53
C MET A 225 -28.27 -3.34 -19.29
N LEU A 226 -27.71 -2.17 -18.98
CA LEU A 226 -26.49 -1.74 -19.67
C LEU A 226 -25.34 -2.68 -19.32
N HIS A 227 -25.30 -3.13 -18.08
CA HIS A 227 -24.29 -4.11 -17.67
C HIS A 227 -24.43 -5.41 -18.45
N ALA A 228 -25.67 -5.85 -18.67
CA ALA A 228 -25.90 -7.09 -19.41
C ALA A 228 -25.40 -6.95 -20.84
N LEU A 229 -25.56 -5.75 -21.39
CA LEU A 229 -25.11 -5.46 -22.75
C LEU A 229 -23.58 -5.39 -22.79
N ARG A 230 -23.00 -4.78 -21.77
CA ARG A 230 -21.54 -4.70 -21.67
C ARG A 230 -20.90 -6.08 -21.51
N ASP A 231 -21.51 -6.94 -20.70
CA ASP A 231 -21.00 -8.32 -20.55
C ASP A 231 -20.99 -9.08 -21.89
N ARG A 232 -21.91 -8.73 -22.77
CA ARG A 232 -22.05 -9.40 -24.06
C ARG A 232 -21.25 -8.73 -25.17
N GLY A 233 -20.58 -7.63 -24.85
CA GLY A 233 -19.79 -6.90 -25.82
C GLY A 233 -20.60 -6.12 -26.85
N LEU A 234 -21.79 -5.64 -26.44
CA LEU A 234 -22.71 -4.98 -27.38
C LEU A 234 -22.85 -3.48 -27.18
N LEU A 235 -21.93 -2.84 -26.46
CA LEU A 235 -22.08 -1.42 -26.19
C LEU A 235 -21.91 -0.61 -27.48
N ASN A 236 -21.32 -1.22 -28.51
CA ASN A 236 -21.16 -0.54 -29.79
C ASN A 236 -22.46 -0.33 -30.57
N ARG A 237 -23.59 -0.72 -29.98
CA ARG A 237 -24.90 -0.48 -30.62
C ARG A 237 -25.88 0.23 -29.70
N VAL A 238 -25.38 0.79 -28.61
CA VAL A 238 -26.19 1.49 -27.61
C VAL A 238 -25.91 2.99 -27.60
N MET A 239 -26.97 3.80 -27.54
CA MET A 239 -26.80 5.23 -27.41
C MET A 239 -27.71 5.73 -26.28
N LEU A 240 -27.38 6.87 -25.70
CA LEU A 240 -28.05 7.32 -24.48
C LEU A 240 -28.62 8.72 -24.66
N SER A 241 -29.62 9.05 -23.87
CA SER A 241 -30.15 10.41 -23.89
C SER A 241 -31.09 10.62 -22.71
N MET A 242 -31.55 11.85 -22.54
CA MET A 242 -32.52 12.20 -21.49
C MET A 242 -33.95 12.32 -22.02
N ASP A 243 -34.08 12.60 -23.32
CA ASP A 243 -35.40 12.88 -23.93
C ASP A 243 -36.15 13.95 -23.13
N ILE A 244 -35.50 15.08 -22.90
CA ILE A 244 -36.20 16.20 -22.28
C ILE A 244 -37.41 16.62 -23.12
N THR A 245 -38.58 16.68 -22.51
CA THR A 245 -39.81 16.95 -23.25
C THR A 245 -40.67 17.99 -22.57
N ARG A 246 -40.36 18.33 -21.32
CA ARG A 246 -41.29 19.15 -20.53
C ARG A 246 -40.61 20.32 -19.81
N ARG A 247 -41.38 21.37 -19.52
CA ARG A 247 -40.82 22.50 -18.78
C ARG A 247 -40.27 22.02 -17.43
N SER A 248 -40.96 21.06 -16.82
CA SER A 248 -40.60 20.61 -15.48
C SER A 248 -39.27 19.85 -15.46
N HIS A 249 -38.76 19.53 -16.65
CA HIS A 249 -37.50 18.81 -16.76
C HIS A 249 -36.31 19.76 -16.68
N LEU A 250 -36.56 21.04 -16.94
CA LEU A 250 -35.47 22.03 -16.93
C LEU A 250 -35.03 22.40 -15.50
N LYS A 251 -33.73 22.58 -15.33
CA LYS A 251 -33.17 22.97 -14.02
C LYS A 251 -33.74 24.30 -13.52
N ALA A 252 -34.02 25.23 -14.44
CA ALA A 252 -34.58 26.52 -14.02
C ALA A 252 -35.97 26.35 -13.41
N ASN A 253 -36.64 25.25 -13.73
CA ASN A 253 -37.94 24.94 -13.15
C ASN A 253 -37.86 23.88 -12.05
N GLY A 254 -36.64 23.58 -11.62
CA GLY A 254 -36.43 22.64 -10.54
C GLY A 254 -36.23 21.21 -11.03
N GLY A 255 -36.07 21.05 -12.34
CA GLY A 255 -35.92 19.73 -12.94
C GLY A 255 -34.46 19.32 -12.98
N TYR A 256 -34.19 18.12 -13.48
CA TYR A 256 -32.81 17.64 -13.52
C TYR A 256 -31.98 18.15 -14.71
N GLY A 257 -32.66 18.58 -15.78
CA GLY A 257 -31.96 19.19 -16.92
C GLY A 257 -31.27 18.20 -17.86
N TYR A 258 -30.75 18.70 -18.98
CA TYR A 258 -30.11 17.83 -19.97
C TYR A 258 -28.81 17.24 -19.46
N ASP A 259 -28.05 18.00 -18.69
CA ASP A 259 -26.71 17.55 -18.33
C ASP A 259 -26.69 16.57 -17.13
N TYR A 260 -27.88 16.24 -16.62
CA TYR A 260 -28.01 15.19 -15.62
C TYR A 260 -27.34 13.90 -16.08
N LEU A 261 -27.39 13.65 -17.38
CA LEU A 261 -26.80 12.45 -17.96
C LEU A 261 -25.33 12.38 -17.59
N LEU A 262 -24.66 13.54 -17.69
CA LEU A 262 -23.23 13.62 -17.44
C LEU A 262 -22.87 13.85 -15.97
N THR A 263 -23.66 14.67 -15.28
CA THR A 263 -23.35 15.02 -13.89
C THR A 263 -23.72 13.91 -12.93
N THR A 264 -24.70 13.08 -13.32
CA THR A 264 -25.27 12.13 -12.35
C THR A 264 -25.33 10.69 -12.84
N PHE A 265 -25.91 10.47 -14.01
CA PHE A 265 -26.09 9.11 -14.50
C PHE A 265 -24.77 8.42 -14.87
N ILE A 266 -23.97 9.08 -15.71
CA ILE A 266 -22.68 8.50 -16.11
C ILE A 266 -21.78 8.16 -14.89
N PRO A 267 -21.67 9.07 -13.90
CA PRO A 267 -20.91 8.71 -12.70
C PRO A 267 -21.45 7.47 -11.95
N GLN A 268 -22.76 7.28 -11.93
CA GLN A 268 -23.33 6.08 -11.32
C GLN A 268 -22.88 4.87 -12.13
N LEU A 269 -22.94 5.02 -13.46
CA LEU A 269 -22.52 3.97 -14.38
C LEU A 269 -21.05 3.60 -14.19
N ARG A 270 -20.20 4.61 -14.10
CA ARG A 270 -18.77 4.42 -13.84
C ARG A 270 -18.57 3.71 -12.51
N GLN A 271 -19.23 4.19 -11.48
CA GLN A 271 -19.09 3.63 -10.14
C GLN A 271 -19.48 2.16 -10.11
N SER A 272 -20.42 1.79 -10.97
CA SER A 272 -20.93 0.42 -11.04
C SER A 272 -20.04 -0.50 -11.86
N GLY A 273 -18.97 0.04 -12.44
CA GLY A 273 -18.01 -0.77 -13.15
C GLY A 273 -17.67 -0.41 -14.59
N PHE A 274 -18.38 0.54 -15.19
CA PHE A 274 -18.04 0.97 -16.55
C PHE A 274 -16.71 1.75 -16.60
N SER A 275 -15.97 1.60 -17.69
CA SER A 275 -14.73 2.34 -17.87
C SER A 275 -15.00 3.63 -18.64
N GLN A 276 -14.03 4.54 -18.65
CA GLN A 276 -14.12 5.74 -19.47
C GLN A 276 -14.33 5.35 -20.93
N ALA A 277 -13.62 4.30 -21.35
CA ALA A 277 -13.73 3.82 -22.72
C ALA A 277 -15.15 3.35 -23.06
N ASP A 278 -15.81 2.67 -22.14
CA ASP A 278 -17.19 2.22 -22.34
C ASP A 278 -18.11 3.41 -22.59
N VAL A 279 -17.94 4.46 -21.80
CA VAL A 279 -18.73 5.68 -21.96
C VAL A 279 -18.44 6.39 -23.30
N ASP A 280 -17.17 6.51 -23.66
CA ASP A 280 -16.77 7.08 -24.96
C ASP A 280 -17.42 6.35 -26.13
N VAL A 281 -17.52 5.03 -26.03
CA VAL A 281 -18.17 4.25 -27.08
C VAL A 281 -19.62 4.72 -27.26
N MET A 282 -20.37 4.81 -26.17
CA MET A 282 -21.80 5.11 -26.27
C MET A 282 -22.10 6.58 -26.58
N LEU A 283 -21.29 7.48 -26.02
CA LEU A 283 -21.51 8.92 -26.17
C LEU A 283 -20.78 9.59 -27.33
N ARG A 284 -19.67 9.00 -27.80
CA ARG A 284 -18.93 9.60 -28.90
C ARG A 284 -18.86 8.72 -30.14
N GLU A 285 -18.31 7.52 -30.00
CA GLU A 285 -18.03 6.69 -31.16
C GLU A 285 -19.31 6.22 -31.88
N ASN A 286 -20.27 5.69 -31.13
CA ASN A 286 -21.53 5.25 -31.76
C ASN A 286 -22.27 6.38 -32.48
N PRO A 287 -22.51 7.52 -31.80
CA PRO A 287 -23.23 8.55 -32.56
C PRO A 287 -22.46 9.08 -33.78
N SER A 288 -21.15 9.16 -33.70
CA SER A 288 -20.38 9.62 -34.85
C SER A 288 -20.49 8.64 -36.01
N GLN A 289 -20.56 7.35 -35.69
CA GLN A 289 -20.74 6.33 -36.69
C GLN A 289 -22.15 6.42 -37.26
N PHE A 290 -23.13 6.66 -36.39
CA PHE A 290 -24.53 6.52 -36.79
C PHE A 290 -25.12 7.77 -37.48
N PHE A 291 -24.88 8.95 -36.90
CA PHE A 291 -25.62 10.14 -37.34
C PHE A 291 -25.01 10.88 -38.51
N GLN A 292 -23.79 10.49 -38.88
CA GLN A 292 -23.18 11.12 -40.03
C GLN A 292 -23.58 10.44 -41.33
N PHE B 3 11.46 2.71 22.22
CA PHE B 3 12.11 1.43 22.43
C PHE B 3 11.06 0.33 22.59
N ASP B 4 11.31 -0.82 21.98
CA ASP B 4 10.37 -1.93 22.03
C ASP B 4 11.02 -3.15 22.71
N PRO B 5 10.72 -3.35 24.00
CA PRO B 5 11.36 -4.39 24.81
C PRO B 5 11.04 -5.81 24.33
N THR B 6 10.02 -5.99 23.50
CA THR B 6 9.65 -7.34 23.06
C THR B 6 10.50 -7.83 21.90
N GLY B 7 11.18 -6.91 21.23
CA GLY B 7 12.00 -7.26 20.09
C GLY B 7 13.46 -7.39 20.45
N TYR B 8 14.24 -7.95 19.53
CA TYR B 8 15.68 -8.01 19.68
C TYR B 8 16.32 -6.63 19.56
N THR B 9 17.57 -6.50 20.02
CA THR B 9 18.29 -5.24 19.95
C THR B 9 19.74 -5.47 19.58
N LEU B 10 20.19 -4.72 18.59
CA LEU B 10 21.60 -4.62 18.25
C LEU B 10 22.20 -3.47 19.08
N ALA B 11 23.14 -3.79 19.97
CA ALA B 11 23.57 -2.83 20.98
C ALA B 11 24.59 -1.78 20.51
N HIS B 12 25.21 -2.00 19.35
CA HIS B 12 26.19 -1.04 18.84
C HIS B 12 26.26 -1.06 17.31
N GLU B 13 25.60 -0.10 16.68
CA GLU B 13 25.58 -0.01 15.23
C GLU B 13 25.77 1.42 14.77
N HIS B 14 25.98 1.60 13.47
CA HIS B 14 25.93 2.92 12.88
C HIS B 14 25.01 2.86 11.69
N LEU B 15 24.14 3.87 11.55
CA LEU B 15 23.21 4.00 10.42
C LEU B 15 23.66 5.12 9.49
N HIS B 16 24.32 6.13 10.08
CA HIS B 16 24.88 7.23 9.31
C HIS B 16 26.11 7.75 10.03
N ILE B 17 27.28 7.46 9.46
CA ILE B 17 28.54 7.85 10.06
C ILE B 17 29.46 8.30 8.92
N ASP B 18 30.25 9.35 9.15
CA ASP B 18 31.13 9.83 8.10
C ASP B 18 32.52 10.14 8.64
N LEU B 19 33.40 9.14 8.60
CA LEU B 19 34.78 9.36 8.95
C LEU B 19 35.65 9.45 7.69
N SER B 20 35.03 9.74 6.55
CA SER B 20 35.76 9.75 5.27
C SER B 20 36.79 10.88 5.19
N GLY B 21 36.56 11.95 5.94
CA GLY B 21 37.49 13.05 5.98
C GLY B 21 38.73 12.67 6.76
N PHE B 22 38.53 12.12 7.96
CA PHE B 22 39.65 11.68 8.80
C PHE B 22 40.46 10.59 8.11
N LYS B 23 39.78 9.65 7.47
CA LYS B 23 40.47 8.48 6.95
C LYS B 23 40.81 8.58 5.46
N ASN B 24 40.44 9.68 4.84
CA ASN B 24 40.63 9.85 3.41
C ASN B 24 40.11 8.63 2.63
N ASN B 25 38.87 8.24 2.91
CA ASN B 25 38.35 6.98 2.42
C ASN B 25 36.84 7.03 2.29
N VAL B 26 36.31 7.03 1.07
CA VAL B 26 34.86 7.14 0.91
C VAL B 26 34.09 5.93 1.45
N ASP B 27 34.77 4.81 1.70
CA ASP B 27 34.09 3.64 2.28
C ASP B 27 33.60 3.95 3.70
N CYS B 28 34.24 4.92 4.33
CA CYS B 28 33.89 5.31 5.69
C CYS B 28 32.77 6.37 5.71
N ARG B 29 32.22 6.67 4.54
CA ARG B 29 31.06 7.55 4.45
C ARG B 29 29.82 6.66 4.31
N LEU B 30 29.32 6.20 5.45
CA LEU B 30 28.18 5.31 5.47
C LEU B 30 26.90 6.13 5.41
N ASP B 31 26.36 6.30 4.21
CA ASP B 31 25.26 7.24 4.00
C ASP B 31 24.32 6.79 2.88
N GLN B 32 24.32 5.50 2.57
CA GLN B 32 23.54 4.96 1.46
C GLN B 32 22.13 4.55 1.91
N TYR B 33 21.23 5.52 1.88
CA TYR B 33 19.90 5.41 2.43
C TYR B 33 19.14 4.14 2.03
N ALA B 34 18.98 3.93 0.72
CA ALA B 34 18.23 2.77 0.21
C ALA B 34 18.77 1.44 0.76
N PHE B 35 20.08 1.25 0.68
CA PHE B 35 20.69 0.03 1.22
C PHE B 35 20.45 -0.09 2.74
N ILE B 36 20.62 0.99 3.47
CA ILE B 36 20.43 0.97 4.93
C ILE B 36 19.00 0.57 5.28
N CYS B 37 18.04 1.17 4.58
CA CYS B 37 16.63 0.83 4.77
C CYS B 37 16.34 -0.64 4.48
N GLN B 38 16.88 -1.16 3.39
CA GLN B 38 16.71 -2.58 3.05
C GLN B 38 17.32 -3.47 4.14
N GLU B 39 18.45 -3.04 4.69
CA GLU B 39 19.08 -3.75 5.79
C GLU B 39 18.17 -3.73 7.03
N MET B 40 17.56 -2.59 7.30
CA MET B 40 16.71 -2.48 8.48
C MET B 40 15.45 -3.33 8.30
N ASN B 41 14.92 -3.33 7.08
CA ASN B 41 13.78 -4.19 6.77
C ASN B 41 14.16 -5.65 7.05
N ASP B 42 15.32 -6.06 6.55
CA ASP B 42 15.86 -7.41 6.79
C ASP B 42 15.94 -7.75 8.28
N LEU B 43 16.39 -6.79 9.09
CA LEU B 43 16.45 -6.94 10.54
C LEU B 43 15.06 -7.17 11.14
N MET B 44 14.11 -6.31 10.76
CA MET B 44 12.74 -6.40 11.23
C MET B 44 12.14 -7.78 10.95
N THR B 45 12.42 -8.34 9.78
CA THR B 45 11.89 -9.66 9.45
C THR B 45 12.62 -10.79 10.20
N ARG B 46 13.68 -10.47 10.92
CA ARG B 46 14.34 -11.49 11.75
C ARG B 46 14.00 -11.30 13.22
N GLY B 47 13.21 -10.28 13.53
CA GLY B 47 12.78 -10.04 14.90
C GLY B 47 13.50 -8.93 15.63
N VAL B 48 14.41 -8.24 14.95
CA VAL B 48 15.09 -7.09 15.55
C VAL B 48 14.20 -5.85 15.48
N ARG B 49 13.98 -5.22 16.63
CA ARG B 49 13.10 -4.06 16.70
C ARG B 49 13.85 -2.79 17.04
N ASN B 50 15.01 -2.93 17.69
CA ASN B 50 15.75 -1.78 18.17
C ASN B 50 17.20 -1.81 17.72
N VAL B 51 17.73 -0.62 17.38
CA VAL B 51 19.16 -0.45 17.08
C VAL B 51 19.72 0.73 17.88
N ILE B 52 20.82 0.53 18.60
CA ILE B 52 21.39 1.63 19.37
C ILE B 52 22.51 2.26 18.53
N GLU B 53 22.33 3.52 18.16
CA GLU B 53 23.18 4.16 17.16
C GLU B 53 24.32 4.94 17.80
N MET B 54 25.55 4.59 17.43
CA MET B 54 26.73 5.02 18.18
C MET B 54 27.48 6.19 17.55
N THR B 55 26.85 6.86 16.59
CA THR B 55 27.51 7.97 15.91
C THR B 55 27.23 9.26 16.64
N ASN B 56 28.24 9.82 17.32
CA ASN B 56 28.02 11.13 17.92
C ASN B 56 28.38 12.23 16.92
N ARG B 57 28.21 13.48 17.34
CA ARG B 57 28.14 14.59 16.39
C ARG B 57 29.33 14.72 15.42
N TYR B 58 30.54 14.74 15.97
CA TYR B 58 31.71 14.92 15.13
C TYR B 58 32.23 13.62 14.53
N MET B 59 31.42 12.56 14.64
CA MET B 59 31.64 11.35 13.85
C MET B 59 30.76 11.39 12.60
N GLY B 60 30.05 12.50 12.43
CA GLY B 60 29.21 12.70 11.26
C GLY B 60 27.78 12.21 11.41
N ARG B 61 27.25 12.33 12.63
CA ARG B 61 25.87 11.95 12.90
C ARG B 61 24.89 12.75 12.05
N ASN B 62 23.78 12.12 11.69
CA ASN B 62 22.72 12.79 10.93
C ASN B 62 21.37 12.39 11.50
N ALA B 63 20.81 13.25 12.35
CA ALA B 63 19.55 12.96 13.02
C ALA B 63 18.40 12.76 12.02
N GLN B 64 18.36 13.61 11.00
CA GLN B 64 17.27 13.58 10.03
C GLN B 64 17.27 12.27 9.26
N PHE B 65 18.47 11.83 8.90
CA PHE B 65 18.67 10.53 8.25
C PHE B 65 18.06 9.43 9.12
N MET B 66 18.39 9.46 10.41
CA MET B 66 17.90 8.46 11.34
C MET B 66 16.37 8.53 11.51
N LEU B 67 15.86 9.75 11.60
CA LEU B 67 14.42 9.97 11.62
C LEU B 67 13.77 9.27 10.43
N ASP B 68 14.27 9.58 9.23
CA ASP B 68 13.70 9.05 8.01
C ASP B 68 13.75 7.53 7.93
N VAL B 69 14.85 6.92 8.39
CA VAL B 69 14.95 5.46 8.40
C VAL B 69 13.87 4.83 9.29
N MET B 70 13.64 5.43 10.45
CA MET B 70 12.59 4.94 11.35
C MET B 70 11.20 5.00 10.72
N ARG B 71 10.90 6.12 10.07
CA ARG B 71 9.62 6.30 9.40
C ARG B 71 9.46 5.31 8.25
N GLU B 72 10.55 5.09 7.52
CA GLU B 72 10.53 4.21 6.36
C GLU B 72 10.44 2.71 6.69
N THR B 73 11.09 2.29 7.77
CA THR B 73 11.16 0.85 8.09
C THR B 73 10.44 0.43 9.37
N GLY B 74 10.11 1.37 10.24
CA GLY B 74 9.49 1.02 11.51
C GLY B 74 10.48 0.57 12.58
N ILE B 75 11.77 0.50 12.25
CA ILE B 75 12.78 0.19 13.25
C ILE B 75 12.87 1.32 14.28
N ASN B 76 13.20 0.96 15.53
CA ASN B 76 13.44 1.95 16.58
C ASN B 76 14.92 2.28 16.64
N VAL B 77 15.26 3.56 16.65
CA VAL B 77 16.67 3.96 16.71
C VAL B 77 16.93 4.86 17.90
N VAL B 78 17.87 4.45 18.75
CA VAL B 78 18.31 5.25 19.87
C VAL B 78 19.59 5.99 19.48
N ALA B 79 19.51 7.32 19.42
CA ALA B 79 20.63 8.15 18.99
C ALA B 79 21.53 8.46 20.19
N CYS B 80 22.75 8.90 19.93
CA CYS B 80 23.69 9.15 21.03
C CYS B 80 24.28 10.56 21.02
N THR B 81 24.97 10.89 22.11
CA THR B 81 25.68 12.15 22.24
C THR B 81 27.05 11.88 22.84
N GLY B 82 28.06 12.63 22.43
CA GLY B 82 29.37 12.41 23.03
C GLY B 82 30.52 12.85 22.16
N TYR B 83 31.72 12.39 22.52
CA TYR B 83 32.91 12.60 21.72
C TYR B 83 33.65 11.27 21.62
N TYR B 84 34.35 11.07 20.50
CA TYR B 84 34.74 9.75 20.06
C TYR B 84 36.08 9.28 20.67
N GLN B 85 37.20 9.72 20.10
CA GLN B 85 38.49 9.41 20.69
C GLN B 85 39.53 10.41 20.24
N ASP B 86 40.69 10.37 20.88
CA ASP B 86 41.67 11.43 20.78
C ASP B 86 41.99 11.86 19.36
N ALA B 87 42.29 10.90 18.48
CA ALA B 87 42.69 11.24 17.11
C ALA B 87 41.58 11.93 16.30
N PHE B 88 40.35 11.81 16.77
CA PHE B 88 39.20 12.34 16.03
C PHE B 88 38.54 13.54 16.71
N PHE B 89 39.05 14.02 17.85
CA PHE B 89 38.42 15.15 18.54
C PHE B 89 38.55 16.44 17.73
N PRO B 90 37.48 17.27 17.72
CA PRO B 90 37.65 18.65 17.25
C PRO B 90 38.59 19.40 18.17
N GLU B 91 39.23 20.44 17.65
CA GLU B 91 40.11 21.29 18.45
C GLU B 91 39.44 21.79 19.72
N HIS B 92 38.13 22.01 19.66
CA HIS B 92 37.46 22.63 20.81
C HIS B 92 37.33 21.72 22.03
N VAL B 93 37.64 20.43 21.90
CA VAL B 93 37.64 19.53 23.07
C VAL B 93 38.74 19.98 24.03
N ALA B 94 39.85 20.45 23.48
CA ALA B 94 40.94 20.93 24.31
C ALA B 94 40.60 22.28 24.96
N THR B 95 39.97 23.16 24.19
CA THR B 95 39.76 24.55 24.63
C THR B 95 38.50 24.77 25.49
N ARG B 96 37.46 23.96 25.27
CA ARG B 96 36.25 24.10 26.07
C ARG B 96 36.42 23.42 27.44
N SER B 97 35.63 23.86 28.42
CA SER B 97 35.76 23.33 29.77
C SER B 97 35.04 21.99 29.88
N VAL B 98 35.39 21.22 30.90
CA VAL B 98 34.69 19.98 31.22
C VAL B 98 33.19 20.24 31.31
N GLN B 99 32.85 21.33 32.00
CA GLN B 99 31.45 21.69 32.19
C GLN B 99 30.71 21.99 30.89
N GLU B 100 31.38 22.70 29.98
CA GLU B 100 30.78 23.01 28.69
C GLU B 100 30.58 21.75 27.85
N LEU B 101 31.56 20.84 27.90
CA LEU B 101 31.42 19.57 27.22
C LEU B 101 30.21 18.80 27.76
N ALA B 102 30.09 18.75 29.08
CA ALA B 102 28.98 18.06 29.73
C ALA B 102 27.64 18.69 29.38
N GLN B 103 27.59 20.02 29.34
CA GLN B 103 26.34 20.72 29.05
C GLN B 103 25.88 20.43 27.64
N GLU B 104 26.85 20.34 26.73
CA GLU B 104 26.55 19.99 25.35
C GLU B 104 25.81 18.65 25.30
N MET B 105 26.34 17.67 26.02
CA MET B 105 25.73 16.35 26.06
C MET B 105 24.34 16.39 26.68
N VAL B 106 24.19 17.11 27.79
CA VAL B 106 22.90 17.27 28.44
C VAL B 106 21.86 17.85 27.48
N ASP B 107 22.27 18.86 26.72
CA ASP B 107 21.38 19.53 25.78
C ASP B 107 20.93 18.59 24.64
N GLU B 108 21.86 17.80 24.10
CA GLU B 108 21.49 16.85 23.05
C GLU B 108 20.49 15.81 23.58
N ILE B 109 20.58 15.53 24.88
CA ILE B 109 19.70 14.57 25.53
C ILE B 109 18.33 15.18 25.83
N GLU B 110 18.33 16.43 26.27
CA GLU B 110 17.11 17.09 26.72
C GLU B 110 16.40 17.90 25.64
N GLN B 111 17.18 18.60 24.82
CA GLN B 111 16.61 19.49 23.81
C GLN B 111 16.46 18.77 22.46
N GLY B 112 17.51 18.09 22.03
CA GLY B 112 17.49 17.41 20.74
C GLY B 112 18.81 17.57 20.01
N ILE B 113 18.95 16.82 18.91
CA ILE B 113 20.20 16.82 18.17
C ILE B 113 20.03 17.31 16.73
N ASP B 114 21.07 18.00 16.24
CA ASP B 114 21.16 18.42 14.84
C ASP B 114 19.95 19.24 14.39
N GLY B 115 19.34 19.95 15.34
CA GLY B 115 18.21 20.80 15.05
C GLY B 115 16.93 20.04 14.71
N THR B 116 16.80 18.82 15.21
CA THR B 116 15.58 18.05 14.98
C THR B 116 14.82 17.78 16.28
N GLU B 117 13.68 17.09 16.16
CA GLU B 117 12.90 16.71 17.33
C GLU B 117 13.49 15.49 18.02
N LEU B 118 14.43 14.83 17.34
CA LEU B 118 15.08 13.63 17.87
C LEU B 118 16.03 14.00 19.00
N LYS B 119 16.06 13.16 20.04
CA LYS B 119 16.96 13.38 21.17
C LYS B 119 17.88 12.19 21.39
N ALA B 120 19.07 12.48 21.91
CA ALA B 120 20.00 11.43 22.29
C ALA B 120 19.43 10.65 23.48
N GLY B 121 19.49 9.32 23.41
CA GLY B 121 19.03 8.47 24.48
C GLY B 121 20.18 7.81 25.23
N ILE B 122 21.41 8.09 24.81
CA ILE B 122 22.58 7.45 25.41
C ILE B 122 23.83 8.29 25.15
N ILE B 123 24.79 8.20 26.06
CA ILE B 123 26.08 8.87 25.89
C ILE B 123 27.03 7.84 25.30
N ALA B 124 27.43 8.05 24.05
CA ALA B 124 28.17 7.04 23.31
C ALA B 124 28.65 7.67 21.99
N GLU B 125 29.51 6.98 21.23
CA GLU B 125 30.39 5.96 21.78
C GLU B 125 31.64 6.69 22.24
N ILE B 126 31.83 6.76 23.55
CA ILE B 126 32.94 7.55 24.07
C ILE B 126 34.14 6.62 24.24
N GLY B 127 35.26 7.01 23.66
CA GLY B 127 36.32 6.05 23.46
C GLY B 127 37.66 6.42 24.03
N THR B 128 38.49 5.41 24.20
CA THR B 128 39.87 5.62 24.60
C THR B 128 40.77 5.04 23.51
N SER B 129 42.04 5.43 23.53
CA SER B 129 42.99 5.02 22.51
C SER B 129 43.58 3.64 22.80
N GLU B 130 44.43 3.14 21.91
CA GLU B 130 44.97 1.80 22.10
C GLU B 130 45.99 1.78 23.23
N GLY B 131 45.67 1.04 24.29
CA GLY B 131 46.59 0.85 25.38
C GLY B 131 46.76 2.04 26.31
N LYS B 132 45.96 3.08 26.11
CA LYS B 132 46.06 4.24 27.01
C LYS B 132 44.83 5.14 26.97
N ILE B 133 44.61 5.85 28.07
CA ILE B 133 43.63 6.91 28.09
C ILE B 133 44.39 8.22 27.98
N THR B 134 44.09 9.01 26.96
CA THR B 134 44.76 10.29 26.79
C THR B 134 44.12 11.32 27.72
N PRO B 135 44.83 12.44 27.97
CA PRO B 135 44.24 13.51 28.78
C PRO B 135 42.86 13.98 28.30
N LEU B 136 42.71 14.20 27.00
CA LEU B 136 41.42 14.68 26.48
C LEU B 136 40.35 13.59 26.57
N GLU B 137 40.73 12.33 26.40
CA GLU B 137 39.77 11.24 26.55
C GLU B 137 39.30 11.18 28.01
N GLU B 138 40.23 11.38 28.95
CA GLU B 138 39.84 11.47 30.36
C GLU B 138 38.84 12.61 30.58
N LYS B 139 39.13 13.76 29.98
CA LYS B 139 38.25 14.91 30.07
C LYS B 139 36.82 14.58 29.57
N VAL B 140 36.74 13.94 28.40
CA VAL B 140 35.44 13.58 27.83
C VAL B 140 34.70 12.62 28.77
N PHE B 141 35.43 11.68 29.35
CA PHE B 141 34.81 10.71 30.26
C PHE B 141 34.31 11.39 31.52
N ILE B 142 35.04 12.38 32.01
CA ILE B 142 34.58 13.10 33.19
C ILE B 142 33.32 13.91 32.84
N ALA B 143 33.31 14.53 31.67
CA ALA B 143 32.12 15.23 31.22
C ALA B 143 30.93 14.27 31.02
N ALA B 144 31.21 13.08 30.52
CA ALA B 144 30.16 12.08 30.35
C ALA B 144 29.61 11.66 31.71
N ALA B 145 30.49 11.50 32.69
CA ALA B 145 30.05 11.23 34.06
C ALA B 145 29.08 12.29 34.56
N LEU B 146 29.39 13.56 34.29
CA LEU B 146 28.52 14.65 34.70
C LEU B 146 27.16 14.58 34.02
N ALA B 147 27.18 14.38 32.71
CA ALA B 147 25.95 14.32 31.93
C ALA B 147 25.06 13.17 32.39
N HIS B 148 25.67 12.02 32.65
CA HIS B 148 24.94 10.87 33.15
C HIS B 148 24.25 11.16 34.47
N ASN B 149 24.96 11.83 35.36
CA ASN B 149 24.37 12.19 36.64
C ASN B 149 23.24 13.20 36.50
N GLN B 150 23.34 14.05 35.49
CA GLN B 150 22.33 15.07 35.25
C GLN B 150 21.06 14.49 34.63
N THR B 151 21.20 13.42 33.83
CA THR B 151 20.12 12.94 32.97
C THR B 151 19.67 11.50 33.27
N GLY B 152 20.55 10.72 33.87
CA GLY B 152 20.27 9.31 34.09
C GLY B 152 20.54 8.41 32.88
N ARG B 153 20.90 9.00 31.74
CA ARG B 153 21.16 8.20 30.54
C ARG B 153 22.42 7.34 30.67
N PRO B 154 22.37 6.09 30.19
CA PRO B 154 23.55 5.23 30.35
C PRO B 154 24.69 5.65 29.42
N ILE B 155 25.84 5.03 29.61
CA ILE B 155 27.05 5.32 28.85
C ILE B 155 27.50 4.08 28.11
N SER B 156 27.86 4.23 26.83
CA SER B 156 28.38 3.12 26.03
C SER B 156 29.74 3.51 25.49
N THR B 157 30.75 2.69 25.76
CA THR B 157 32.11 3.11 25.46
C THR B 157 32.71 2.43 24.24
N HIS B 158 33.78 3.02 23.74
CA HIS B 158 34.59 2.42 22.69
C HIS B 158 35.91 2.02 23.32
N THR B 159 36.32 0.75 23.17
CA THR B 159 37.70 0.39 23.48
C THR B 159 38.45 0.14 22.18
N SER B 160 39.70 0.61 22.12
CA SER B 160 40.54 0.38 20.94
C SER B 160 41.29 -0.96 21.08
N PHE B 161 41.05 -1.87 20.13
CA PHE B 161 41.60 -3.23 20.18
C PHE B 161 41.36 -3.92 21.55
N SER B 162 40.17 -3.73 22.10
CA SER B 162 39.77 -4.33 23.38
C SER B 162 40.75 -4.01 24.51
N THR B 163 41.25 -2.78 24.55
CA THR B 163 42.10 -2.36 25.66
C THR B 163 41.40 -1.28 26.49
N MET B 164 41.77 -1.24 27.76
CA MET B 164 41.46 -0.14 28.69
C MET B 164 40.03 -0.15 29.26
N GLY B 165 39.28 -1.24 29.06
CA GLY B 165 37.91 -1.26 29.55
C GLY B 165 37.88 -1.06 31.06
N LEU B 166 38.76 -1.78 31.76
CA LEU B 166 38.81 -1.70 33.22
C LEU B 166 39.15 -0.29 33.71
N GLU B 167 40.07 0.37 33.02
CA GLU B 167 40.45 1.74 33.37
C GLU B 167 39.28 2.70 33.15
N GLN B 168 38.57 2.51 32.05
CA GLN B 168 37.34 3.26 31.77
C GLN B 168 36.36 3.11 32.93
N LEU B 169 36.14 1.88 33.36
CA LEU B 169 35.16 1.64 34.41
C LEU B 169 35.60 2.32 35.69
N ALA B 170 36.90 2.26 36.00
CA ALA B 170 37.41 2.82 37.24
C ALA B 170 37.22 4.33 37.25
N LEU B 171 37.46 4.95 36.10
CA LEU B 171 37.31 6.39 35.96
C LEU B 171 35.86 6.84 36.11
N LEU B 172 34.94 6.13 35.46
CA LEU B 172 33.52 6.48 35.52
C LEU B 172 32.97 6.26 36.93
N GLN B 173 33.38 5.17 37.56
CA GLN B 173 32.85 4.85 38.89
C GLN B 173 33.33 5.88 39.91
N ALA B 174 34.60 6.27 39.80
CA ALA B 174 35.19 7.28 40.66
C ALA B 174 34.48 8.64 40.53
N HIS B 175 33.86 8.88 39.39
CA HIS B 175 33.12 10.12 39.17
C HIS B 175 31.62 9.92 39.28
N GLY B 176 31.23 8.87 40.00
CA GLY B 176 29.85 8.73 40.45
C GLY B 176 28.91 7.95 39.57
N VAL B 177 29.43 7.31 38.53
CA VAL B 177 28.58 6.54 37.65
C VAL B 177 28.40 5.13 38.21
N ASP B 178 27.15 4.71 38.36
CA ASP B 178 26.91 3.32 38.72
C ASP B 178 27.18 2.43 37.52
N LEU B 179 28.07 1.46 37.67
CA LEU B 179 28.53 0.66 36.53
C LEU B 179 27.45 -0.21 35.88
N SER B 180 26.29 -0.35 36.52
CA SER B 180 25.18 -1.02 35.87
C SER B 180 24.61 -0.17 34.72
N ARG B 181 25.09 1.07 34.60
CA ARG B 181 24.63 1.99 33.57
C ARG B 181 25.73 2.20 32.54
N VAL B 182 26.69 1.29 32.52
CA VAL B 182 27.80 1.37 31.59
C VAL B 182 27.97 0.07 30.84
N THR B 183 28.16 0.17 29.55
CA THR B 183 28.43 -0.99 28.73
C THR B 183 29.71 -0.75 27.94
N VAL B 184 30.64 -1.68 28.02
CA VAL B 184 31.95 -1.52 27.40
C VAL B 184 31.96 -2.10 25.98
N GLY B 185 32.22 -1.25 24.99
CA GLY B 185 32.21 -1.65 23.60
C GLY B 185 33.48 -2.37 23.13
N HIS B 186 33.34 -3.19 22.09
CA HIS B 186 34.46 -3.79 21.39
C HIS B 186 35.31 -4.70 22.30
N CYS B 187 34.65 -5.48 23.16
CA CYS B 187 35.42 -6.38 24.02
C CYS B 187 35.87 -7.64 23.30
N ASP B 188 35.52 -7.76 22.01
CA ASP B 188 35.74 -9.02 21.29
C ASP B 188 36.67 -8.89 20.09
N LEU B 189 37.82 -8.25 20.27
CA LEU B 189 38.77 -8.13 19.17
C LEU B 189 40.00 -9.00 19.39
N LYS B 190 40.04 -9.68 20.54
CA LYS B 190 41.16 -10.54 20.88
C LYS B 190 40.71 -11.41 22.04
N ASP B 191 41.43 -12.48 22.31
CA ASP B 191 41.16 -13.26 23.52
C ASP B 191 41.31 -12.31 24.70
N ASN B 192 40.24 -12.17 25.47
CA ASN B 192 40.09 -11.05 26.38
C ASN B 192 39.31 -11.50 27.63
N LEU B 193 39.33 -12.80 27.90
CA LEU B 193 38.45 -13.34 28.93
C LEU B 193 38.75 -12.80 30.34
N ASP B 194 40.02 -12.80 30.72
CA ASP B 194 40.43 -12.35 32.05
C ASP B 194 39.85 -10.97 32.36
N ASN B 195 40.08 -10.02 31.46
CA ASN B 195 39.59 -8.66 31.67
C ASN B 195 38.06 -8.57 31.59
N ILE B 196 37.46 -9.35 30.71
CA ILE B 196 35.99 -9.36 30.64
C ILE B 196 35.38 -9.79 31.98
N LEU B 197 35.92 -10.86 32.56
CA LEU B 197 35.40 -11.34 33.85
C LEU B 197 35.53 -10.26 34.92
N LYS B 198 36.65 -9.54 34.90
CA LYS B 198 36.87 -8.46 35.85
C LYS B 198 35.89 -7.31 35.64
N MET B 199 35.57 -7.04 34.38
CA MET B 199 34.64 -5.96 34.08
C MET B 199 33.24 -6.32 34.55
N ILE B 200 32.86 -7.57 34.33
CA ILE B 200 31.56 -8.05 34.79
C ILE B 200 31.47 -8.06 36.31
N ASP B 201 32.55 -8.48 36.96
CA ASP B 201 32.62 -8.48 38.42
C ASP B 201 32.47 -7.07 39.00
N LEU B 202 32.95 -6.06 38.28
CA LEU B 202 32.79 -4.68 38.71
C LEU B 202 31.33 -4.20 38.61
N GLY B 203 30.55 -4.86 37.77
CA GLY B 203 29.14 -4.55 37.67
C GLY B 203 28.71 -4.00 36.32
N ALA B 204 29.62 -3.97 35.35
CA ALA B 204 29.33 -3.41 34.02
C ALA B 204 28.81 -4.44 33.02
N TYR B 205 28.23 -3.96 31.92
CA TYR B 205 27.89 -4.82 30.78
C TYR B 205 29.04 -4.82 29.80
N VAL B 206 29.18 -5.90 29.04
CA VAL B 206 30.22 -5.98 28.02
C VAL B 206 29.61 -6.35 26.67
N GLN B 207 30.22 -5.88 25.60
CA GLN B 207 29.70 -6.12 24.27
C GLN B 207 30.66 -6.92 23.38
N PHE B 208 30.12 -7.98 22.78
CA PHE B 208 30.77 -8.62 21.64
C PHE B 208 30.09 -7.99 20.44
N ASP B 209 30.60 -6.83 19.99
CA ASP B 209 29.92 -6.05 18.97
C ASP B 209 30.66 -5.96 17.64
N THR B 210 31.65 -6.83 17.45
CA THR B 210 32.37 -6.82 16.19
C THR B 210 32.28 -8.19 15.50
N ILE B 211 31.15 -8.85 15.73
CA ILE B 211 30.81 -10.07 15.02
C ILE B 211 30.89 -9.84 13.51
N GLY B 212 31.61 -10.71 12.81
CA GLY B 212 31.81 -10.56 11.39
C GLY B 212 33.10 -9.88 10.98
N LYS B 213 33.70 -9.11 11.88
CA LYS B 213 34.99 -8.48 11.57
C LYS B 213 36.12 -9.48 11.77
N ASN B 214 36.22 -10.37 10.80
CA ASN B 214 37.06 -11.57 10.90
C ASN B 214 38.53 -11.37 10.54
N SER B 215 38.84 -10.23 9.93
CA SER B 215 40.23 -9.88 9.67
C SER B 215 40.95 -9.68 11.00
N TYR B 216 40.22 -9.12 11.96
CA TYR B 216 40.76 -8.78 13.26
C TYR B 216 40.91 -10.00 14.17
N TYR B 217 39.93 -10.90 14.10
CA TYR B 217 39.73 -11.93 15.12
C TYR B 217 38.59 -12.79 14.60
N PRO B 218 38.74 -14.12 14.66
CA PRO B 218 37.69 -14.96 14.07
C PRO B 218 36.49 -15.16 15.00
N ASP B 219 35.31 -15.28 14.41
CA ASP B 219 34.08 -15.53 15.18
C ASP B 219 34.13 -16.79 16.02
N GLU B 220 34.88 -17.79 15.56
CA GLU B 220 35.04 -19.04 16.31
C GLU B 220 35.63 -18.76 17.69
N LYS B 221 36.57 -17.82 17.76
CA LYS B 221 37.18 -17.45 19.02
C LYS B 221 36.23 -16.61 19.87
N ARG B 222 35.39 -15.81 19.20
CA ARG B 222 34.33 -15.09 19.90
C ARG B 222 33.38 -16.09 20.56
N ILE B 223 33.02 -17.15 19.84
CA ILE B 223 32.10 -18.14 20.38
C ILE B 223 32.72 -18.87 21.57
N ALA B 224 34.02 -19.17 21.48
CA ALA B 224 34.74 -19.81 22.59
C ALA B 224 34.67 -18.95 23.86
N MET B 225 34.90 -17.65 23.73
CA MET B 225 34.76 -16.72 24.85
C MET B 225 33.34 -16.72 25.44
N LEU B 226 32.34 -16.71 24.57
CA LEU B 226 30.95 -16.76 25.02
C LEU B 226 30.65 -18.04 25.78
N HIS B 227 31.18 -19.16 25.32
CA HIS B 227 31.00 -20.42 26.02
C HIS B 227 31.57 -20.33 27.43
N ALA B 228 32.72 -19.67 27.55
CA ALA B 228 33.38 -19.49 28.83
C ALA B 228 32.50 -18.68 29.78
N LEU B 229 31.85 -17.66 29.23
CA LEU B 229 30.94 -16.82 30.02
C LEU B 229 29.67 -17.58 30.39
N ARG B 230 29.15 -18.37 29.45
CA ARG B 230 27.98 -19.19 29.72
C ARG B 230 28.24 -20.13 30.89
N ASP B 231 29.36 -20.84 30.84
CA ASP B 231 29.78 -21.77 31.88
C ASP B 231 29.79 -21.15 33.28
N ARG B 232 30.05 -19.85 33.35
CA ARG B 232 30.09 -19.12 34.62
C ARG B 232 28.79 -18.41 34.94
N GLY B 233 27.79 -18.58 34.08
CA GLY B 233 26.49 -17.97 34.28
C GLY B 233 26.52 -16.46 34.20
N LEU B 234 27.29 -15.94 33.24
CA LEU B 234 27.46 -14.50 33.10
C LEU B 234 26.86 -13.93 31.82
N LEU B 235 25.93 -14.65 31.18
CA LEU B 235 25.35 -14.13 29.94
C LEU B 235 24.42 -12.93 30.14
N ASN B 236 23.96 -12.72 31.38
CA ASN B 236 23.07 -11.59 31.68
C ASN B 236 23.80 -10.23 31.70
N ARG B 237 25.08 -10.25 31.41
CA ARG B 237 25.88 -9.03 31.29
C ARG B 237 26.51 -8.85 29.90
N VAL B 238 26.08 -9.67 28.94
CA VAL B 238 26.67 -9.66 27.60
C VAL B 238 25.65 -9.18 26.57
N MET B 239 26.06 -8.27 25.69
CA MET B 239 25.22 -7.86 24.58
C MET B 239 25.98 -7.98 23.27
N LEU B 240 25.26 -8.09 22.17
CA LEU B 240 25.89 -8.43 20.88
C LEU B 240 25.57 -7.40 19.81
N SER B 241 26.41 -7.34 18.78
CA SER B 241 26.17 -6.47 17.65
C SER B 241 27.17 -6.73 16.53
N MET B 242 27.00 -6.02 15.42
CA MET B 242 27.84 -6.16 14.22
C MET B 242 28.83 -5.00 14.07
N ASP B 243 28.42 -3.84 14.57
CA ASP B 243 29.17 -2.58 14.41
C ASP B 243 29.43 -2.24 12.95
N ILE B 244 28.37 -2.26 12.15
CA ILE B 244 28.48 -1.82 10.77
C ILE B 244 28.97 -0.37 10.72
N THR B 245 30.05 -0.11 9.98
CA THR B 245 30.63 1.23 9.93
C THR B 245 30.97 1.69 8.52
N ARG B 246 30.91 0.80 7.55
CA ARG B 246 31.43 1.10 6.20
C ARG B 246 30.48 0.67 5.12
N ARG B 247 30.61 1.27 3.94
CA ARG B 247 29.76 0.89 2.82
C ARG B 247 29.99 -0.58 2.43
N SER B 248 31.25 -0.99 2.48
CA SER B 248 31.65 -2.37 2.17
C SER B 248 31.06 -3.42 3.14
N HIS B 249 30.43 -2.97 4.21
CA HIS B 249 29.82 -3.90 5.16
C HIS B 249 28.39 -4.24 4.77
N LEU B 250 27.81 -3.43 3.89
CA LEU B 250 26.44 -3.64 3.44
C LEU B 250 26.35 -4.80 2.44
N LYS B 251 25.28 -5.58 2.53
CA LYS B 251 25.10 -6.72 1.65
C LYS B 251 25.09 -6.29 0.18
N ALA B 252 24.47 -5.13 -0.09
CA ALA B 252 24.37 -4.59 -1.44
C ALA B 252 25.75 -4.33 -2.09
N ASN B 253 26.76 -4.17 -1.25
CA ASN B 253 28.10 -3.90 -1.72
C ASN B 253 29.02 -5.12 -1.54
N GLY B 254 28.43 -6.27 -1.23
CA GLY B 254 29.18 -7.50 -1.13
C GLY B 254 29.54 -7.90 0.30
N GLY B 255 29.19 -7.07 1.26
CA GLY B 255 29.50 -7.35 2.66
C GLY B 255 28.49 -8.26 3.34
N TYR B 256 28.60 -8.37 4.66
CA TYR B 256 27.79 -9.29 5.46
C TYR B 256 26.41 -8.71 5.84
N GLY B 257 26.34 -7.40 6.03
CA GLY B 257 25.11 -6.75 6.43
C GLY B 257 24.81 -6.89 7.91
N TYR B 258 23.77 -6.18 8.37
CA TYR B 258 23.41 -6.18 9.78
C TYR B 258 22.86 -7.53 10.25
N ASP B 259 22.06 -8.19 9.41
CA ASP B 259 21.30 -9.34 9.86
C ASP B 259 22.12 -10.63 9.87
N TYR B 260 23.38 -10.52 9.49
CA TYR B 260 24.35 -11.60 9.58
C TYR B 260 24.35 -12.21 11.00
N LEU B 261 24.22 -11.35 12.00
CA LEU B 261 24.17 -11.80 13.39
C LEU B 261 23.08 -12.85 13.58
N LEU B 262 21.91 -12.61 13.01
CA LEU B 262 20.79 -13.51 13.18
C LEU B 262 20.77 -14.68 12.19
N THR B 263 21.18 -14.42 10.94
CA THR B 263 21.14 -15.46 9.93
C THR B 263 22.32 -16.43 10.04
N THR B 264 23.45 -15.94 10.54
CA THR B 264 24.67 -16.73 10.48
C THR B 264 25.31 -17.00 11.83
N PHE B 265 25.62 -15.92 12.56
CA PHE B 265 26.33 -16.06 13.83
C PHE B 265 25.49 -16.78 14.88
N ILE B 266 24.28 -16.30 15.13
CA ILE B 266 23.42 -16.91 16.14
C ILE B 266 23.13 -18.41 15.90
N PRO B 267 22.77 -18.80 14.65
CA PRO B 267 22.64 -20.24 14.41
C PRO B 267 23.92 -21.01 14.75
N GLN B 268 25.06 -20.40 14.44
CA GLN B 268 26.36 -20.99 14.74
C GLN B 268 26.51 -21.16 16.26
N LEU B 269 26.10 -20.14 17.00
CA LEU B 269 26.14 -20.16 18.45
C LEU B 269 25.21 -21.25 18.97
N ARG B 270 23.99 -21.28 18.45
CA ARG B 270 23.02 -22.29 18.81
C ARG B 270 23.61 -23.68 18.56
N GLN B 271 24.15 -23.88 17.37
CA GLN B 271 24.70 -25.18 17.00
C GLN B 271 25.85 -25.62 17.92
N SER B 272 26.61 -24.65 18.41
CA SER B 272 27.75 -24.96 19.27
C SER B 272 27.32 -25.27 20.71
N GLY B 273 26.03 -25.20 20.99
CA GLY B 273 25.53 -25.60 22.29
C GLY B 273 24.70 -24.58 23.06
N PHE B 274 24.58 -23.36 22.54
CA PHE B 274 23.77 -22.32 23.17
C PHE B 274 22.28 -22.59 22.98
N SER B 275 21.51 -22.52 24.07
CA SER B 275 20.06 -22.69 24.00
C SER B 275 19.42 -21.41 23.47
N GLN B 276 18.17 -21.51 23.04
CA GLN B 276 17.41 -20.33 22.61
C GLN B 276 17.30 -19.32 23.76
N ALA B 277 17.13 -19.81 24.97
CA ALA B 277 17.04 -18.94 26.14
C ALA B 277 18.33 -18.15 26.36
N ASP B 278 19.47 -18.80 26.08
CA ASP B 278 20.76 -18.14 26.21
C ASP B 278 20.84 -16.97 25.25
N VAL B 279 20.40 -17.19 24.02
CA VAL B 279 20.42 -16.13 23.01
C VAL B 279 19.51 -14.97 23.38
N ASP B 280 18.31 -15.29 23.85
CA ASP B 280 17.33 -14.28 24.25
C ASP B 280 17.80 -13.37 25.38
N VAL B 281 18.59 -13.91 26.30
CA VAL B 281 19.12 -13.08 27.37
C VAL B 281 19.98 -11.97 26.76
N MET B 282 20.83 -12.34 25.81
CA MET B 282 21.77 -11.38 25.23
C MET B 282 21.10 -10.39 24.27
N LEU B 283 20.14 -10.88 23.47
CA LEU B 283 19.55 -10.07 22.42
C LEU B 283 18.27 -9.32 22.83
N ARG B 284 17.65 -9.72 23.94
CA ARG B 284 16.42 -9.07 24.34
C ARG B 284 16.34 -8.64 25.81
N GLU B 285 16.56 -9.56 26.74
CA GLU B 285 16.44 -9.23 28.16
C GLU B 285 17.46 -8.18 28.57
N ASN B 286 18.73 -8.42 28.26
CA ASN B 286 19.79 -7.48 28.62
C ASN B 286 19.57 -6.07 28.05
N PRO B 287 19.38 -5.94 26.71
CA PRO B 287 19.15 -4.59 26.18
C PRO B 287 17.92 -3.90 26.76
N SER B 288 16.84 -4.65 26.96
CA SER B 288 15.62 -4.04 27.51
C SER B 288 15.86 -3.46 28.89
N GLN B 289 16.64 -4.15 29.71
CA GLN B 289 17.00 -3.63 31.03
C GLN B 289 17.92 -2.44 30.93
N PHE B 290 18.89 -2.51 30.00
CA PHE B 290 19.98 -1.55 29.99
C PHE B 290 19.63 -0.22 29.34
N PHE B 291 19.04 -0.27 28.15
CA PHE B 291 18.87 0.95 27.34
C PHE B 291 17.65 1.78 27.71
N GLN B 292 16.67 1.16 28.36
CA GLN B 292 15.47 1.87 28.78
C GLN B 292 15.69 2.70 30.04
N SER C 2 -5.65 -19.40 32.12
CA SER C 2 -4.99 -20.21 33.14
C SER C 2 -4.63 -21.59 32.58
N PHE C 3 -3.62 -22.21 33.17
CA PHE C 3 -3.29 -23.58 32.84
C PHE C 3 -3.13 -24.33 34.14
N ASP C 4 -3.74 -25.51 34.23
CA ASP C 4 -3.63 -26.32 35.44
C ASP C 4 -2.76 -27.54 35.17
N PRO C 5 -1.51 -27.50 35.65
CA PRO C 5 -0.61 -28.63 35.39
C PRO C 5 -0.92 -29.86 36.25
N THR C 6 -1.85 -29.76 37.19
CA THR C 6 -2.18 -30.93 38.00
C THR C 6 -3.14 -31.85 37.26
N GLY C 7 -3.77 -31.35 36.20
CA GLY C 7 -4.75 -32.15 35.47
C GLY C 7 -4.30 -32.59 34.09
N TYR C 8 -5.12 -33.43 33.46
CA TYR C 8 -4.83 -33.90 32.10
C TYR C 8 -5.14 -32.81 31.09
N THR C 9 -4.48 -32.89 29.94
CA THR C 9 -4.66 -31.94 28.85
C THR C 9 -4.93 -32.66 27.54
N LEU C 10 -5.98 -32.26 26.83
CA LEU C 10 -6.18 -32.75 25.47
C LEU C 10 -5.46 -31.78 24.53
N ALA C 11 -4.50 -32.30 23.76
CA ALA C 11 -3.51 -31.46 23.09
C ALA C 11 -3.97 -30.84 21.77
N HIS C 12 -5.07 -31.33 21.21
CA HIS C 12 -5.56 -30.82 19.92
C HIS C 12 -7.05 -31.07 19.76
N GLU C 13 -7.83 -30.03 20.06
CA GLU C 13 -9.27 -30.13 20.01
C GLU C 13 -9.86 -28.90 19.35
N HIS C 14 -11.14 -28.99 18.96
CA HIS C 14 -11.90 -27.81 18.61
C HIS C 14 -13.15 -27.78 19.48
N LEU C 15 -13.54 -26.57 19.87
CA LEU C 15 -14.76 -26.31 20.65
C LEU C 15 -15.73 -25.52 19.80
N HIS C 16 -15.19 -24.60 18.99
CA HIS C 16 -16.02 -23.91 18.01
C HIS C 16 -15.21 -23.76 16.74
N ILE C 17 -15.60 -24.49 15.70
CA ILE C 17 -14.90 -24.45 14.43
C ILE C 17 -15.96 -24.50 13.36
N ASP C 18 -15.76 -23.73 12.28
CA ASP C 18 -16.78 -23.73 11.25
C ASP C 18 -16.17 -23.82 9.88
N LEU C 19 -16.02 -25.05 9.39
CA LEU C 19 -15.51 -25.27 8.04
C LEU C 19 -16.65 -25.59 7.08
N SER C 20 -17.88 -25.31 7.50
CA SER C 20 -19.05 -25.69 6.70
C SER C 20 -19.13 -24.92 5.38
N GLY C 21 -18.51 -23.75 5.33
CA GLY C 21 -18.50 -22.97 4.11
C GLY C 21 -17.59 -23.63 3.10
N PHE C 22 -16.41 -24.05 3.56
CA PHE C 22 -15.42 -24.66 2.67
C PHE C 22 -15.92 -25.99 2.18
N LYS C 23 -16.56 -26.74 3.07
CA LYS C 23 -16.97 -28.11 2.75
C LYS C 23 -18.44 -28.22 2.32
N ASN C 24 -19.18 -27.12 2.40
CA ASN C 24 -20.64 -27.14 2.13
C ASN C 24 -21.32 -28.30 2.85
N ASN C 25 -21.00 -28.42 4.14
CA ASN C 25 -21.47 -29.51 4.98
C ASN C 25 -21.72 -28.96 6.39
N VAL C 26 -22.97 -28.96 6.84
CA VAL C 26 -23.30 -28.34 8.11
C VAL C 26 -22.77 -29.13 9.31
N ASP C 27 -22.42 -30.40 9.07
CA ASP C 27 -21.78 -31.21 10.11
C ASP C 27 -20.45 -30.59 10.56
N CYS C 28 -19.84 -29.84 9.65
CA CYS C 28 -18.54 -29.21 9.90
C CYS C 28 -18.67 -27.87 10.61
N ARG C 29 -19.90 -27.48 10.97
CA ARG C 29 -20.13 -26.32 11.84
C ARG C 29 -20.30 -26.78 13.30
N LEU C 30 -19.20 -26.87 14.03
CA LEU C 30 -19.22 -27.35 15.40
C LEU C 30 -19.46 -26.13 16.29
N ASP C 31 -20.72 -25.87 16.60
CA ASP C 31 -21.07 -24.66 17.33
C ASP C 31 -22.22 -24.90 18.34
N GLN C 32 -22.39 -26.16 18.71
CA GLN C 32 -23.52 -26.51 19.56
C GLN C 32 -23.15 -26.34 21.02
N TYR C 33 -23.31 -25.12 21.51
CA TYR C 33 -22.71 -24.69 22.78
C TYR C 33 -23.08 -25.60 23.97
N ALA C 34 -24.37 -25.84 24.14
CA ALA C 34 -24.85 -26.62 25.28
C ALA C 34 -24.28 -28.04 25.28
N PHE C 35 -24.24 -28.67 24.11
CA PHE C 35 -23.66 -30.02 24.01
C PHE C 35 -22.16 -29.98 24.33
N ILE C 36 -21.46 -28.98 23.78
CA ILE C 36 -20.02 -28.83 24.01
C ILE C 36 -19.72 -28.61 25.50
N CYS C 37 -20.53 -27.80 26.15
CA CYS C 37 -20.37 -27.61 27.59
C CYS C 37 -20.50 -28.93 28.36
N GLN C 38 -21.49 -29.74 28.03
CA GLN C 38 -21.64 -31.02 28.71
C GLN C 38 -20.43 -31.96 28.45
N GLU C 39 -19.88 -31.90 27.25
CA GLU C 39 -18.70 -32.72 26.92
C GLU C 39 -17.52 -32.27 27.79
N MET C 40 -17.40 -30.96 28.03
CA MET C 40 -16.31 -30.44 28.87
C MET C 40 -16.48 -30.86 30.32
N ASN C 41 -17.73 -30.80 30.81
CA ASN C 41 -18.05 -31.32 32.13
C ASN C 41 -17.64 -32.79 32.26
N ASP C 42 -17.92 -33.58 31.22
CA ASP C 42 -17.57 -35.00 31.22
C ASP C 42 -16.05 -35.17 31.30
N LEU C 43 -15.32 -34.36 30.56
CA LEU C 43 -13.85 -34.40 30.62
C LEU C 43 -13.33 -34.08 32.01
N MET C 44 -13.92 -33.06 32.63
N MET C 44 -13.92 -33.09 32.66
CA MET C 44 -13.51 -32.60 33.96
CA MET C 44 -13.43 -32.68 33.97
C MET C 44 -13.72 -33.68 35.03
C MET C 44 -13.73 -33.67 35.08
N THR C 45 -14.81 -34.43 34.95
CA THR C 45 -15.08 -35.47 35.93
C THR C 45 -14.03 -36.57 35.82
N ARG C 46 -13.37 -36.66 34.66
CA ARG C 46 -12.32 -37.66 34.50
C ARG C 46 -10.91 -37.07 34.55
N GLY C 47 -10.80 -35.89 35.15
CA GLY C 47 -9.49 -35.36 35.52
C GLY C 47 -8.84 -34.45 34.50
N VAL C 48 -9.53 -34.23 33.39
CA VAL C 48 -9.03 -33.28 32.38
C VAL C 48 -9.29 -31.86 32.86
N ARG C 49 -8.27 -31.01 32.83
CA ARG C 49 -8.42 -29.62 33.26
C ARG C 49 -8.12 -28.60 32.15
N ASN C 50 -7.46 -29.04 31.10
CA ASN C 50 -7.07 -28.14 30.02
C ASN C 50 -7.35 -28.71 28.64
N VAL C 51 -7.78 -27.84 27.73
CA VAL C 51 -7.96 -28.23 26.34
C VAL C 51 -7.25 -27.19 25.48
N ILE C 52 -6.42 -27.63 24.52
CA ILE C 52 -5.75 -26.70 23.63
C ILE C 52 -6.55 -26.61 22.33
N GLU C 53 -7.15 -25.45 22.08
CA GLU C 53 -8.13 -25.33 21.03
C GLU C 53 -7.42 -24.84 19.77
N MET C 54 -7.65 -25.54 18.66
CA MET C 54 -6.83 -25.42 17.46
C MET C 54 -7.52 -24.65 16.34
N THR C 55 -8.61 -23.96 16.64
CA THR C 55 -9.33 -23.20 15.62
C THR C 55 -8.74 -21.81 15.50
N ASN C 56 -8.03 -21.50 14.42
CA ASN C 56 -7.60 -20.11 14.24
C ASN C 56 -8.65 -19.27 13.51
N ARG C 57 -8.36 -17.99 13.31
CA ARG C 57 -9.41 -17.05 12.90
C ARG C 57 -10.28 -17.50 11.71
N TYR C 58 -9.64 -17.84 10.59
CA TYR C 58 -10.38 -18.14 9.37
C TYR C 58 -10.87 -19.59 9.26
N MET C 59 -10.74 -20.32 10.36
CA MET C 59 -11.33 -21.64 10.51
C MET C 59 -12.66 -21.49 11.26
N GLY C 60 -13.04 -20.26 11.57
CA GLY C 60 -14.28 -20.01 12.30
C GLY C 60 -14.15 -19.93 13.82
N ARG C 61 -13.00 -19.48 14.31
CA ARG C 61 -12.79 -19.30 15.76
C ARG C 61 -13.81 -18.35 16.40
N ASN C 62 -14.20 -18.64 17.64
CA ASN C 62 -15.11 -17.74 18.36
C ASN C 62 -14.64 -17.58 19.80
N ALA C 63 -13.94 -16.48 20.07
CA ALA C 63 -13.37 -16.27 21.39
C ALA C 63 -14.44 -16.23 22.49
N GLN C 64 -15.53 -15.53 22.23
CA GLN C 64 -16.53 -15.38 23.28
C GLN C 64 -17.15 -16.73 23.65
N PHE C 65 -17.32 -17.58 22.64
CA PHE C 65 -17.84 -18.93 22.83
C PHE C 65 -16.92 -19.67 23.79
N MET C 66 -15.61 -19.58 23.56
CA MET C 66 -14.64 -20.24 24.41
C MET C 66 -14.62 -19.67 25.83
N LEU C 67 -14.69 -18.35 25.95
CA LEU C 67 -14.80 -17.70 27.23
C LEU C 67 -16.05 -18.20 27.96
N ASP C 68 -17.16 -18.31 27.24
CA ASP C 68 -18.41 -18.78 27.85
C ASP C 68 -18.27 -20.21 28.36
N VAL C 69 -17.69 -21.08 27.54
CA VAL C 69 -17.46 -22.48 27.92
C VAL C 69 -16.63 -22.56 29.20
N MET C 70 -15.57 -21.76 29.25
CA MET C 70 -14.77 -21.69 30.48
C MET C 70 -15.56 -21.23 31.69
N ARG C 71 -16.35 -20.16 31.53
CA ARG C 71 -17.15 -19.66 32.65
C ARG C 71 -18.10 -20.76 33.12
N GLU C 72 -18.66 -21.50 32.18
CA GLU C 72 -19.73 -22.44 32.48
C GLU C 72 -19.22 -23.71 33.15
N THR C 73 -18.08 -24.20 32.71
CA THR C 73 -17.60 -25.54 33.09
C THR C 73 -16.35 -25.52 33.97
N GLY C 74 -15.59 -24.44 33.93
CA GLY C 74 -14.36 -24.33 34.71
C GLY C 74 -13.14 -24.96 34.05
N ILE C 75 -13.34 -25.50 32.85
CA ILE C 75 -12.20 -26.05 32.11
C ILE C 75 -11.33 -24.91 31.59
N ASN C 76 -10.04 -25.16 31.44
CA ASN C 76 -9.14 -24.17 30.87
C ASN C 76 -9.03 -24.39 29.38
N VAL C 77 -9.24 -23.34 28.60
CA VAL C 77 -9.11 -23.44 27.15
C VAL C 77 -7.99 -22.53 26.69
N VAL C 78 -7.00 -23.10 26.01
CA VAL C 78 -5.93 -22.31 25.43
C VAL C 78 -6.30 -22.06 23.97
N ALA C 79 -6.46 -20.80 23.62
CA ALA C 79 -6.84 -20.45 22.25
C ALA C 79 -5.63 -20.31 21.36
N CYS C 80 -5.84 -20.35 20.04
CA CYS C 80 -4.71 -20.27 19.12
C CYS C 80 -4.81 -19.12 18.11
N THR C 81 -3.70 -18.86 17.43
CA THR C 81 -3.65 -17.94 16.32
C THR C 81 -2.88 -18.59 15.17
N GLY C 82 -3.23 -18.24 13.93
CA GLY C 82 -2.48 -18.76 12.80
C GLY C 82 -3.30 -18.85 11.53
N TYR C 83 -2.78 -19.56 10.54
CA TYR C 83 -3.48 -19.84 9.29
C TYR C 83 -3.41 -21.33 9.01
N TYR C 84 -4.47 -21.84 8.38
CA TYR C 84 -4.73 -23.28 8.37
C TYR C 84 -3.96 -24.08 7.29
N GLN C 85 -4.42 -24.05 6.05
CA GLN C 85 -3.68 -24.73 4.98
C GLN C 85 -4.12 -24.15 3.64
N ASP C 86 -3.41 -24.50 2.58
CA ASP C 86 -3.55 -23.80 1.29
C ASP C 86 -5.00 -23.60 0.84
N ALA C 87 -5.77 -24.69 0.77
CA ALA C 87 -7.11 -24.64 0.21
C ALA C 87 -8.10 -23.83 1.07
N PHE C 88 -7.65 -23.40 2.25
CA PHE C 88 -8.53 -22.73 3.20
C PHE C 88 -8.09 -21.28 3.48
N PHE C 89 -6.97 -20.85 2.91
CA PHE C 89 -6.44 -19.51 3.20
C PHE C 89 -7.35 -18.44 2.59
N PRO C 90 -7.60 -17.35 3.34
CA PRO C 90 -8.18 -16.15 2.72
C PRO C 90 -7.24 -15.62 1.63
N GLU C 91 -7.77 -14.80 0.73
CA GLU C 91 -6.98 -14.24 -0.35
C GLU C 91 -5.78 -13.44 0.12
N HIS C 92 -5.93 -12.75 1.24
CA HIS C 92 -4.89 -11.82 1.69
C HIS C 92 -3.61 -12.50 2.22
N VAL C 93 -3.63 -13.83 2.38
CA VAL C 93 -2.40 -14.56 2.72
C VAL C 93 -1.38 -14.36 1.60
N ALA C 94 -1.88 -14.36 0.36
CA ALA C 94 -1.02 -14.13 -0.80
C ALA C 94 -0.49 -12.68 -0.90
N THR C 95 -1.34 -11.71 -0.57
CA THR C 95 -1.03 -10.30 -0.81
C THR C 95 -0.31 -9.62 0.36
N ARG C 96 -0.51 -10.10 1.59
CA ARG C 96 0.17 -9.48 2.73
C ARG C 96 1.59 -10.01 2.86
N SER C 97 2.48 -9.23 3.47
CA SER C 97 3.86 -9.67 3.66
C SER C 97 3.99 -10.66 4.83
N VAL C 98 5.12 -11.35 4.87
CA VAL C 98 5.47 -12.18 6.01
C VAL C 98 5.44 -11.40 7.33
N GLN C 99 6.00 -10.20 7.33
CA GLN C 99 5.97 -9.36 8.53
C GLN C 99 4.54 -9.10 9.00
N GLU C 100 3.65 -8.79 8.06
CA GLU C 100 2.26 -8.46 8.42
C GLU C 100 1.54 -9.70 8.98
N LEU C 101 1.79 -10.86 8.38
CA LEU C 101 1.16 -12.08 8.86
C LEU C 101 1.66 -12.43 10.26
N ALA C 102 2.96 -12.28 10.46
CA ALA C 102 3.55 -12.51 11.77
C ALA C 102 2.97 -11.54 12.80
N GLN C 103 2.91 -10.26 12.46
CA GLN C 103 2.39 -9.26 13.40
C GLN C 103 0.92 -9.52 13.79
N GLU C 104 0.14 -10.04 12.86
CA GLU C 104 -1.25 -10.41 13.17
C GLU C 104 -1.26 -11.47 14.28
N MET C 105 -0.40 -12.49 14.13
CA MET C 105 -0.30 -13.52 15.15
C MET C 105 0.20 -12.98 16.50
N VAL C 106 1.24 -12.15 16.43
CA VAL C 106 1.80 -11.49 17.61
C VAL C 106 0.73 -10.72 18.36
N ASP C 107 -0.06 -9.95 17.60
CA ASP C 107 -1.15 -9.16 18.17
C ASP C 107 -2.25 -10.04 18.80
N GLU C 108 -2.54 -11.19 18.20
CA GLU C 108 -3.54 -12.08 18.79
C GLU C 108 -3.03 -12.73 20.08
N ILE C 109 -1.72 -12.92 20.16
CA ILE C 109 -1.10 -13.40 21.39
C ILE C 109 -0.98 -12.31 22.45
N GLU C 110 -0.65 -11.08 22.04
CA GLU C 110 -0.34 -10.03 23.01
C GLU C 110 -1.53 -9.14 23.37
N GLN C 111 -2.47 -8.97 22.45
CA GLN C 111 -3.56 -8.02 22.69
C GLN C 111 -4.89 -8.72 22.95
N GLY C 112 -5.21 -9.71 22.13
CA GLY C 112 -6.46 -10.43 22.28
C GLY C 112 -7.04 -10.88 20.94
N ILE C 113 -8.07 -11.72 20.99
CA ILE C 113 -8.70 -12.21 19.78
C ILE C 113 -10.21 -11.92 19.73
N ASP C 114 -10.71 -11.73 18.51
CA ASP C 114 -12.16 -11.64 18.25
C ASP C 114 -12.89 -10.63 19.12
N GLY C 115 -12.27 -9.48 19.35
CA GLY C 115 -12.91 -8.41 20.08
C GLY C 115 -13.03 -8.63 21.56
N THR C 116 -12.34 -9.65 22.07
CA THR C 116 -12.41 -9.97 23.50
C THR C 116 -11.04 -9.83 24.14
N GLU C 117 -11.00 -10.06 25.44
CA GLU C 117 -9.76 -9.99 26.22
C GLU C 117 -9.03 -11.34 26.26
N LEU C 118 -9.63 -12.38 25.66
CA LEU C 118 -8.98 -13.69 25.55
C LEU C 118 -7.80 -13.53 24.62
N LYS C 119 -6.66 -14.08 25.01
CA LYS C 119 -5.47 -14.00 24.17
C LYS C 119 -5.09 -15.38 23.67
N ALA C 120 -4.47 -15.44 22.49
CA ALA C 120 -3.97 -16.70 21.96
C ALA C 120 -2.77 -17.18 22.78
N GLY C 121 -2.71 -18.48 23.09
CA GLY C 121 -1.62 -19.02 23.86
C GLY C 121 -0.68 -19.91 23.06
N ILE C 122 -1.04 -20.13 21.80
CA ILE C 122 -0.28 -21.03 20.94
C ILE C 122 -0.46 -20.63 19.49
N ILE C 123 0.53 -20.94 18.67
CA ILE C 123 0.44 -20.73 17.23
C ILE C 123 0.04 -22.05 16.59
N ALA C 124 -1.18 -22.10 16.03
CA ALA C 124 -1.82 -23.37 15.65
C ALA C 124 -3.12 -23.13 14.90
N GLU C 125 -3.70 -24.16 14.27
CA GLU C 125 -2.94 -25.32 13.83
C GLU C 125 -2.46 -24.95 12.45
N ILE C 126 -1.16 -24.84 12.28
CA ILE C 126 -0.64 -24.37 11.00
C ILE C 126 -0.30 -25.58 10.14
N GLY C 127 -0.85 -25.61 8.93
CA GLY C 127 -0.89 -26.85 8.19
C GLY C 127 -0.21 -26.84 6.85
N THR C 128 0.14 -28.04 6.40
CA THR C 128 0.62 -28.19 5.05
C THR C 128 -0.34 -29.15 4.36
N SER C 129 -0.23 -29.20 3.05
CA SER C 129 -1.14 -29.99 2.21
C SER C 129 -0.70 -31.45 2.11
N GLU C 130 -1.51 -32.28 1.46
CA GLU C 130 -1.18 -33.70 1.39
C GLU C 130 0.00 -33.96 0.46
N GLY C 131 1.09 -34.50 1.01
CA GLY C 131 2.26 -34.84 0.23
C GLY C 131 3.10 -33.66 -0.25
N LYS C 132 2.75 -32.43 0.16
CA LYS C 132 3.53 -31.29 -0.30
C LYS C 132 3.37 -30.05 0.57
N ILE C 133 4.34 -29.17 0.48
CA ILE C 133 4.23 -27.87 1.10
C ILE C 133 4.05 -26.86 -0.04
N THR C 134 2.97 -26.10 -0.02
CA THR C 134 2.72 -25.10 -1.08
C THR C 134 3.46 -23.81 -0.76
N PRO C 135 3.70 -22.95 -1.77
CA PRO C 135 4.36 -21.67 -1.49
C PRO C 135 3.68 -20.86 -0.38
N LEU C 136 2.35 -20.79 -0.37
CA LEU C 136 1.69 -20.01 0.68
C LEU C 136 1.78 -20.66 2.06
N GLU C 137 1.79 -21.98 2.10
CA GLU C 137 2.00 -22.70 3.35
C GLU C 137 3.40 -22.42 3.90
N GLU C 138 4.40 -22.48 3.03
CA GLU C 138 5.75 -22.09 3.42
C GLU C 138 5.77 -20.69 4.02
N LYS C 139 5.10 -19.76 3.36
CA LYS C 139 5.04 -18.35 3.81
C LYS C 139 4.47 -18.26 5.23
N VAL C 140 3.37 -18.97 5.46
CA VAL C 140 2.73 -18.97 6.76
C VAL C 140 3.63 -19.54 7.85
N PHE C 141 4.32 -20.64 7.56
CA PHE C 141 5.30 -21.21 8.49
C PHE C 141 6.41 -20.23 8.83
N ILE C 142 6.89 -19.51 7.84
CA ILE C 142 7.95 -18.55 8.09
C ILE C 142 7.42 -17.44 9.02
N ALA C 143 6.20 -17.01 8.76
CA ALA C 143 5.52 -16.01 9.59
C ALA C 143 5.29 -16.54 11.01
N ALA C 144 4.94 -17.81 11.11
CA ALA C 144 4.76 -18.48 12.40
C ALA C 144 6.07 -18.49 13.18
N ALA C 145 7.18 -18.83 12.50
CA ALA C 145 8.50 -18.81 13.13
C ALA C 145 8.82 -17.41 13.67
N LEU C 146 8.47 -16.38 12.90
CA LEU C 146 8.69 -15.00 13.34
C LEU C 146 7.87 -14.65 14.58
N ALA C 147 6.59 -14.98 14.56
CA ALA C 147 5.74 -14.74 15.72
C ALA C 147 6.22 -15.52 16.95
N HIS C 148 6.68 -16.75 16.73
CA HIS C 148 7.26 -17.56 17.79
C HIS C 148 8.46 -16.88 18.42
N ASN C 149 9.33 -16.32 17.58
N ASN C 149 9.35 -16.35 17.57
CA ASN C 149 10.56 -15.70 18.04
CA ASN C 149 10.54 -15.68 18.03
C ASN C 149 10.37 -14.34 18.72
C ASN C 149 10.20 -14.53 18.96
N GLN C 150 9.18 -13.78 18.59
CA GLN C 150 8.82 -12.56 19.30
C GLN C 150 8.01 -12.78 20.57
N THR C 151 7.30 -13.90 20.65
CA THR C 151 6.38 -14.12 21.74
C THR C 151 6.82 -15.27 22.62
N GLY C 152 7.62 -16.17 22.08
CA GLY C 152 8.01 -17.39 22.78
C GLY C 152 6.92 -18.46 22.84
N ARG C 153 5.75 -18.20 22.25
CA ARG C 153 4.67 -19.19 22.27
C ARG C 153 4.97 -20.38 21.36
N PRO C 154 4.55 -21.58 21.78
CA PRO C 154 4.95 -22.74 20.98
C PRO C 154 4.13 -22.83 19.68
N ILE C 155 4.52 -23.77 18.81
CA ILE C 155 3.85 -23.97 17.53
C ILE C 155 3.27 -25.38 17.45
N SER C 156 2.02 -25.48 17.02
CA SER C 156 1.36 -26.77 16.88
C SER C 156 0.89 -26.92 15.43
N THR C 157 1.31 -27.98 14.75
CA THR C 157 1.07 -28.04 13.31
C THR C 157 -0.05 -29.00 12.90
N HIS C 158 -0.47 -28.87 11.65
CA HIS C 158 -1.39 -29.81 11.01
C HIS C 158 -0.63 -30.53 9.91
N THR C 159 -0.64 -31.88 9.92
CA THR C 159 -0.19 -32.61 8.74
C THR C 159 -1.38 -33.28 8.07
N SER C 160 -1.48 -33.17 6.75
CA SER C 160 -2.57 -33.78 6.03
C SER C 160 -2.22 -35.25 5.78
N PHE C 161 -3.05 -36.14 6.33
CA PHE C 161 -2.81 -37.59 6.26
C PHE C 161 -1.40 -37.99 6.68
N SER C 162 -0.94 -37.35 7.75
CA SER C 162 0.36 -37.63 8.36
C SER C 162 1.52 -37.48 7.39
N THR C 163 1.44 -36.52 6.47
CA THR C 163 2.55 -36.26 5.57
C THR C 163 3.21 -34.94 5.88
N MET C 164 4.48 -34.84 5.48
CA MET C 164 5.27 -33.60 5.49
C MET C 164 5.74 -33.10 6.85
N GLY C 165 5.60 -33.93 7.88
CA GLY C 165 6.01 -33.54 9.22
C GLY C 165 7.49 -33.16 9.28
N LEU C 166 8.34 -34.02 8.73
CA LEU C 166 9.79 -33.76 8.76
C LEU C 166 10.16 -32.49 8.02
N GLU C 167 9.45 -32.23 6.92
CA GLU C 167 9.72 -31.06 6.12
C GLU C 167 9.27 -29.79 6.83
N GLN C 168 8.21 -29.90 7.62
CA GLN C 168 7.76 -28.80 8.46
C GLN C 168 8.81 -28.44 9.49
N LEU C 169 9.37 -29.47 10.11
CA LEU C 169 10.39 -29.28 11.12
C LEU C 169 11.62 -28.62 10.54
N ALA C 170 12.07 -29.09 9.37
CA ALA C 170 13.26 -28.53 8.74
C ALA C 170 13.08 -27.04 8.44
N LEU C 171 11.90 -26.70 7.96
CA LEU C 171 11.56 -25.32 7.64
C LEU C 171 11.59 -24.44 8.89
N LEU C 172 10.97 -24.92 9.98
CA LEU C 172 10.91 -24.13 11.20
C LEU C 172 12.29 -23.96 11.82
N GLN C 173 13.07 -25.02 11.83
CA GLN C 173 14.42 -24.97 12.39
C GLN C 173 15.29 -24.01 11.60
N ALA C 174 15.07 -23.96 10.30
CA ALA C 174 15.83 -23.08 9.42
C ALA C 174 15.51 -21.62 9.69
N HIS C 175 14.40 -21.37 10.38
CA HIS C 175 14.03 -20.02 10.76
C HIS C 175 14.09 -19.79 12.28
N GLY C 176 14.99 -20.50 12.95
CA GLY C 176 15.31 -20.22 14.34
C GLY C 176 14.45 -20.86 15.43
N VAL C 177 13.49 -21.68 15.05
CA VAL C 177 12.62 -22.30 16.05
C VAL C 177 13.29 -23.51 16.71
N ASP C 178 13.43 -23.46 18.03
CA ASP C 178 13.86 -24.62 18.82
C ASP C 178 12.79 -25.66 18.64
N LEU C 179 13.14 -26.84 18.11
CA LEU C 179 12.10 -27.82 17.76
C LEU C 179 11.39 -28.41 18.97
N SER C 180 11.95 -28.22 20.17
CA SER C 180 11.27 -28.63 21.40
C SER C 180 10.03 -27.77 21.66
N ARG C 181 9.87 -26.68 20.91
N ARG C 181 9.89 -26.68 20.90
CA ARG C 181 8.68 -25.84 21.06
CA ARG C 181 8.75 -25.79 20.99
C ARG C 181 7.67 -26.12 19.94
C ARG C 181 7.75 -26.04 19.86
N VAL C 182 7.95 -27.15 19.15
CA VAL C 182 7.03 -27.54 18.08
C VAL C 182 6.40 -28.92 18.36
N THR C 183 5.10 -29.01 18.16
CA THR C 183 4.42 -30.31 18.21
C THR C 183 3.73 -30.60 16.88
N VAL C 184 3.96 -31.79 16.34
CA VAL C 184 3.50 -32.11 15.00
C VAL C 184 2.17 -32.83 15.11
N GLY C 185 1.13 -32.26 14.50
CA GLY C 185 -0.21 -32.80 14.64
C GLY C 185 -0.51 -33.89 13.62
N HIS C 186 -1.49 -34.72 13.96
CA HIS C 186 -2.04 -35.79 13.11
C HIS C 186 -0.98 -36.76 12.63
N CYS C 187 -0.11 -37.21 13.53
CA CYS C 187 0.89 -38.20 13.13
C CYS C 187 0.31 -39.60 13.08
N ASP C 188 -1.00 -39.72 13.36
CA ASP C 188 -1.62 -41.04 13.54
C ASP C 188 -2.75 -41.32 12.53
N LEU C 189 -2.51 -41.03 11.25
CA LEU C 189 -3.50 -41.30 10.21
C LEU C 189 -3.02 -42.36 9.22
N LYS C 190 -1.83 -42.89 9.48
CA LYS C 190 -1.30 -43.99 8.68
C LYS C 190 -0.16 -44.62 9.47
N ASP C 191 0.36 -45.75 8.98
CA ASP C 191 1.53 -46.36 9.59
C ASP C 191 2.71 -45.41 9.40
N ASN C 192 3.13 -44.78 10.49
CA ASN C 192 3.96 -43.59 10.38
C ASN C 192 5.19 -43.66 11.27
N LEU C 193 5.52 -44.86 11.75
CA LEU C 193 6.57 -44.98 12.76
C LEU C 193 7.95 -44.45 12.31
N ASP C 194 8.37 -44.76 11.09
CA ASP C 194 9.68 -44.32 10.59
C ASP C 194 9.83 -42.79 10.68
N ASN C 195 8.83 -42.08 10.18
CA ASN C 195 8.87 -40.62 10.24
C ASN C 195 8.76 -40.08 11.66
N ILE C 196 7.93 -40.70 12.48
CA ILE C 196 7.73 -40.25 13.85
C ILE C 196 9.04 -40.37 14.64
N LEU C 197 9.73 -41.48 14.45
CA LEU C 197 11.03 -41.66 15.12
C LEU C 197 11.99 -40.56 14.71
N LYS C 198 11.99 -40.21 13.42
CA LYS C 198 12.88 -39.16 12.93
C LYS C 198 12.50 -37.77 13.48
N MET C 199 11.20 -37.52 13.62
CA MET C 199 10.73 -36.26 14.18
C MET C 199 11.14 -36.08 15.64
N ILE C 200 10.96 -37.13 16.45
CA ILE C 200 11.33 -37.09 17.85
C ILE C 200 12.84 -36.92 18.00
N ASP C 201 13.59 -37.58 17.11
CA ASP C 201 15.05 -37.46 17.14
C ASP C 201 15.49 -36.03 16.86
N LEU C 202 14.73 -35.31 16.03
CA LEU C 202 15.05 -33.91 15.79
C LEU C 202 14.73 -33.00 16.97
N GLY C 203 13.95 -33.50 17.93
CA GLY C 203 13.67 -32.77 19.14
C GLY C 203 12.23 -32.35 19.32
N ALA C 204 11.40 -32.66 18.33
CA ALA C 204 9.98 -32.30 18.35
C ALA C 204 9.08 -33.23 19.16
N TYR C 205 7.90 -32.73 19.49
CA TYR C 205 6.83 -33.52 20.08
C TYR C 205 5.95 -34.00 18.93
N VAL C 206 5.30 -35.14 19.13
CA VAL C 206 4.36 -35.64 18.13
C VAL C 206 3.00 -35.94 18.78
N GLN C 207 1.95 -35.87 17.96
CA GLN C 207 0.61 -36.07 18.48
C GLN C 207 -0.13 -37.20 17.79
N PHE C 208 -0.73 -38.06 18.60
CA PHE C 208 -1.76 -39.01 18.15
C PHE C 208 -3.05 -38.33 18.54
N ASP C 209 -3.53 -37.44 17.68
CA ASP C 209 -4.64 -36.58 18.06
C ASP C 209 -5.94 -36.90 17.28
N THR C 210 -5.98 -38.04 16.61
CA THR C 210 -7.21 -38.40 15.89
C THR C 210 -7.80 -39.71 16.44
N ILE C 211 -7.58 -39.92 17.75
CA ILE C 211 -8.15 -41.08 18.41
C ILE C 211 -9.66 -41.08 18.18
N GLY C 212 -10.19 -42.22 17.80
CA GLY C 212 -11.60 -42.38 17.56
C GLY C 212 -11.98 -42.20 16.10
N LYS C 213 -11.08 -41.60 15.31
CA LYS C 213 -11.34 -41.42 13.88
C LYS C 213 -11.01 -42.69 13.10
N ASN C 214 -11.78 -43.72 13.38
CA ASN C 214 -11.52 -45.04 12.86
C ASN C 214 -11.83 -45.18 11.38
N SER C 215 -12.58 -44.23 10.83
CA SER C 215 -12.89 -44.27 9.41
C SER C 215 -11.66 -43.91 8.59
N TYR C 216 -10.70 -43.21 9.22
CA TYR C 216 -9.43 -42.88 8.57
C TYR C 216 -8.33 -43.90 8.87
N TYR C 217 -8.23 -44.31 10.13
CA TYR C 217 -7.14 -45.16 10.59
C TYR C 217 -7.59 -45.79 11.91
N PRO C 218 -7.29 -47.07 12.14
CA PRO C 218 -7.85 -47.77 13.31
C PRO C 218 -7.19 -47.43 14.64
N ASP C 219 -8.00 -47.28 15.69
CA ASP C 219 -7.45 -47.05 17.02
C ASP C 219 -6.50 -48.17 17.42
N GLU C 220 -6.83 -49.40 17.01
CA GLU C 220 -5.94 -50.52 17.34
C GLU C 220 -4.53 -50.34 16.75
N LYS C 221 -4.42 -49.72 15.58
CA LYS C 221 -3.11 -49.43 15.01
C LYS C 221 -2.44 -48.27 15.73
N ARG C 222 -3.23 -47.32 16.22
CA ARG C 222 -2.68 -46.24 17.04
C ARG C 222 -2.05 -46.86 18.27
N ILE C 223 -2.72 -47.83 18.86
CA ILE C 223 -2.21 -48.49 20.05
C ILE C 223 -0.90 -49.23 19.76
N ALA C 224 -0.85 -49.91 18.62
CA ALA C 224 0.37 -50.64 18.25
C ALA C 224 1.53 -49.67 18.08
N MET C 225 1.28 -48.53 17.43
CA MET C 225 2.34 -47.53 17.25
C MET C 225 2.83 -46.97 18.59
N LEU C 226 1.89 -46.67 19.48
CA LEU C 226 2.28 -46.23 20.83
C LEU C 226 3.16 -47.24 21.53
N HIS C 227 2.87 -48.52 21.33
CA HIS C 227 3.72 -49.56 21.90
C HIS C 227 5.16 -49.50 21.39
N ALA C 228 5.32 -49.21 20.11
CA ALA C 228 6.65 -49.10 19.54
C ALA C 228 7.42 -47.94 20.18
N LEU C 229 6.72 -46.84 20.42
CA LEU C 229 7.34 -45.68 21.03
C LEU C 229 7.66 -45.94 22.50
N ARG C 230 6.76 -46.64 23.19
CA ARG C 230 7.04 -47.05 24.58
C ARG C 230 8.28 -47.97 24.65
N ASP C 231 8.40 -48.90 23.71
CA ASP C 231 9.54 -49.82 23.69
C ASP C 231 10.86 -49.06 23.57
N ARG C 232 10.84 -47.91 22.91
CA ARG C 232 12.03 -47.12 22.71
C ARG C 232 12.20 -46.00 23.75
N GLY C 233 11.33 -45.98 24.76
CA GLY C 233 11.38 -44.97 25.81
C GLY C 233 11.11 -43.55 25.32
N LEU C 234 10.16 -43.40 24.40
CA LEU C 234 9.94 -42.10 23.77
C LEU C 234 8.59 -41.48 24.09
N LEU C 235 7.92 -41.99 25.12
CA LEU C 235 6.58 -41.49 25.46
C LEU C 235 6.65 -40.07 25.99
N ASN C 236 7.83 -39.62 26.40
CA ASN C 236 7.99 -38.25 26.88
C ASN C 236 7.95 -37.23 25.75
N ARG C 237 7.69 -37.68 24.53
CA ARG C 237 7.51 -36.78 23.39
C ARG C 237 6.17 -36.96 22.66
N VAL C 238 5.27 -37.73 23.27
CA VAL C 238 3.97 -38.04 22.66
C VAL C 238 2.84 -37.36 23.42
N MET C 239 1.93 -36.70 22.69
CA MET C 239 0.69 -36.20 23.30
C MET C 239 -0.53 -36.73 22.55
N LEU C 240 -1.70 -36.71 23.21
CA LEU C 240 -2.87 -37.40 22.70
C LEU C 240 -4.06 -36.47 22.59
N SER C 241 -4.99 -36.79 21.68
CA SER C 241 -6.22 -36.02 21.59
C SER C 241 -7.20 -36.74 20.68
N MET C 242 -8.41 -36.19 20.60
CA MET C 242 -9.49 -36.68 19.76
C MET C 242 -9.68 -35.84 18.48
N ASP C 243 -9.29 -34.56 18.53
CA ASP C 243 -9.52 -33.63 17.40
C ASP C 243 -11.00 -33.66 16.96
N ILE C 244 -11.90 -33.50 17.93
CA ILE C 244 -13.32 -33.38 17.62
C ILE C 244 -13.49 -32.22 16.64
N THR C 245 -14.18 -32.46 15.53
CA THR C 245 -14.34 -31.43 14.51
C THR C 245 -15.77 -31.31 13.98
N ARG C 246 -16.63 -32.28 14.29
CA ARG C 246 -17.96 -32.37 13.68
C ARG C 246 -19.09 -32.55 14.67
N ARG C 247 -20.27 -32.04 14.33
CA ARG C 247 -21.43 -32.23 15.21
C ARG C 247 -21.67 -33.73 15.43
N SER C 248 -21.49 -34.52 14.38
CA SER C 248 -21.71 -35.95 14.48
C SER C 248 -20.73 -36.67 15.42
N HIS C 249 -19.68 -35.97 15.87
CA HIS C 249 -18.76 -36.52 16.87
C HIS C 249 -19.29 -36.42 18.30
N LEU C 250 -20.25 -35.54 18.53
CA LEU C 250 -20.71 -35.27 19.88
C LEU C 250 -21.67 -36.36 20.38
N LYS C 251 -21.55 -36.73 21.64
CA LYS C 251 -22.42 -37.78 22.19
C LYS C 251 -23.90 -37.45 22.00
N ALA C 252 -24.27 -36.18 22.10
CA ALA C 252 -25.67 -35.80 22.01
C ALA C 252 -26.24 -36.04 20.62
N ASN C 253 -25.37 -36.15 19.62
CA ASN C 253 -25.80 -36.48 18.26
C ASN C 253 -25.47 -37.91 17.90
N GLY C 254 -25.24 -38.75 18.91
CA GLY C 254 -24.96 -40.15 18.67
C GLY C 254 -23.50 -40.50 18.47
N GLY C 255 -22.62 -39.52 18.66
CA GLY C 255 -21.20 -39.74 18.45
C GLY C 255 -20.46 -40.21 19.68
N TYR C 256 -19.14 -40.36 19.59
CA TYR C 256 -18.38 -40.90 20.71
C TYR C 256 -17.94 -39.87 21.77
N GLY C 257 -17.89 -38.59 21.39
CA GLY C 257 -17.60 -37.54 22.35
C GLY C 257 -16.11 -37.36 22.65
N TYR C 258 -15.79 -36.24 23.29
CA TYR C 258 -14.39 -35.94 23.63
C TYR C 258 -13.85 -36.97 24.63
N ASP C 259 -14.69 -37.39 25.58
CA ASP C 259 -14.19 -38.22 26.67
C ASP C 259 -14.00 -39.70 26.30
N TYR C 260 -14.29 -40.03 25.05
CA TYR C 260 -13.99 -41.35 24.52
C TYR C 260 -12.53 -41.72 24.76
N LEU C 261 -11.65 -40.72 24.71
CA LEU C 261 -10.23 -40.92 24.99
C LEU C 261 -10.03 -41.62 26.34
N LEU C 262 -10.80 -41.18 27.34
CA LEU C 262 -10.65 -41.71 28.69
C LEU C 262 -11.60 -42.85 29.05
N THR C 263 -12.75 -42.91 28.40
CA THR C 263 -13.68 -43.98 28.74
C THR C 263 -13.32 -45.26 28.03
N THR C 264 -12.66 -45.15 26.89
CA THR C 264 -12.54 -46.29 26.00
C THR C 264 -11.12 -46.52 25.47
N PHE C 265 -10.49 -45.47 24.97
CA PHE C 265 -9.17 -45.66 24.37
C PHE C 265 -8.10 -45.98 25.41
N ILE C 266 -8.02 -45.15 26.45
CA ILE C 266 -7.00 -45.36 27.48
C ILE C 266 -7.19 -46.70 28.19
N PRO C 267 -8.44 -47.07 28.52
CA PRO C 267 -8.60 -48.42 29.06
C PRO C 267 -7.99 -49.54 28.18
N GLN C 268 -8.11 -49.44 26.86
CA GLN C 268 -7.58 -50.50 26.03
C GLN C 268 -6.05 -50.41 26.03
N LEU C 269 -5.54 -49.18 26.07
CA LEU C 269 -4.11 -48.96 26.13
C LEU C 269 -3.54 -49.56 27.40
N ARG C 270 -4.26 -49.38 28.52
CA ARG C 270 -3.87 -50.01 29.79
C ARG C 270 -3.88 -51.53 29.63
N GLN C 271 -4.95 -52.06 29.03
CA GLN C 271 -5.08 -53.52 28.90
C GLN C 271 -3.96 -54.10 28.04
N SER C 272 -3.48 -53.30 27.10
CA SER C 272 -2.40 -53.74 26.22
C SER C 272 -1.03 -53.67 26.88
N GLY C 273 -0.98 -53.17 28.12
CA GLY C 273 0.25 -53.20 28.88
C GLY C 273 0.83 -51.85 29.32
N PHE C 274 0.16 -50.75 28.97
CA PHE C 274 0.60 -49.43 29.44
C PHE C 274 0.28 -49.28 30.92
N SER C 275 1.20 -48.69 31.69
CA SER C 275 0.94 -48.41 33.10
C SER C 275 0.23 -47.06 33.26
N GLN C 276 -0.29 -46.80 34.46
CA GLN C 276 -0.83 -45.49 34.77
C GLN C 276 0.21 -44.40 34.57
N ALA C 277 1.45 -44.67 34.99
CA ALA C 277 2.54 -43.72 34.82
C ALA C 277 2.79 -43.37 33.35
N ASP C 278 2.69 -44.35 32.46
CA ASP C 278 2.85 -44.14 31.01
C ASP C 278 1.77 -43.20 30.48
N VAL C 279 0.54 -43.45 30.91
CA VAL C 279 -0.57 -42.59 30.54
C VAL C 279 -0.35 -41.16 31.06
N ASP C 280 0.06 -41.03 32.33
CA ASP C 280 0.24 -39.70 32.91
C ASP C 280 1.33 -38.88 32.23
N VAL C 281 2.37 -39.55 31.75
CA VAL C 281 3.41 -38.85 30.98
C VAL C 281 2.81 -38.17 29.76
N MET C 282 1.95 -38.88 29.03
CA MET C 282 1.39 -38.34 27.81
C MET C 282 0.28 -37.32 28.08
N LEU C 283 -0.56 -37.58 29.08
CA LEU C 283 -1.74 -36.76 29.29
C LEU C 283 -1.50 -35.60 30.24
N ARG C 284 -0.47 -35.71 31.08
CA ARG C 284 -0.24 -34.68 32.10
C ARG C 284 1.16 -34.07 32.02
N GLU C 285 2.19 -34.90 32.14
CA GLU C 285 3.55 -34.37 32.23
C GLU C 285 4.00 -33.66 30.96
N ASN C 286 3.79 -34.29 29.80
CA ASN C 286 4.22 -33.67 28.56
C ASN C 286 3.51 -32.33 28.26
N PRO C 287 2.18 -32.29 28.35
CA PRO C 287 1.51 -31.02 28.02
C PRO C 287 1.83 -29.91 29.04
N SER C 288 2.01 -30.27 30.30
CA SER C 288 2.43 -29.30 31.31
C SER C 288 3.78 -28.69 30.97
N GLN C 289 4.66 -29.51 30.40
CA GLN C 289 5.98 -29.04 29.98
C GLN C 289 5.89 -28.23 28.68
N PHE C 290 5.13 -28.74 27.72
CA PHE C 290 5.07 -28.16 26.38
C PHE C 290 4.24 -26.87 26.30
N PHE C 291 3.07 -26.84 26.94
CA PHE C 291 2.14 -25.73 26.69
C PHE C 291 2.30 -24.54 27.60
N GLN C 292 2.96 -24.73 28.73
CA GLN C 292 3.24 -23.59 29.60
C GLN C 292 4.46 -22.82 29.09
N PHE D 3 4.71 12.64 -31.64
CA PHE D 3 4.98 11.85 -30.44
C PHE D 3 5.34 10.43 -30.83
N ASP D 4 6.46 9.95 -30.32
CA ASP D 4 6.96 8.61 -30.64
C ASP D 4 6.84 7.67 -29.43
N PRO D 5 5.85 6.77 -29.46
CA PRO D 5 5.60 5.91 -28.29
C PRO D 5 6.63 4.82 -28.09
N THR D 6 7.55 4.65 -29.04
CA THR D 6 8.58 3.63 -28.91
C THR D 6 9.77 4.10 -28.07
N GLY D 7 9.84 5.40 -27.77
CA GLY D 7 10.95 5.90 -26.98
C GLY D 7 10.54 6.38 -25.59
N TYR D 8 11.52 6.81 -24.80
CA TYR D 8 11.23 7.39 -23.50
C TYR D 8 10.69 8.80 -23.64
N THR D 9 9.95 9.21 -22.62
CA THR D 9 9.39 10.57 -22.54
C THR D 9 9.71 11.22 -21.20
N LEU D 10 10.23 12.44 -21.24
CA LEU D 10 10.32 13.24 -20.01
C LEU D 10 9.03 14.05 -19.88
N ALA D 11 8.29 13.80 -18.81
CA ALA D 11 6.91 14.30 -18.68
C ALA D 11 6.72 15.77 -18.35
N HIS D 12 7.77 16.44 -17.88
CA HIS D 12 7.64 17.84 -17.47
C HIS D 12 8.99 18.54 -17.59
N GLU D 13 9.18 19.27 -18.69
CA GLU D 13 10.40 20.02 -18.91
C GLU D 13 10.12 21.41 -19.44
N HIS D 14 11.13 22.27 -19.37
CA HIS D 14 11.11 23.52 -20.10
C HIS D 14 12.30 23.55 -21.04
N LEU D 15 12.08 24.05 -22.26
CA LEU D 15 13.13 24.24 -23.26
C LEU D 15 13.38 25.72 -23.48
N HIS D 16 12.32 26.52 -23.43
CA HIS D 16 12.46 27.97 -23.43
C HIS D 16 11.43 28.53 -22.47
N ILE D 17 11.92 29.03 -21.35
CA ILE D 17 11.07 29.61 -20.34
C ILE D 17 11.72 30.90 -19.85
N ASP D 18 10.93 31.93 -19.61
CA ASP D 18 11.49 33.16 -19.12
C ASP D 18 10.66 33.75 -17.98
N LEU D 19 11.02 33.37 -16.77
CA LEU D 19 10.45 33.95 -15.57
C LEU D 19 11.37 35.04 -14.99
N SER D 20 12.32 35.54 -15.78
CA SER D 20 13.26 36.54 -15.27
C SER D 20 12.62 37.90 -14.96
N GLY D 21 11.49 38.19 -15.60
CA GLY D 21 10.77 39.42 -15.33
C GLY D 21 10.16 39.35 -13.96
N PHE D 22 9.52 38.23 -13.67
CA PHE D 22 8.82 38.03 -12.41
C PHE D 22 9.80 37.98 -11.25
N LYS D 23 10.89 37.26 -11.46
CA LYS D 23 11.84 36.99 -10.39
C LYS D 23 13.03 37.95 -10.38
N ASN D 24 13.06 38.85 -11.36
CA ASN D 24 14.22 39.77 -11.52
C ASN D 24 15.55 39.03 -11.45
N ASN D 25 15.65 37.95 -12.20
CA ASN D 25 16.79 37.04 -12.11
C ASN D 25 17.05 36.37 -13.47
N VAL D 26 18.17 36.71 -14.12
CA VAL D 26 18.43 36.14 -15.46
C VAL D 26 18.65 34.67 -15.50
N ASP D 27 18.97 34.06 -14.35
CA ASP D 27 19.14 32.59 -14.32
C ASP D 27 17.81 31.95 -14.72
N CYS D 28 16.72 32.66 -14.49
CA CYS D 28 15.38 32.15 -14.80
C CYS D 28 14.97 32.38 -16.26
N ARG D 29 15.90 32.93 -17.06
CA ARG D 29 15.70 33.02 -18.51
C ARG D 29 16.41 31.87 -19.24
N LEU D 30 15.72 30.74 -19.38
CA LEU D 30 16.28 29.55 -20.02
C LEU D 30 16.12 29.65 -21.53
N ASP D 31 17.13 30.16 -22.21
CA ASP D 31 16.97 30.47 -23.63
C ASP D 31 18.24 30.24 -24.43
N GLN D 32 19.14 29.44 -23.88
CA GLN D 32 20.44 29.23 -24.50
C GLN D 32 20.35 28.07 -25.48
N TYR D 33 19.95 28.42 -26.69
CA TYR D 33 19.53 27.48 -27.73
C TYR D 33 20.55 26.37 -28.05
N ALA D 34 21.81 26.75 -28.30
CA ALA D 34 22.81 25.75 -28.66
C ALA D 34 23.03 24.74 -27.53
N PHE D 35 23.06 25.21 -26.29
CA PHE D 35 23.24 24.30 -25.15
C PHE D 35 22.04 23.38 -24.99
N ILE D 36 20.85 23.93 -25.17
CA ILE D 36 19.61 23.17 -25.07
C ILE D 36 19.58 22.06 -26.13
N CYS D 37 19.98 22.40 -27.35
CA CYS D 37 20.05 21.40 -28.41
C CYS D 37 21.00 20.27 -28.06
N GLN D 38 22.17 20.64 -27.54
CA GLN D 38 23.16 19.64 -27.11
C GLN D 38 22.57 18.75 -26.03
N GLU D 39 21.81 19.34 -25.11
CA GLU D 39 21.16 18.55 -24.05
C GLU D 39 20.15 17.58 -24.66
N MET D 40 19.41 18.04 -25.68
CA MET D 40 18.43 17.16 -26.32
C MET D 40 19.10 16.01 -27.07
N ASN D 41 20.22 16.31 -27.73
CA ASN D 41 21.03 15.25 -28.33
C ASN D 41 21.48 14.20 -27.31
N ASP D 42 21.95 14.64 -26.15
CA ASP D 42 22.31 13.72 -25.07
C ASP D 42 21.13 12.81 -24.65
N LEU D 43 19.95 13.39 -24.50
CA LEU D 43 18.76 12.61 -24.14
C LEU D 43 18.47 11.54 -25.19
N MET D 44 18.58 11.91 -26.47
N MET D 44 18.57 11.94 -26.46
CA MET D 44 18.23 10.97 -27.52
CA MET D 44 18.28 11.05 -27.58
C MET D 44 19.25 9.83 -27.63
C MET D 44 19.23 9.85 -27.60
N THR D 45 20.49 10.07 -27.24
CA THR D 45 21.46 8.97 -27.26
C THR D 45 21.08 7.94 -26.19
N ARG D 46 20.28 8.36 -25.21
CA ARG D 46 19.85 7.47 -24.14
C ARG D 46 18.41 6.98 -24.31
N GLY D 47 17.84 7.15 -25.50
CA GLY D 47 16.56 6.53 -25.83
C GLY D 47 15.34 7.42 -25.63
N VAL D 48 15.55 8.67 -25.20
CA VAL D 48 14.45 9.61 -25.08
C VAL D 48 14.06 10.12 -26.46
N ARG D 49 12.76 10.13 -26.76
CA ARG D 49 12.32 10.65 -28.05
C ARG D 49 11.35 11.80 -27.91
N ASN D 50 10.75 11.93 -26.72
CA ASN D 50 9.74 12.96 -26.50
C ASN D 50 10.01 13.77 -25.25
N VAL D 51 9.74 15.07 -25.32
CA VAL D 51 9.76 15.91 -24.15
C VAL D 51 8.46 16.71 -24.12
N ILE D 52 7.80 16.73 -22.97
CA ILE D 52 6.56 17.49 -22.82
C ILE D 52 6.87 18.86 -22.21
N GLU D 53 6.70 19.91 -23.00
CA GLU D 53 7.20 21.21 -22.62
C GLU D 53 6.08 21.97 -21.90
N MET D 54 6.41 22.54 -20.74
CA MET D 54 5.42 23.03 -19.78
C MET D 54 5.38 24.54 -19.69
N THR D 55 5.93 25.22 -20.69
CA THR D 55 5.98 26.68 -20.64
C THR D 55 4.79 27.24 -21.39
N ASN D 56 3.81 27.79 -20.68
CA ASN D 56 2.69 28.38 -21.41
C ASN D 56 3.00 29.84 -21.78
N ARG D 57 2.08 30.49 -22.49
CA ARG D 57 2.38 31.81 -23.09
C ARG D 57 3.05 32.83 -22.15
N TYR D 58 2.44 33.08 -21.00
CA TYR D 58 2.94 34.14 -20.13
C TYR D 58 4.05 33.69 -19.17
N MET D 59 4.57 32.49 -19.41
CA MET D 59 5.77 32.01 -18.77
C MET D 59 6.97 32.18 -19.71
N GLY D 60 6.71 32.81 -20.86
CA GLY D 60 7.76 33.10 -21.83
C GLY D 60 7.96 32.01 -22.87
N ARG D 61 6.88 31.34 -23.29
CA ARG D 61 6.97 30.28 -24.30
C ARG D 61 7.48 30.85 -25.62
N ASN D 62 8.25 30.06 -26.36
CA ASN D 62 8.65 30.45 -27.71
C ASN D 62 8.49 29.28 -28.68
N ALA D 63 7.39 29.26 -29.42
CA ALA D 63 7.13 28.16 -30.35
C ALA D 63 8.24 27.98 -31.39
N GLN D 64 8.74 29.08 -31.96
CA GLN D 64 9.73 28.92 -33.02
C GLN D 64 11.00 28.26 -32.51
N PHE D 65 11.40 28.62 -31.30
CA PHE D 65 12.57 28.04 -30.64
C PHE D 65 12.35 26.53 -30.51
N MET D 66 11.13 26.14 -30.10
CA MET D 66 10.85 24.72 -29.92
C MET D 66 10.86 23.99 -31.27
N LEU D 67 10.28 24.62 -32.28
CA LEU D 67 10.33 24.08 -33.66
C LEU D 67 11.77 23.91 -34.13
N ASP D 68 12.61 24.91 -33.83
CA ASP D 68 14.02 24.88 -34.22
C ASP D 68 14.75 23.72 -33.53
N VAL D 69 14.50 23.53 -32.24
CA VAL D 69 15.12 22.43 -31.50
C VAL D 69 14.75 21.09 -32.14
N MET D 70 13.46 20.96 -32.51
CA MET D 70 13.02 19.73 -33.17
C MET D 70 13.71 19.48 -34.50
N ARG D 71 13.87 20.54 -35.30
N ARG D 71 13.88 20.52 -35.31
CA ARG D 71 14.55 20.43 -36.60
CA ARG D 71 14.54 20.35 -36.60
C ARG D 71 16.00 20.02 -36.41
C ARG D 71 16.02 19.99 -36.39
N GLU D 72 16.65 20.64 -35.43
CA GLU D 72 18.08 20.46 -35.19
C GLU D 72 18.42 19.09 -34.62
N THR D 73 17.62 18.60 -33.68
CA THR D 73 17.95 17.38 -32.92
C THR D 73 17.11 16.16 -33.29
N GLY D 74 15.92 16.38 -33.81
CA GLY D 74 15.03 15.28 -34.13
C GLY D 74 14.18 14.81 -32.95
N ILE D 75 14.37 15.39 -31.78
CA ILE D 75 13.50 15.06 -30.64
C ILE D 75 12.07 15.58 -30.87
N ASN D 76 11.06 14.93 -30.27
CA ASN D 76 9.68 15.40 -30.37
C ASN D 76 9.38 16.26 -29.17
N VAL D 77 8.82 17.43 -29.40
CA VAL D 77 8.48 18.33 -28.31
C VAL D 77 6.97 18.56 -28.34
N VAL D 78 6.29 18.29 -27.23
CA VAL D 78 4.87 18.59 -27.13
C VAL D 78 4.72 19.95 -26.44
N ALA D 79 4.09 20.92 -27.09
CA ALA D 79 3.96 22.25 -26.52
C ALA D 79 2.67 22.36 -25.69
N CYS D 80 2.59 23.38 -24.84
CA CYS D 80 1.42 23.50 -23.99
C CYS D 80 0.72 24.85 -24.09
N THR D 81 -0.49 24.89 -23.53
CA THR D 81 -1.26 26.13 -23.39
C THR D 81 -1.82 26.22 -21.97
N GLY D 82 -1.98 27.44 -21.46
CA GLY D 82 -2.54 27.58 -20.13
C GLY D 82 -2.11 28.85 -19.41
N TYR D 83 -2.41 28.91 -18.12
CA TYR D 83 -1.92 29.97 -17.24
C TYR D 83 -1.31 29.30 -16.02
N TYR D 84 -0.32 29.98 -15.42
CA TYR D 84 0.62 29.33 -14.52
C TYR D 84 0.15 29.34 -13.07
N GLN D 85 0.34 30.47 -12.37
CA GLN D 85 -0.16 30.57 -10.99
C GLN D 85 -0.34 32.04 -10.62
N ASP D 86 -1.01 32.27 -9.49
CA ASP D 86 -1.50 33.60 -9.14
C ASP D 86 -0.48 34.75 -9.22
N ALA D 87 0.70 34.57 -8.63
CA ALA D 87 1.70 35.64 -8.61
C ALA D 87 2.25 35.95 -10.01
N PHE D 88 1.96 35.09 -10.97
CA PHE D 88 2.48 35.20 -12.32
C PHE D 88 1.40 35.49 -13.39
N PHE D 89 0.12 35.53 -13.00
CA PHE D 89 -0.94 35.81 -13.99
C PHE D 89 -0.87 37.22 -14.57
N PRO D 90 -1.10 37.36 -15.87
CA PRO D 90 -1.35 38.70 -16.42
C PRO D 90 -2.59 39.32 -15.80
N GLU D 91 -2.69 40.64 -15.84
CA GLU D 91 -3.87 41.33 -15.32
C GLU D 91 -5.19 40.83 -15.91
N HIS D 92 -5.17 40.45 -17.18
CA HIS D 92 -6.41 40.09 -17.86
C HIS D 92 -7.07 38.79 -17.39
N VAL D 93 -6.35 37.97 -16.63
CA VAL D 93 -6.95 36.75 -16.07
C VAL D 93 -8.10 37.14 -15.13
N ALA D 94 -7.98 38.29 -14.49
CA ALA D 94 -9.04 38.81 -13.62
C ALA D 94 -10.22 39.37 -14.42
N THR D 95 -9.91 40.11 -15.48
CA THR D 95 -10.95 40.81 -16.22
C THR D 95 -11.63 39.97 -17.32
N ARG D 96 -10.97 38.93 -17.83
CA ARG D 96 -11.59 38.12 -18.88
C ARG D 96 -12.48 37.05 -18.27
N SER D 97 -13.53 36.65 -18.98
CA SER D 97 -14.44 35.62 -18.48
C SER D 97 -13.77 34.26 -18.52
N VAL D 98 -14.33 33.30 -17.76
CA VAL D 98 -13.83 31.93 -17.81
C VAL D 98 -13.87 31.38 -19.23
N GLN D 99 -14.97 31.65 -19.92
CA GLN D 99 -15.11 31.21 -21.32
C GLN D 99 -14.04 31.81 -22.22
N GLU D 100 -13.66 33.07 -22.00
CA GLU D 100 -12.64 33.68 -22.86
C GLU D 100 -11.29 33.02 -22.63
N LEU D 101 -11.01 32.70 -21.37
CA LEU D 101 -9.73 32.07 -20.98
C LEU D 101 -9.68 30.69 -21.60
N ALA D 102 -10.80 29.97 -21.49
CA ALA D 102 -10.90 28.65 -22.10
C ALA D 102 -10.68 28.71 -23.60
N GLN D 103 -11.33 29.67 -24.28
CA GLN D 103 -11.25 29.78 -25.74
C GLN D 103 -9.82 30.05 -26.18
N GLU D 104 -9.08 30.81 -25.37
CA GLU D 104 -7.68 31.06 -25.69
C GLU D 104 -6.91 29.73 -25.79
N MET D 105 -7.12 28.86 -24.81
CA MET D 105 -6.46 27.57 -24.78
C MET D 105 -6.88 26.69 -25.94
N VAL D 106 -8.17 26.71 -26.25
CA VAL D 106 -8.70 25.93 -27.37
C VAL D 106 -8.07 26.38 -28.68
N ASP D 107 -7.93 27.69 -28.84
CA ASP D 107 -7.33 28.26 -30.05
C ASP D 107 -5.85 27.89 -30.18
N GLU D 108 -5.13 27.82 -29.05
CA GLU D 108 -3.72 27.45 -29.11
C GLU D 108 -3.54 25.96 -29.43
N ILE D 109 -4.51 25.15 -29.01
CA ILE D 109 -4.55 23.73 -29.37
C ILE D 109 -4.98 23.49 -30.81
N GLU D 110 -5.98 24.25 -31.28
CA GLU D 110 -6.55 24.00 -32.59
C GLU D 110 -5.93 24.81 -33.74
N GLN D 111 -5.45 26.02 -33.45
CA GLN D 111 -4.94 26.91 -34.50
C GLN D 111 -3.42 26.96 -34.50
N GLY D 112 -2.84 27.11 -33.31
CA GLY D 112 -1.40 27.22 -33.21
C GLY D 112 -0.94 28.24 -32.19
N ILE D 113 0.37 28.30 -31.99
CA ILE D 113 0.92 29.18 -30.97
C ILE D 113 2.03 30.10 -31.49
N ASP D 114 2.10 31.30 -30.93
CA ASP D 114 3.21 32.23 -31.13
C ASP D 114 3.51 32.49 -32.60
N GLY D 115 2.47 32.59 -33.42
CA GLY D 115 2.64 32.93 -34.82
C GLY D 115 3.09 31.81 -35.73
N THR D 116 3.16 30.58 -35.21
CA THR D 116 3.71 29.48 -35.98
C THR D 116 2.65 28.43 -36.23
N GLU D 117 3.00 27.38 -36.94
CA GLU D 117 2.07 26.27 -37.17
C GLU D 117 2.12 25.21 -36.07
N LEU D 118 3.01 25.40 -35.09
CA LEU D 118 3.03 24.50 -33.95
C LEU D 118 1.76 24.69 -33.13
N LYS D 119 1.15 23.58 -32.72
CA LYS D 119 -0.05 23.61 -31.90
C LYS D 119 0.24 23.04 -30.51
N ALA D 120 -0.47 23.52 -29.50
CA ALA D 120 -0.36 22.95 -28.17
C ALA D 120 -1.00 21.57 -28.15
N GLY D 121 -0.34 20.62 -27.47
CA GLY D 121 -0.84 19.26 -27.37
C GLY D 121 -1.26 18.93 -25.94
N ILE D 122 -1.04 19.86 -25.02
CA ILE D 122 -1.47 19.63 -23.63
C ILE D 122 -1.83 20.95 -22.95
N ILE D 123 -2.67 20.87 -21.93
CA ILE D 123 -3.07 22.03 -21.15
C ILE D 123 -2.22 22.00 -19.89
N ALA D 124 -1.28 22.93 -19.77
CA ALA D 124 -0.22 22.80 -18.76
C ALA D 124 0.59 24.10 -18.72
N GLU D 125 1.51 24.24 -17.76
CA GLU D 125 1.36 23.62 -16.44
C GLU D 125 0.46 24.54 -15.68
N ILE D 126 -0.73 24.07 -15.33
N ILE D 126 -0.69 24.01 -15.24
CA ILE D 126 -1.63 24.95 -14.60
CA ILE D 126 -1.73 24.81 -14.56
C ILE D 126 -1.42 24.75 -13.12
C ILE D 126 -1.56 24.73 -13.05
N GLY D 127 -1.29 25.85 -12.39
CA GLY D 127 -0.85 25.77 -11.02
C GLY D 127 -1.68 26.42 -9.93
N THR D 128 -1.39 25.99 -8.72
CA THR D 128 -1.94 26.60 -7.52
C THR D 128 -0.76 27.09 -6.68
N SER D 129 -1.05 27.96 -5.71
CA SER D 129 -0.03 28.57 -4.89
C SER D 129 0.37 27.66 -3.74
N GLU D 130 1.36 28.09 -2.96
CA GLU D 130 1.88 27.23 -1.90
C GLU D 130 0.90 27.15 -0.75
N GLY D 131 0.32 25.97 -0.55
CA GLY D 131 -0.60 25.76 0.54
C GLY D 131 -2.00 26.33 0.37
N LYS D 132 -2.31 26.88 -0.81
CA LYS D 132 -3.65 27.41 -1.05
C LYS D 132 -4.00 27.51 -2.54
N ILE D 133 -5.31 27.53 -2.82
CA ILE D 133 -5.81 27.87 -4.14
C ILE D 133 -6.41 29.28 -4.08
N THR D 134 -5.95 30.17 -4.96
CA THR D 134 -6.48 31.53 -4.99
C THR D 134 -7.71 31.56 -5.87
N PRO D 135 -8.59 32.57 -5.69
CA PRO D 135 -9.76 32.72 -6.57
C PRO D 135 -9.42 32.68 -8.07
N LEU D 136 -8.34 33.35 -8.49
CA LEU D 136 -8.01 33.34 -9.92
C LEU D 136 -7.44 32.00 -10.39
N GLU D 137 -6.73 31.29 -9.51
CA GLU D 137 -6.29 29.94 -9.85
C GLU D 137 -7.50 29.02 -10.01
N GLU D 138 -8.49 29.15 -9.13
CA GLU D 138 -9.70 28.34 -9.29
C GLU D 138 -10.33 28.59 -10.66
N LYS D 139 -10.35 29.87 -11.06
CA LYS D 139 -10.95 30.29 -12.32
C LYS D 139 -10.20 29.66 -13.50
N VAL D 140 -8.86 29.67 -13.43
CA VAL D 140 -8.02 29.06 -14.45
C VAL D 140 -8.27 27.56 -14.58
N PHE D 141 -8.37 26.86 -13.44
CA PHE D 141 -8.67 25.42 -13.50
C PHE D 141 -10.02 25.16 -14.13
N ILE D 142 -11.00 26.00 -13.82
CA ILE D 142 -12.31 25.82 -14.43
C ILE D 142 -12.21 26.01 -15.95
N ALA D 143 -11.45 27.03 -16.33
CA ALA D 143 -11.24 27.28 -17.76
C ALA D 143 -10.47 26.10 -18.40
N ALA D 144 -9.53 25.52 -17.66
CA ALA D 144 -8.77 24.37 -18.16
C ALA D 144 -9.70 23.18 -18.41
N ALA D 145 -10.63 22.93 -17.48
CA ALA D 145 -11.61 21.85 -17.61
C ALA D 145 -12.46 22.08 -18.85
N LEU D 146 -12.85 23.34 -19.05
CA LEU D 146 -13.64 23.70 -20.23
C LEU D 146 -12.89 23.38 -21.53
N ALA D 147 -11.63 23.81 -21.58
CA ALA D 147 -10.79 23.55 -22.74
C ALA D 147 -10.57 22.06 -22.95
N HIS D 148 -10.37 21.32 -21.86
CA HIS D 148 -10.24 19.88 -21.96
C HIS D 148 -11.49 19.25 -22.57
N ASN D 149 -12.65 19.68 -22.09
CA ASN D 149 -13.86 19.11 -22.65
C ASN D 149 -14.12 19.50 -24.10
N GLN D 150 -13.55 20.61 -24.51
CA GLN D 150 -13.75 21.08 -25.89
C GLN D 150 -12.78 20.40 -26.87
N THR D 151 -11.58 20.06 -26.40
CA THR D 151 -10.51 19.57 -27.29
C THR D 151 -10.08 18.11 -27.05
N GLY D 152 -10.30 17.60 -25.85
CA GLY D 152 -9.81 16.27 -25.51
C GLY D 152 -8.33 16.18 -25.15
N ARG D 153 -7.63 17.32 -25.09
CA ARG D 153 -6.23 17.29 -24.66
C ARG D 153 -6.15 17.18 -23.13
N PRO D 154 -5.16 16.43 -22.63
CA PRO D 154 -5.09 16.19 -21.19
C PRO D 154 -4.55 17.43 -20.44
N ILE D 155 -4.56 17.36 -19.12
CA ILE D 155 -4.17 18.47 -18.26
C ILE D 155 -2.99 18.06 -17.41
N SER D 156 -2.00 18.93 -17.28
CA SER D 156 -0.84 18.65 -16.44
C SER D 156 -0.72 19.81 -15.47
N THR D 157 -0.67 19.51 -14.18
CA THR D 157 -0.76 20.60 -13.22
C THR D 157 0.58 20.96 -12.58
N HIS D 158 0.60 22.11 -11.92
CA HIS D 158 1.72 22.51 -11.10
C HIS D 158 1.24 22.53 -9.67
N THR D 159 1.92 21.82 -8.76
CA THR D 159 1.65 22.04 -7.34
C THR D 159 2.85 22.74 -6.73
N SER D 160 2.60 23.75 -5.91
CA SER D 160 3.72 24.48 -5.29
C SER D 160 4.17 23.73 -4.05
N PHE D 161 5.43 23.28 -4.07
CA PHE D 161 5.97 22.44 -3.01
C PHE D 161 5.03 21.30 -2.61
N SER D 162 4.46 20.66 -3.62
CA SER D 162 3.70 19.42 -3.44
C SER D 162 2.44 19.62 -2.59
N THR D 163 1.85 20.81 -2.66
CA THR D 163 0.60 21.08 -1.93
C THR D 163 -0.58 21.28 -2.89
N MET D 164 -1.77 20.99 -2.35
CA MET D 164 -3.06 21.24 -3.00
C MET D 164 -3.44 20.29 -4.15
N GLY D 165 -2.67 19.23 -4.36
CA GLY D 165 -2.97 18.31 -5.45
C GLY D 165 -4.38 17.71 -5.38
N LEU D 166 -4.75 17.24 -4.20
CA LEU D 166 -6.05 16.60 -4.03
C LEU D 166 -7.18 17.60 -4.28
N GLU D 167 -6.96 18.85 -3.89
CA GLU D 167 -7.93 19.91 -4.15
C GLU D 167 -8.04 20.22 -5.64
N GLN D 168 -6.91 20.17 -6.34
CA GLN D 168 -6.94 20.36 -7.79
C GLN D 168 -7.80 19.27 -8.42
N LEU D 169 -7.58 18.04 -8.00
CA LEU D 169 -8.31 16.92 -8.58
C LEU D 169 -9.81 17.04 -8.33
N ALA D 170 -10.20 17.41 -7.11
CA ALA D 170 -11.63 17.54 -6.79
C ALA D 170 -12.29 18.59 -7.68
N LEU D 171 -11.62 19.71 -7.87
CA LEU D 171 -12.13 20.80 -8.70
C LEU D 171 -12.28 20.34 -10.14
N LEU D 172 -11.24 19.72 -10.67
CA LEU D 172 -11.30 19.22 -12.05
C LEU D 172 -12.41 18.16 -12.22
N GLN D 173 -12.53 17.23 -11.28
CA GLN D 173 -13.57 16.21 -11.37
C GLN D 173 -14.94 16.86 -11.28
N ALA D 174 -15.07 17.85 -10.40
CA ALA D 174 -16.33 18.56 -10.26
C ALA D 174 -16.73 19.27 -11.55
N HIS D 175 -15.78 19.53 -12.44
CA HIS D 175 -16.07 20.24 -13.68
C HIS D 175 -15.93 19.35 -14.90
N GLY D 176 -16.12 18.06 -14.70
CA GLY D 176 -16.33 17.13 -15.79
C GLY D 176 -15.09 16.62 -16.48
N VAL D 177 -13.95 16.60 -15.78
CA VAL D 177 -12.73 16.02 -16.34
C VAL D 177 -12.49 14.65 -15.72
N ASP D 178 -12.37 13.62 -16.55
CA ASP D 178 -11.99 12.31 -16.03
C ASP D 178 -10.55 12.37 -15.57
N LEU D 179 -10.29 11.88 -14.37
CA LEU D 179 -8.99 12.15 -13.75
C LEU D 179 -7.87 11.32 -14.40
N SER D 180 -8.24 10.34 -15.22
CA SER D 180 -7.27 9.64 -16.06
C SER D 180 -6.60 10.58 -17.07
N ARG D 181 -7.21 11.74 -17.30
CA ARG D 181 -6.66 12.71 -18.22
C ARG D 181 -5.92 13.83 -17.47
N VAL D 182 -5.64 13.62 -16.17
CA VAL D 182 -4.94 14.62 -15.39
C VAL D 182 -3.65 14.04 -14.82
N THR D 183 -2.55 14.78 -14.94
CA THR D 183 -1.32 14.36 -14.26
C THR D 183 -0.89 15.48 -13.31
N VAL D 184 -0.65 15.12 -12.05
CA VAL D 184 -0.36 16.14 -11.03
C VAL D 184 1.15 16.35 -10.95
N GLY D 185 1.61 17.58 -11.19
CA GLY D 185 3.03 17.88 -11.21
C GLY D 185 3.65 18.15 -9.85
N HIS D 186 4.95 17.90 -9.75
CA HIS D 186 5.75 18.23 -8.55
C HIS D 186 5.26 17.54 -7.29
N CYS D 187 4.96 16.25 -7.38
CA CYS D 187 4.54 15.52 -6.20
C CYS D 187 5.71 15.10 -5.33
N ASP D 188 6.92 15.43 -5.76
CA ASP D 188 8.11 14.89 -5.12
C ASP D 188 8.99 15.97 -4.48
N LEU D 189 8.39 16.89 -3.73
CA LEU D 189 9.14 17.95 -3.06
C LEU D 189 9.05 17.85 -1.54
N LYS D 190 8.35 16.82 -1.07
CA LYS D 190 8.23 16.54 0.36
C LYS D 190 7.79 15.10 0.55
N ASP D 191 7.85 14.61 1.80
CA ASP D 191 7.31 13.29 2.11
C ASP D 191 5.82 13.38 1.85
N ASN D 192 5.40 12.81 0.72
CA ASN D 192 4.08 13.09 0.18
C ASN D 192 3.28 11.85 -0.13
N LEU D 193 3.71 10.71 0.43
CA LEU D 193 3.14 9.41 0.09
C LEU D 193 1.63 9.31 0.34
N ASP D 194 1.18 9.77 1.51
CA ASP D 194 -0.25 9.74 1.85
C ASP D 194 -1.14 10.41 0.82
N ASN D 195 -0.77 11.61 0.39
CA ASN D 195 -1.53 12.34 -0.64
C ASN D 195 -1.42 11.68 -2.01
N ILE D 196 -0.23 11.21 -2.34
CA ILE D 196 0.01 10.56 -3.63
C ILE D 196 -0.88 9.33 -3.77
N LEU D 197 -0.99 8.58 -2.69
CA LEU D 197 -1.83 7.39 -2.70
C LEU D 197 -3.29 7.77 -2.95
N LYS D 198 -3.75 8.83 -2.29
CA LYS D 198 -5.11 9.33 -2.50
C LYS D 198 -5.34 9.81 -3.92
N MET D 199 -4.34 10.49 -4.49
CA MET D 199 -4.44 10.98 -5.85
C MET D 199 -4.55 9.85 -6.85
N ILE D 200 -3.73 8.83 -6.69
CA ILE D 200 -3.77 7.69 -7.58
C ILE D 200 -5.09 6.94 -7.42
N ASP D 201 -5.58 6.86 -6.19
CA ASP D 201 -6.83 6.17 -5.94
C ASP D 201 -7.98 6.88 -6.64
N LEU D 202 -7.85 8.19 -6.79
CA LEU D 202 -8.87 8.98 -7.46
C LEU D 202 -8.85 8.77 -8.98
N GLY D 203 -7.75 8.26 -9.50
CA GLY D 203 -7.65 7.96 -10.91
C GLY D 203 -6.58 8.74 -11.65
N ALA D 204 -5.98 9.71 -10.96
CA ALA D 204 -4.99 10.58 -11.59
C ALA D 204 -3.62 9.92 -11.76
N TYR D 205 -2.78 10.56 -12.57
CA TYR D 205 -1.37 10.24 -12.69
C TYR D 205 -0.60 11.19 -11.81
N VAL D 206 0.55 10.76 -11.29
CA VAL D 206 1.39 11.64 -10.50
C VAL D 206 2.79 11.72 -11.08
N GLN D 207 3.46 12.85 -10.89
CA GLN D 207 4.81 13.05 -11.42
C GLN D 207 5.85 13.31 -10.34
N PHE D 208 6.95 12.58 -10.44
CA PHE D 208 8.16 12.89 -9.72
C PHE D 208 9.01 13.62 -10.75
N ASP D 209 8.80 14.94 -10.86
CA ASP D 209 9.38 15.69 -11.97
C ASP D 209 10.42 16.72 -11.53
N THR D 210 10.90 16.62 -10.29
CA THR D 210 11.94 17.53 -9.83
C THR D 210 13.20 16.77 -9.40
N ILE D 211 13.42 15.63 -10.05
CA ILE D 211 14.64 14.86 -9.88
C ILE D 211 15.86 15.74 -10.09
N GLY D 212 16.84 15.60 -9.19
CA GLY D 212 18.02 16.45 -9.23
C GLY D 212 17.90 17.73 -8.42
N LYS D 213 16.68 18.14 -8.05
CA LYS D 213 16.51 19.37 -7.29
C LYS D 213 16.71 19.10 -5.80
N ASN D 214 17.94 18.76 -5.44
CA ASN D 214 18.26 18.24 -4.12
C ASN D 214 18.31 19.30 -3.02
N SER D 215 18.32 20.57 -3.42
CA SER D 215 18.30 21.63 -2.43
C SER D 215 16.90 21.81 -1.89
N TYR D 216 15.93 21.16 -2.55
CA TYR D 216 14.53 21.19 -2.13
C TYR D 216 14.14 19.92 -1.37
N TYR D 217 14.56 18.78 -1.91
CA TYR D 217 14.17 17.48 -1.38
C TYR D 217 15.17 16.48 -1.96
N PRO D 218 15.60 15.48 -1.20
CA PRO D 218 16.65 14.59 -1.71
C PRO D 218 16.19 13.46 -2.62
N ASP D 219 16.98 13.17 -3.66
CA ASP D 219 16.67 12.09 -4.58
C ASP D 219 16.51 10.72 -3.89
N GLU D 220 17.24 10.52 -2.79
CA GLU D 220 17.13 9.26 -2.05
C GLU D 220 15.71 9.07 -1.52
N LYS D 221 15.05 10.17 -1.18
CA LYS D 221 13.69 10.09 -0.67
C LYS D 221 12.64 9.96 -1.78
N ARG D 222 12.94 10.54 -2.94
CA ARG D 222 12.16 10.29 -4.15
C ARG D 222 12.19 8.80 -4.43
N ILE D 223 13.38 8.20 -4.32
CA ILE D 223 13.53 6.78 -4.62
C ILE D 223 12.73 5.92 -3.64
N ALA D 224 12.81 6.27 -2.36
CA ALA D 224 12.01 5.59 -1.35
C ALA D 224 10.51 5.67 -1.63
N MET D 225 10.02 6.83 -2.03
CA MET D 225 8.59 6.92 -2.39
C MET D 225 8.26 6.06 -3.59
N LEU D 226 9.17 6.00 -4.56
CA LEU D 226 8.95 5.16 -5.72
C LEU D 226 8.86 3.69 -5.31
N HIS D 227 9.72 3.27 -4.39
CA HIS D 227 9.67 1.89 -3.88
C HIS D 227 8.33 1.53 -3.23
N ALA D 228 7.78 2.49 -2.49
CA ALA D 228 6.50 2.28 -1.83
C ALA D 228 5.39 2.16 -2.88
N LEU D 229 5.49 2.93 -3.96
CA LEU D 229 4.52 2.84 -5.02
C LEU D 229 4.63 1.50 -5.76
N ARG D 230 5.86 1.07 -6.01
CA ARG D 230 6.10 -0.23 -6.64
C ARG D 230 5.59 -1.39 -5.76
N ASP D 231 5.80 -1.26 -4.45
CA ASP D 231 5.31 -2.24 -3.48
C ASP D 231 3.78 -2.40 -3.55
N ARG D 232 3.09 -1.36 -4.00
CA ARG D 232 1.64 -1.37 -4.07
C ARG D 232 1.12 -1.60 -5.47
N GLY D 233 2.02 -1.85 -6.41
CA GLY D 233 1.66 -2.07 -7.80
C GLY D 233 1.14 -0.83 -8.50
N LEU D 234 1.69 0.33 -8.15
CA LEU D 234 1.14 1.59 -8.63
C LEU D 234 2.06 2.36 -9.56
N LEU D 235 3.12 1.72 -10.05
CA LEU D 235 4.04 2.40 -10.96
C LEU D 235 3.36 2.78 -12.27
N ASN D 236 2.25 2.13 -12.60
CA ASN D 236 1.55 2.46 -13.84
C ASN D 236 0.84 3.82 -13.80
N ARG D 237 1.00 4.56 -12.70
CA ARG D 237 0.46 5.92 -12.63
C ARG D 237 1.50 7.00 -12.33
N VAL D 238 2.77 6.62 -12.45
CA VAL D 238 3.86 7.52 -12.12
C VAL D 238 4.66 7.88 -13.36
N MET D 239 4.94 9.15 -13.53
CA MET D 239 5.86 9.59 -14.59
C MET D 239 6.97 10.43 -13.99
N LEU D 240 8.05 10.60 -14.75
CA LEU D 240 9.29 11.16 -14.20
C LEU D 240 9.79 12.32 -15.06
N SER D 241 10.59 13.19 -14.46
CA SER D 241 11.19 14.29 -15.23
C SER D 241 12.17 15.06 -14.36
N MET D 242 12.84 16.04 -14.97
CA MET D 242 13.82 16.88 -14.26
C MET D 242 13.27 18.28 -13.97
N ASP D 243 12.29 18.72 -14.77
CA ASP D 243 11.80 20.11 -14.72
C ASP D 243 12.96 21.12 -14.77
N ILE D 244 13.81 21.01 -15.77
CA ILE D 244 14.85 22.01 -15.99
C ILE D 244 14.20 23.38 -16.19
N THR D 245 14.65 24.37 -15.44
CA THR D 245 14.04 25.69 -15.46
C THR D 245 15.05 26.83 -15.51
N ARG D 246 16.32 26.53 -15.26
CA ARG D 246 17.32 27.58 -15.09
C ARG D 246 18.57 27.37 -15.92
N ARG D 247 19.22 28.47 -16.33
CA ARG D 247 20.49 28.38 -17.03
C ARG D 247 21.50 27.56 -16.24
N SER D 248 21.52 27.78 -14.92
CA SER D 248 22.45 27.06 -14.04
C SER D 248 22.22 25.54 -13.97
N HIS D 249 21.11 25.04 -14.50
CA HIS D 249 20.86 23.60 -14.58
C HIS D 249 21.57 22.95 -15.76
N LEU D 250 21.99 23.75 -16.74
CA LEU D 250 22.54 23.18 -17.95
C LEU D 250 24.00 22.74 -17.76
N LYS D 251 24.37 21.61 -18.36
CA LYS D 251 25.74 21.14 -18.23
C LYS D 251 26.77 22.17 -18.71
N ALA D 252 26.46 22.85 -19.81
CA ALA D 252 27.37 23.89 -20.31
C ALA D 252 27.69 24.97 -19.28
N ASN D 253 26.80 25.14 -18.30
CA ASN D 253 27.00 26.12 -17.24
C ASN D 253 27.39 25.48 -15.91
N GLY D 254 27.79 24.22 -15.98
CA GLY D 254 28.25 23.51 -14.79
C GLY D 254 27.16 22.80 -14.02
N GLY D 255 25.97 22.71 -14.61
CA GLY D 255 24.83 22.06 -13.97
C GLY D 255 24.75 20.59 -14.32
N TYR D 256 23.68 19.91 -13.90
CA TYR D 256 23.59 18.47 -14.09
C TYR D 256 22.92 18.03 -15.40
N GLY D 257 22.15 18.94 -16.01
CA GLY D 257 21.57 18.68 -17.30
C GLY D 257 20.29 17.86 -17.29
N TYR D 258 19.62 17.78 -18.45
CA TYR D 258 18.39 16.99 -18.53
C TYR D 258 18.68 15.49 -18.38
N ASP D 259 19.80 15.03 -18.95
CA ASP D 259 20.08 13.58 -19.02
C ASP D 259 20.57 12.98 -17.69
N TYR D 260 20.71 13.83 -16.68
CA TYR D 260 20.99 13.36 -15.33
C TYR D 260 19.99 12.26 -14.90
N LEU D 261 18.75 12.41 -15.34
CA LEU D 261 17.72 11.40 -15.06
C LEU D 261 18.20 10.02 -15.48
N LEU D 262 18.79 9.95 -16.67
CA LEU D 262 19.20 8.67 -17.23
C LEU D 262 20.63 8.28 -16.87
N THR D 263 21.53 9.24 -16.68
CA THR D 263 22.91 8.88 -16.39
C THR D 263 23.11 8.55 -14.93
N THR D 264 22.25 9.08 -14.06
CA THR D 264 22.57 9.05 -12.64
C THR D 264 21.40 8.59 -11.78
N PHE D 265 20.24 9.21 -11.96
CA PHE D 265 19.09 8.84 -11.15
C PHE D 265 18.58 7.42 -11.45
N ILE D 266 18.36 7.10 -12.72
CA ILE D 266 17.88 5.76 -13.05
C ILE D 266 18.84 4.65 -12.61
N PRO D 267 20.17 4.82 -12.84
CA PRO D 267 21.08 3.81 -12.30
C PRO D 267 20.92 3.58 -10.80
N GLN D 268 20.70 4.67 -10.06
CA GLN D 268 20.56 4.60 -8.61
C GLN D 268 19.26 3.90 -8.23
N LEU D 269 18.24 4.12 -9.04
CA LEU D 269 16.95 3.49 -8.83
C LEU D 269 17.11 1.99 -9.11
N ARG D 270 17.89 1.66 -10.13
CA ARG D 270 18.15 0.26 -10.48
C ARG D 270 18.95 -0.45 -9.38
N GLN D 271 19.97 0.24 -8.87
CA GLN D 271 20.79 -0.33 -7.81
C GLN D 271 19.99 -0.53 -6.51
N SER D 272 18.94 0.27 -6.34
CA SER D 272 18.07 0.13 -5.18
C SER D 272 17.08 -1.02 -5.34
N GLY D 273 17.02 -1.61 -6.54
CA GLY D 273 16.21 -2.78 -6.75
C GLY D 273 15.12 -2.72 -7.82
N PHE D 274 15.05 -1.61 -8.56
CA PHE D 274 14.10 -1.53 -9.68
C PHE D 274 14.61 -2.33 -10.88
N SER D 275 13.70 -2.97 -11.59
CA SER D 275 14.04 -3.70 -12.81
C SER D 275 13.94 -2.78 -14.02
N GLN D 276 14.50 -3.19 -15.14
CA GLN D 276 14.38 -2.42 -16.37
C GLN D 276 12.90 -2.29 -16.76
N ALA D 277 12.14 -3.34 -16.47
CA ALA D 277 10.69 -3.31 -16.71
C ALA D 277 10.00 -2.22 -15.92
N ASP D 278 10.38 -2.04 -14.65
CA ASP D 278 9.81 -0.98 -13.81
C ASP D 278 10.10 0.39 -14.39
N VAL D 279 11.33 0.59 -14.82
CA VAL D 279 11.74 1.86 -15.42
C VAL D 279 10.97 2.13 -16.71
N ASP D 280 10.83 1.12 -17.56
CA ASP D 280 10.13 1.26 -18.83
C ASP D 280 8.65 1.62 -18.65
N VAL D 281 8.03 1.14 -17.58
CA VAL D 281 6.65 1.49 -17.31
C VAL D 281 6.53 3.00 -17.12
N MET D 282 7.42 3.57 -16.31
CA MET D 282 7.35 5.01 -15.98
C MET D 282 7.80 5.89 -17.15
N LEU D 283 8.79 5.45 -17.90
CA LEU D 283 9.43 6.32 -18.90
C LEU D 283 8.87 6.14 -20.30
N ARG D 284 8.23 5.00 -20.57
CA ARG D 284 7.69 4.75 -21.91
C ARG D 284 6.19 4.43 -21.92
N GLU D 285 5.76 3.39 -21.20
CA GLU D 285 4.38 2.93 -21.27
C GLU D 285 3.38 3.96 -20.75
N ASN D 286 3.62 4.47 -19.54
CA ASN D 286 2.74 5.51 -18.98
C ASN D 286 2.60 6.76 -19.85
N PRO D 287 3.73 7.38 -20.24
CA PRO D 287 3.57 8.56 -21.11
C PRO D 287 2.91 8.26 -22.46
N SER D 288 3.20 7.10 -23.06
CA SER D 288 2.52 6.73 -24.30
C SER D 288 1.01 6.62 -24.11
N GLN D 289 0.58 6.06 -22.98
CA GLN D 289 -0.83 6.02 -22.66
C GLN D 289 -1.40 7.42 -22.40
N PHE D 290 -0.71 8.19 -21.57
CA PHE D 290 -1.24 9.45 -21.10
C PHE D 290 -1.24 10.59 -22.13
N PHE D 291 -0.18 10.69 -22.93
CA PHE D 291 0.00 11.92 -23.72
C PHE D 291 -0.57 11.86 -25.13
N GLN D 292 -0.97 10.68 -25.58
CA GLN D 292 -1.48 10.58 -26.94
C GLN D 292 -2.99 10.78 -27.01
N PHE E 3 -42.11 -3.87 16.62
CA PHE E 3 -42.15 -5.20 17.21
C PHE E 3 -42.19 -6.29 16.14
N ASP E 4 -41.31 -7.29 16.27
CA ASP E 4 -41.27 -8.40 15.33
C ASP E 4 -41.76 -9.69 15.99
N PRO E 5 -42.93 -10.17 15.57
CA PRO E 5 -43.60 -11.32 16.20
C PRO E 5 -43.03 -12.66 15.77
N THR E 6 -42.17 -12.66 14.75
CA THR E 6 -41.59 -13.92 14.28
C THR E 6 -40.35 -14.27 15.09
N GLY E 7 -39.86 -13.33 15.88
CA GLY E 7 -38.68 -13.57 16.68
C GLY E 7 -38.98 -13.79 18.15
N TYR E 8 -37.95 -14.18 18.89
CA TYR E 8 -38.07 -14.39 20.32
C TYR E 8 -38.08 -13.04 21.03
N THR E 9 -38.63 -13.02 22.24
CA THR E 9 -38.76 -11.81 23.04
C THR E 9 -38.29 -12.04 24.46
N LEU E 10 -37.42 -11.16 24.96
CA LEU E 10 -37.05 -11.19 26.38
C LEU E 10 -38.03 -10.27 27.08
N ALA E 11 -38.81 -10.82 28.01
CA ALA E 11 -39.95 -10.11 28.59
C ALA E 11 -39.66 -9.08 29.70
N HIS E 12 -38.48 -9.14 30.31
CA HIS E 12 -38.14 -8.22 31.39
C HIS E 12 -36.64 -7.99 31.39
N GLU E 13 -36.19 -6.89 30.79
CA GLU E 13 -34.77 -6.58 30.79
C GLU E 13 -34.52 -5.12 31.09
N HIS E 14 -33.25 -4.78 31.31
CA HIS E 14 -32.84 -3.38 31.41
C HIS E 14 -31.64 -3.21 30.52
N LEU E 15 -31.62 -2.13 29.76
CA LEU E 15 -30.48 -1.84 28.91
C LEU E 15 -29.75 -0.64 29.50
N HIS E 16 -30.50 0.26 30.14
CA HIS E 16 -29.89 1.38 30.84
C HIS E 16 -30.70 1.66 32.10
N ILE E 17 -30.10 1.37 33.24
CA ILE E 17 -30.75 1.55 34.54
C ILE E 17 -29.69 2.09 35.50
N ASP E 18 -30.05 3.04 36.36
CA ASP E 18 -29.06 3.57 37.31
C ASP E 18 -29.60 3.65 38.72
N LEU E 19 -29.32 2.62 39.51
CA LEU E 19 -29.72 2.63 40.91
C LEU E 19 -28.47 2.74 41.78
N SER E 20 -27.38 3.19 41.18
CA SER E 20 -26.10 3.29 41.90
C SER E 20 -26.20 4.25 43.09
N GLY E 21 -27.00 5.29 42.95
CA GLY E 21 -27.23 6.20 44.05
C GLY E 21 -27.93 5.52 45.21
N PHE E 22 -29.10 4.94 44.92
CA PHE E 22 -29.92 4.29 45.94
C PHE E 22 -29.16 3.20 46.67
N LYS E 23 -28.40 2.40 45.93
CA LYS E 23 -27.73 1.24 46.48
C LYS E 23 -26.26 1.50 46.85
N ASN E 24 -25.78 2.70 46.56
CA ASN E 24 -24.40 3.08 46.85
C ASN E 24 -23.43 2.05 46.30
N ASN E 25 -23.58 1.76 45.01
CA ASN E 25 -22.83 0.69 44.37
C ASN E 25 -22.75 0.97 42.87
N VAL E 26 -21.55 1.27 42.37
CA VAL E 26 -21.41 1.60 40.96
C VAL E 26 -21.79 0.43 40.03
N ASP E 27 -21.86 -0.78 40.58
CA ASP E 27 -22.22 -1.95 39.76
C ASP E 27 -23.65 -1.82 39.27
N CYS E 28 -24.45 -1.03 39.98
CA CYS E 28 -25.86 -0.84 39.67
C CYS E 28 -26.08 0.27 38.67
N ARG E 29 -24.99 0.81 38.13
CA ARG E 29 -25.08 1.78 37.05
C ARG E 29 -24.84 1.07 35.72
N LEU E 30 -25.90 0.54 35.12
CA LEU E 30 -25.80 -0.17 33.86
C LEU E 30 -25.87 0.80 32.70
N ASP E 31 -24.72 1.21 32.18
CA ASP E 31 -24.69 2.27 31.17
C ASP E 31 -23.58 2.09 30.13
N GLN E 32 -23.10 0.84 30.01
CA GLN E 32 -21.99 0.58 29.13
C GLN E 32 -22.45 0.31 27.71
N TYR E 33 -22.62 1.38 26.95
CA TYR E 33 -23.18 1.35 25.60
C TYR E 33 -22.60 0.28 24.66
N ALA E 34 -21.29 0.33 24.45
CA ALA E 34 -20.64 -0.62 23.53
C ALA E 34 -20.84 -2.07 23.94
N PHE E 35 -20.65 -2.37 25.22
CA PHE E 35 -20.89 -3.71 25.75
C PHE E 35 -22.36 -4.13 25.51
N ILE E 36 -23.28 -3.23 25.82
CA ILE E 36 -24.71 -3.55 25.68
C ILE E 36 -25.06 -3.82 24.23
N CYS E 37 -24.48 -3.03 23.32
CA CYS E 37 -24.70 -3.22 21.89
C CYS E 37 -24.27 -4.61 21.45
N GLN E 38 -23.10 -5.05 21.89
CA GLN E 38 -22.62 -6.39 21.53
C GLN E 38 -23.55 -7.48 22.08
N GLU E 39 -24.03 -7.32 23.30
CA GLU E 39 -24.99 -8.27 23.87
C GLU E 39 -26.25 -8.36 23.01
N MET E 40 -26.68 -7.24 22.45
CA MET E 40 -27.89 -7.26 21.63
C MET E 40 -27.63 -7.97 20.30
N ASN E 41 -26.45 -7.73 19.72
CA ASN E 41 -26.03 -8.48 18.55
C ASN E 41 -26.05 -9.98 18.86
N ASP E 42 -25.50 -10.34 20.02
CA ASP E 42 -25.51 -11.73 20.48
C ASP E 42 -26.93 -12.27 20.57
N LEU E 43 -27.86 -11.49 21.12
CA LEU E 43 -29.26 -11.92 21.20
C LEU E 43 -29.83 -12.11 19.81
N MET E 44 -29.53 -11.17 18.92
CA MET E 44 -30.03 -11.22 17.56
C MET E 44 -29.59 -12.50 16.84
N THR E 45 -28.37 -12.95 17.09
CA THR E 45 -27.88 -14.16 16.43
C THR E 45 -28.59 -15.42 16.96
N ARG E 46 -29.15 -15.35 18.16
N ARG E 46 -29.14 -15.35 18.16
CA ARG E 46 -29.83 -16.51 18.72
CA ARG E 46 -29.83 -16.51 18.72
C ARG E 46 -31.34 -16.44 18.49
C ARG E 46 -31.34 -16.43 18.50
N GLY E 47 -31.77 -15.55 17.61
CA GLY E 47 -33.17 -15.46 17.24
C GLY E 47 -34.00 -14.42 17.96
N VAL E 48 -33.44 -13.76 18.97
CA VAL E 48 -34.18 -12.73 19.71
C VAL E 48 -34.33 -11.45 18.88
N ARG E 49 -35.54 -10.94 18.78
CA ARG E 49 -35.80 -9.73 18.00
C ARG E 49 -36.34 -8.60 18.85
N ASN E 50 -36.87 -8.95 20.03
CA ASN E 50 -37.49 -7.96 20.92
C ASN E 50 -37.04 -8.05 22.37
N VAL E 51 -36.82 -6.90 22.97
CA VAL E 51 -36.48 -6.81 24.38
C VAL E 51 -37.44 -5.81 25.05
N ILE E 52 -38.13 -6.23 26.10
CA ILE E 52 -39.04 -5.32 26.79
C ILE E 52 -38.31 -4.65 27.95
N GLU E 53 -38.05 -3.35 27.82
CA GLU E 53 -37.18 -2.66 28.77
C GLU E 53 -38.00 -2.11 29.95
N MET E 54 -37.55 -2.40 31.17
CA MET E 54 -38.36 -2.18 32.36
C MET E 54 -37.91 -1.00 33.19
N THR E 55 -37.08 -0.13 32.63
CA THR E 55 -36.53 0.99 33.39
C THR E 55 -37.44 2.19 33.22
N ASN E 56 -38.21 2.53 34.25
CA ASN E 56 -39.01 3.75 34.17
C ASN E 56 -38.23 4.97 34.65
N ARG E 57 -38.85 6.15 34.55
CA ARG E 57 -38.08 7.40 34.58
C ARG E 57 -37.12 7.51 35.75
N TYR E 58 -37.62 7.30 36.95
CA TYR E 58 -36.81 7.54 38.14
C TYR E 58 -35.98 6.33 38.56
N MET E 59 -35.88 5.35 37.66
CA MET E 59 -34.94 4.24 37.81
C MET E 59 -33.68 4.49 37.00
N GLY E 60 -33.62 5.66 36.36
CA GLY E 60 -32.48 6.01 35.53
C GLY E 60 -32.67 5.71 34.05
N ARG E 61 -33.91 5.70 33.58
CA ARG E 61 -34.19 5.47 32.16
C ARG E 61 -33.48 6.45 31.22
N ASN E 62 -32.99 5.94 30.10
CA ASN E 62 -32.32 6.77 29.09
C ASN E 62 -32.87 6.45 27.70
N ALA E 63 -33.83 7.24 27.25
CA ALA E 63 -34.48 7.02 25.97
C ALA E 63 -33.50 7.04 24.79
N GLN E 64 -32.60 8.02 24.77
CA GLN E 64 -31.66 8.15 23.67
C GLN E 64 -30.73 6.93 23.58
N PHE E 65 -30.26 6.48 24.73
CA PHE E 65 -29.43 5.28 24.80
C PHE E 65 -30.15 4.13 24.10
N MET E 66 -31.41 3.93 24.45
CA MET E 66 -32.20 2.86 23.86
C MET E 66 -32.44 3.04 22.36
N LEU E 67 -32.68 4.28 21.94
CA LEU E 67 -32.79 4.58 20.51
C LEU E 67 -31.51 4.23 19.77
N ASP E 68 -30.37 4.61 20.34
CA ASP E 68 -29.07 4.35 19.72
C ASP E 68 -28.79 2.86 19.59
N VAL E 69 -29.09 2.10 20.65
CA VAL E 69 -28.89 0.66 20.63
C VAL E 69 -29.72 -0.01 19.53
N MET E 70 -30.97 0.41 19.40
CA MET E 70 -31.81 -0.06 18.32
C MET E 70 -31.21 0.24 16.95
N ARG E 71 -30.75 1.49 16.77
CA ARG E 71 -30.16 1.91 15.50
C ARG E 71 -28.92 1.09 15.17
N GLU E 72 -28.08 0.88 16.17
CA GLU E 72 -26.82 0.18 15.96
C GLU E 72 -26.97 -1.35 15.76
N THR E 73 -27.95 -1.96 16.41
CA THR E 73 -28.04 -3.42 16.39
C THR E 73 -29.22 -4.02 15.63
N GLY E 74 -30.29 -3.25 15.45
CA GLY E 74 -31.50 -3.75 14.80
C GLY E 74 -32.48 -4.44 15.76
N ILE E 75 -32.10 -4.55 17.02
CA ILE E 75 -33.00 -5.14 18.00
C ILE E 75 -34.20 -4.20 18.23
N ASN E 76 -35.37 -4.75 18.53
CA ASN E 76 -36.51 -3.93 18.92
C ASN E 76 -36.54 -3.76 20.43
N VAL E 77 -36.53 -2.51 20.89
CA VAL E 77 -36.64 -2.26 22.31
C VAL E 77 -37.94 -1.54 22.63
N VAL E 78 -38.79 -2.14 23.46
CA VAL E 78 -40.03 -1.52 23.89
C VAL E 78 -39.76 -0.80 25.20
N ALA E 79 -40.04 0.50 25.24
CA ALA E 79 -39.71 1.27 26.44
C ALA E 79 -40.89 1.25 27.38
N CYS E 80 -40.66 1.60 28.64
CA CYS E 80 -41.76 1.60 29.58
C CYS E 80 -41.97 2.95 30.25
N THR E 81 -43.10 3.07 30.93
CA THR E 81 -43.43 4.21 31.75
C THR E 81 -44.01 3.71 33.07
N GLY E 82 -43.76 4.44 34.16
CA GLY E 82 -44.28 4.02 35.45
C GLY E 82 -43.52 4.53 36.65
N TYR E 83 -43.85 3.99 37.81
CA TYR E 83 -43.15 4.26 39.06
C TYR E 83 -42.78 2.92 39.69
N TYR E 84 -41.61 2.87 40.34
CA TYR E 84 -40.97 1.61 40.72
C TYR E 84 -41.52 0.96 42.00
N GLN E 85 -41.09 1.44 43.16
CA GLN E 85 -41.62 0.92 44.43
C GLN E 85 -41.34 1.95 45.52
N ASP E 86 -41.94 1.74 46.69
CA ASP E 86 -42.01 2.75 47.74
C ASP E 86 -40.68 3.41 48.10
N ALA E 87 -39.65 2.61 48.34
CA ALA E 87 -38.34 3.13 48.72
C ALA E 87 -37.71 4.04 47.65
N PHE E 88 -38.20 3.93 46.43
CA PHE E 88 -37.57 4.59 45.27
C PHE E 88 -38.41 5.72 44.67
N PHE E 89 -39.61 5.96 45.22
CA PHE E 89 -40.48 6.99 44.67
C PHE E 89 -39.92 8.40 44.89
N PRO E 90 -40.07 9.28 43.89
CA PRO E 90 -39.85 10.72 44.06
C PRO E 90 -40.87 11.28 45.03
N GLU E 91 -40.54 12.40 45.68
CA GLU E 91 -41.45 13.03 46.64
C GLU E 91 -42.84 13.31 46.08
N HIS E 92 -42.89 13.68 44.80
CA HIS E 92 -44.15 14.15 44.19
C HIS E 92 -45.20 13.07 44.03
N VAL E 93 -44.82 11.81 44.24
CA VAL E 93 -45.79 10.74 44.12
C VAL E 93 -46.84 10.89 45.21
N ALA E 94 -46.42 11.39 46.38
CA ALA E 94 -47.36 11.64 47.46
C ALA E 94 -48.17 12.94 47.23
N THR E 95 -47.56 13.94 46.61
CA THR E 95 -48.26 15.21 46.42
C THR E 95 -49.25 15.18 45.24
N ARG E 96 -48.86 14.54 44.14
CA ARG E 96 -49.70 14.48 42.95
C ARG E 96 -50.89 13.54 43.11
N SER E 97 -52.01 13.87 42.49
CA SER E 97 -53.18 12.99 42.51
C SER E 97 -52.99 11.78 41.59
N VAL E 98 -53.84 10.77 41.78
CA VAL E 98 -53.80 9.57 40.96
C VAL E 98 -54.05 9.86 39.48
N GLN E 99 -54.98 10.78 39.19
CA GLN E 99 -55.24 11.17 37.81
C GLN E 99 -54.03 11.86 37.18
N GLU E 100 -53.29 12.60 37.98
CA GLU E 100 -52.12 13.32 37.46
C GLU E 100 -50.99 12.33 37.20
N LEU E 101 -50.86 11.33 38.06
CA LEU E 101 -49.86 10.28 37.87
C LEU E 101 -50.18 9.47 36.62
N ALA E 102 -51.47 9.22 36.42
CA ALA E 102 -51.92 8.50 35.23
C ALA E 102 -51.63 9.28 33.95
N GLN E 103 -51.91 10.58 33.97
CA GLN E 103 -51.69 11.40 32.78
C GLN E 103 -50.23 11.41 32.38
N GLU E 104 -49.33 11.48 33.35
CA GLU E 104 -47.88 11.41 33.08
C GLU E 104 -47.53 10.16 32.27
N MET E 105 -48.08 9.03 32.71
CA MET E 105 -47.85 7.77 32.01
C MET E 105 -48.50 7.76 30.63
N VAL E 106 -49.72 8.31 30.56
CA VAL E 106 -50.43 8.41 29.30
C VAL E 106 -49.61 9.26 28.32
N ASP E 107 -49.05 10.36 28.81
CA ASP E 107 -48.25 11.25 27.96
C ASP E 107 -46.95 10.57 27.50
N GLU E 108 -46.35 9.75 28.37
CA GLU E 108 -45.13 9.06 27.97
C GLU E 108 -45.41 8.01 26.90
N ILE E 109 -46.62 7.46 26.90
CA ILE E 109 -47.07 6.53 25.88
C ILE E 109 -47.50 7.22 24.57
N GLU E 110 -48.24 8.32 24.69
CA GLU E 110 -48.86 8.96 23.52
C GLU E 110 -47.95 9.98 22.84
N GLN E 111 -47.11 10.63 23.63
CA GLN E 111 -46.33 11.75 23.12
C GLN E 111 -44.83 11.46 23.08
N GLY E 112 -44.28 10.88 24.13
CA GLY E 112 -42.88 10.53 24.10
C GLY E 112 -42.20 10.59 25.45
N ILE E 113 -40.98 10.04 25.51
CA ILE E 113 -40.23 9.99 26.75
C ILE E 113 -38.91 10.76 26.66
N ASP E 114 -38.52 11.38 27.77
CA ASP E 114 -37.22 12.05 27.92
C ASP E 114 -36.93 13.06 26.81
N GLY E 115 -37.99 13.55 26.17
CA GLY E 115 -37.88 14.52 25.10
C GLY E 115 -37.40 13.95 23.78
N THR E 116 -37.53 12.65 23.61
CA THR E 116 -37.13 12.01 22.36
C THR E 116 -38.34 11.57 21.56
N GLU E 117 -38.09 10.99 20.39
CA GLU E 117 -39.16 10.44 19.56
C GLU E 117 -39.68 9.11 20.11
N LEU E 118 -38.94 8.53 21.05
CA LEU E 118 -39.30 7.23 21.61
C LEU E 118 -40.55 7.33 22.48
N LYS E 119 -41.47 6.39 22.28
CA LYS E 119 -42.67 6.33 23.10
C LYS E 119 -42.68 5.07 23.97
N ALA E 120 -43.26 5.18 25.16
CA ALA E 120 -43.44 4.03 26.04
C ALA E 120 -44.46 3.09 25.42
N GLY E 121 -44.15 1.80 25.41
CA GLY E 121 -45.06 0.81 24.86
C GLY E 121 -45.71 -0.03 25.96
N ILE E 122 -45.30 0.21 27.19
CA ILE E 122 -45.82 -0.60 28.27
C ILE E 122 -45.75 0.17 29.57
N ILE E 123 -46.64 -0.16 30.50
CA ILE E 123 -46.62 0.41 31.85
C ILE E 123 -45.85 -0.56 32.75
N ALA E 124 -44.64 -0.17 33.20
CA ALA E 124 -43.73 -1.11 33.84
C ALA E 124 -42.50 -0.39 34.43
N GLU E 125 -41.66 -1.08 35.20
CA GLU E 125 -42.11 -2.22 36.00
C GLU E 125 -42.66 -1.59 37.27
N ILE E 126 -43.95 -1.78 37.51
CA ILE E 126 -44.58 -1.14 38.64
C ILE E 126 -44.61 -2.11 39.81
N GLY E 127 -44.04 -1.71 40.93
CA GLY E 127 -43.77 -2.67 41.95
C GLY E 127 -44.39 -2.44 43.30
N THR E 128 -44.42 -3.50 44.08
CA THR E 128 -44.82 -3.46 45.46
C THR E 128 -43.65 -3.91 46.32
N SER E 129 -43.72 -3.64 47.62
CA SER E 129 -42.64 -3.97 48.54
C SER E 129 -42.69 -5.43 48.98
N GLU E 130 -41.70 -5.86 49.76
CA GLU E 130 -41.66 -7.25 50.19
C GLU E 130 -42.78 -7.55 51.19
N GLY E 131 -43.70 -8.43 50.81
CA GLY E 131 -44.77 -8.84 51.69
C GLY E 131 -45.86 -7.80 51.96
N LYS E 132 -45.86 -6.71 51.20
CA LYS E 132 -46.89 -5.69 51.40
C LYS E 132 -47.00 -4.72 50.25
N ILE E 133 -48.21 -4.17 50.08
CA ILE E 133 -48.47 -3.06 49.19
C ILE E 133 -48.56 -1.82 50.07
N THR E 134 -47.73 -0.81 49.81
CA THR E 134 -47.73 0.39 50.66
C THR E 134 -48.78 1.34 50.14
N PRO E 135 -49.21 2.32 50.98
CA PRO E 135 -50.18 3.29 50.46
C PRO E 135 -49.79 3.96 49.16
N LEU E 136 -48.54 4.33 48.99
CA LEU E 136 -48.13 5.00 47.76
C LEU E 136 -48.06 4.02 46.58
N GLU E 137 -47.71 2.77 46.86
CA GLU E 137 -47.73 1.74 45.81
C GLU E 137 -49.16 1.49 45.30
N GLU E 138 -50.11 1.41 46.22
CA GLU E 138 -51.52 1.27 45.83
C GLU E 138 -51.92 2.42 44.91
N LYS E 139 -51.48 3.62 45.27
CA LYS E 139 -51.78 4.82 44.53
C LYS E 139 -51.20 4.76 43.11
N VAL E 140 -49.95 4.28 42.99
CA VAL E 140 -49.32 4.06 41.69
C VAL E 140 -50.07 3.03 40.84
N PHE E 141 -50.48 1.92 41.47
CA PHE E 141 -51.26 0.90 40.76
C PHE E 141 -52.61 1.41 40.24
N ILE E 142 -53.30 2.19 41.07
CA ILE E 142 -54.56 2.78 40.64
C ILE E 142 -54.31 3.68 39.42
N ALA E 143 -53.24 4.46 39.46
CA ALA E 143 -52.89 5.31 38.32
C ALA E 143 -52.52 4.46 37.10
N ALA E 144 -51.88 3.32 37.34
CA ALA E 144 -51.52 2.45 36.23
C ALA E 144 -52.79 1.89 35.60
N ALA E 145 -53.77 1.54 36.43
CA ALA E 145 -55.06 1.08 35.88
C ALA E 145 -55.71 2.18 35.02
N LEU E 146 -55.72 3.40 35.53
CA LEU E 146 -56.27 4.51 34.75
C LEU E 146 -55.55 4.71 33.42
N ALA E 147 -54.23 4.69 33.44
CA ALA E 147 -53.43 4.84 32.22
C ALA E 147 -53.68 3.69 31.24
N HIS E 148 -53.76 2.48 31.76
CA HIS E 148 -54.06 1.31 30.94
C HIS E 148 -55.44 1.41 30.29
N ASN E 149 -56.44 1.79 31.08
CA ASN E 149 -57.80 1.94 30.55
C ASN E 149 -57.88 2.99 29.45
N GLN E 150 -57.03 4.00 29.55
CA GLN E 150 -57.03 5.06 28.55
C GLN E 150 -56.31 4.68 27.26
N THR E 151 -55.17 4.01 27.36
CA THR E 151 -54.29 3.79 26.21
C THR E 151 -54.33 2.39 25.65
N GLY E 152 -54.74 1.43 26.47
CA GLY E 152 -54.73 0.03 26.05
C GLY E 152 -53.41 -0.70 26.25
N ARG E 153 -52.35 0.01 26.66
CA ARG E 153 -51.04 -0.62 26.81
C ARG E 153 -51.01 -1.51 28.05
N PRO E 154 -50.34 -2.68 27.96
CA PRO E 154 -50.31 -3.66 29.04
C PRO E 154 -49.53 -3.19 30.25
N ILE E 155 -49.72 -3.87 31.38
CA ILE E 155 -49.04 -3.60 32.62
C ILE E 155 -48.11 -4.77 32.97
N SER E 156 -46.88 -4.43 33.35
CA SER E 156 -45.92 -5.42 33.75
C SER E 156 -45.41 -5.04 35.12
N THR E 157 -45.51 -5.95 36.07
CA THR E 157 -45.27 -5.59 37.46
C THR E 157 -43.94 -6.11 38.02
N HIS E 158 -43.57 -5.56 39.16
CA HIS E 158 -42.45 -6.05 39.95
C HIS E 158 -43.02 -6.61 41.24
N THR E 159 -42.71 -7.86 41.57
CA THR E 159 -43.00 -8.36 42.90
C THR E 159 -41.68 -8.52 43.63
N SER E 160 -41.62 -8.07 44.89
CA SER E 160 -40.39 -8.21 45.66
C SER E 160 -40.32 -9.58 46.30
N PHE E 161 -39.28 -10.33 45.98
CA PHE E 161 -39.13 -11.70 46.47
C PHE E 161 -40.37 -12.56 46.16
N SER E 162 -40.96 -12.34 44.98
CA SER E 162 -42.12 -13.11 44.54
C SER E 162 -43.30 -13.00 45.51
N THR E 163 -43.47 -11.84 46.13
CA THR E 163 -44.65 -11.65 46.98
C THR E 163 -45.66 -10.68 46.40
N MET E 164 -46.91 -10.82 46.86
CA MET E 164 -48.01 -9.87 46.58
C MET E 164 -48.59 -9.88 45.16
N GLY E 165 -48.19 -10.84 44.32
CA GLY E 165 -48.68 -10.89 42.95
C GLY E 165 -50.20 -10.93 42.86
N LEU E 166 -50.80 -11.81 43.65
CA LEU E 166 -52.25 -11.94 43.65
C LEU E 166 -52.93 -10.64 44.11
N GLU E 167 -52.32 -9.98 45.10
CA GLU E 167 -52.88 -8.74 45.60
C GLU E 167 -52.78 -7.63 44.55
N GLN E 168 -51.71 -7.63 43.76
CA GLN E 168 -51.58 -6.68 42.65
C GLN E 168 -52.72 -6.90 41.66
N LEU E 169 -52.92 -8.15 41.28
CA LEU E 169 -53.99 -8.49 40.34
C LEU E 169 -55.37 -8.05 40.85
N ALA E 170 -55.63 -8.31 42.13
CA ALA E 170 -56.93 -7.91 42.70
C ALA E 170 -57.10 -6.41 42.65
N LEU E 171 -56.05 -5.65 42.95
CA LEU E 171 -56.11 -4.19 42.90
C LEU E 171 -56.37 -3.67 41.47
N LEU E 172 -55.70 -4.25 40.48
CA LEU E 172 -55.88 -3.80 39.11
C LEU E 172 -57.29 -4.14 38.60
N GLN E 173 -57.73 -5.36 38.90
CA GLN E 173 -59.09 -5.79 38.59
C GLN E 173 -60.15 -4.89 39.23
N ALA E 174 -59.89 -4.42 40.45
CA ALA E 174 -60.85 -3.54 41.14
C ALA E 174 -60.98 -2.17 40.48
N HIS E 175 -60.11 -1.89 39.52
CA HIS E 175 -60.18 -0.64 38.78
C HIS E 175 -60.30 -0.87 37.28
N GLY E 176 -60.83 -2.03 36.91
CA GLY E 176 -61.30 -2.25 35.56
C GLY E 176 -60.31 -2.86 34.57
N VAL E 177 -59.14 -3.27 35.05
CA VAL E 177 -58.14 -3.85 34.16
C VAL E 177 -58.46 -5.30 33.83
N ASP E 178 -58.59 -5.64 32.55
CA ASP E 178 -58.58 -7.04 32.10
C ASP E 178 -57.22 -7.68 32.43
N LEU E 179 -57.22 -8.74 33.22
CA LEU E 179 -55.95 -9.25 33.75
C LEU E 179 -55.10 -9.96 32.70
N SER E 180 -55.73 -10.26 31.55
CA SER E 180 -54.98 -10.81 30.42
C SER E 180 -53.99 -9.77 29.87
N ARG E 181 -54.14 -8.53 30.30
CA ARG E 181 -53.25 -7.45 29.89
C ARG E 181 -52.25 -7.10 31.00
N VAL E 182 -52.14 -8.01 31.96
CA VAL E 182 -51.17 -7.87 33.04
C VAL E 182 -50.23 -9.07 33.06
N THR E 183 -48.94 -8.79 33.22
CA THR E 183 -47.96 -9.83 33.45
C THR E 183 -47.25 -9.53 34.77
N VAL E 184 -47.18 -10.54 35.63
CA VAL E 184 -46.61 -10.42 36.97
C VAL E 184 -45.13 -10.79 36.94
N GLY E 185 -44.27 -9.83 37.29
CA GLY E 185 -42.84 -10.05 37.22
C GLY E 185 -42.25 -10.71 38.46
N HIS E 186 -41.10 -11.37 38.27
CA HIS E 186 -40.29 -11.95 39.35
C HIS E 186 -41.04 -13.01 40.14
N CYS E 187 -41.76 -13.89 39.42
CA CYS E 187 -42.48 -14.98 40.06
C CYS E 187 -41.58 -16.14 40.45
N ASP E 188 -40.29 -16.03 40.12
CA ASP E 188 -39.39 -17.18 40.21
C ASP E 188 -38.21 -16.96 41.16
N LEU E 189 -38.48 -16.38 42.33
CA LEU E 189 -37.45 -16.18 43.35
C LEU E 189 -37.65 -17.09 44.58
N LYS E 190 -38.62 -18.00 44.46
CA LYS E 190 -38.88 -18.99 45.51
C LYS E 190 -39.87 -20.00 44.94
N ASP E 191 -40.06 -21.13 45.63
CA ASP E 191 -41.11 -22.07 45.26
C ASP E 191 -42.42 -21.33 45.40
N ASN E 192 -43.10 -21.13 44.27
CA ASN E 192 -44.19 -20.18 44.21
C ASN E 192 -45.40 -20.71 43.44
N LEU E 193 -45.50 -22.03 43.33
CA LEU E 193 -46.45 -22.67 42.44
C LEU E 193 -47.90 -22.32 42.77
N ASP E 194 -48.27 -22.40 44.04
CA ASP E 194 -49.67 -22.21 44.42
C ASP E 194 -50.17 -20.82 44.04
N ASN E 195 -49.37 -19.80 44.35
CA ASN E 195 -49.70 -18.43 43.97
C ASN E 195 -49.69 -18.27 42.47
N ILE E 196 -48.72 -18.90 41.80
CA ILE E 196 -48.64 -18.84 40.34
C ILE E 196 -49.89 -19.43 39.69
N LEU E 197 -50.30 -20.60 40.17
CA LEU E 197 -51.52 -21.24 39.66
C LEU E 197 -52.75 -20.32 39.81
N LYS E 198 -52.83 -19.62 40.94
CA LYS E 198 -53.95 -18.71 41.18
C LYS E 198 -53.90 -17.45 40.30
N MET E 199 -52.70 -16.92 40.09
CA MET E 199 -52.54 -15.76 39.20
C MET E 199 -52.93 -16.11 37.77
N ILE E 200 -52.50 -17.28 37.32
CA ILE E 200 -52.84 -17.76 35.99
C ILE E 200 -54.35 -18.00 35.87
N ASP E 201 -54.96 -18.53 36.92
CA ASP E 201 -56.42 -18.73 36.96
C ASP E 201 -57.21 -17.44 36.80
N LEU E 202 -56.70 -16.36 37.39
CA LEU E 202 -57.29 -15.05 37.29
C LEU E 202 -57.23 -14.51 35.86
N GLY E 203 -56.39 -15.13 35.04
CA GLY E 203 -56.26 -14.74 33.64
C GLY E 203 -54.96 -14.02 33.31
N ALA E 204 -54.07 -13.87 34.29
CA ALA E 204 -52.84 -13.10 34.11
C ALA E 204 -51.72 -13.91 33.47
N TYR E 205 -50.68 -13.22 33.00
CA TYR E 205 -49.44 -13.85 32.58
C TYR E 205 -48.46 -13.78 33.74
N VAL E 206 -47.57 -14.76 33.83
CA VAL E 206 -46.55 -14.77 34.87
C VAL E 206 -45.17 -14.85 34.24
N GLN E 207 -44.16 -14.33 34.91
CA GLN E 207 -42.82 -14.30 34.35
C GLN E 207 -41.80 -14.97 35.24
N PHE E 208 -40.99 -15.84 34.63
CA PHE E 208 -39.81 -16.38 35.27
C PHE E 208 -38.70 -15.55 34.64
N ASP E 209 -38.42 -14.40 35.23
CA ASP E 209 -37.55 -13.42 34.59
C ASP E 209 -36.25 -13.19 35.36
N THR E 210 -35.94 -14.07 36.30
CA THR E 210 -34.70 -13.96 37.05
C THR E 210 -33.78 -15.17 36.80
N ILE E 211 -33.92 -15.80 35.64
CA ILE E 211 -33.09 -16.94 35.27
C ILE E 211 -31.62 -16.57 35.41
N GLY E 212 -30.86 -17.42 36.08
CA GLY E 212 -29.44 -17.17 36.27
C GLY E 212 -29.12 -16.52 37.61
N LYS E 213 -30.09 -15.87 38.22
CA LYS E 213 -29.88 -15.26 39.53
C LYS E 213 -29.97 -16.33 40.61
N ASN E 214 -28.91 -17.14 40.70
CA ASN E 214 -28.88 -18.34 41.55
C ASN E 214 -28.48 -18.07 43.00
N SER E 215 -28.01 -16.85 43.27
CA SER E 215 -27.70 -16.45 44.62
C SER E 215 -28.99 -16.40 45.44
N TYR E 216 -30.10 -16.14 44.76
CA TYR E 216 -31.40 -16.01 45.41
C TYR E 216 -32.17 -17.34 45.43
N TYR E 217 -32.02 -18.12 44.36
CA TYR E 217 -32.89 -19.26 44.09
C TYR E 217 -32.32 -20.04 42.90
N PRO E 218 -32.20 -21.37 43.02
CA PRO E 218 -31.49 -22.12 41.97
C PRO E 218 -32.30 -22.34 40.69
N ASP E 219 -31.61 -22.34 39.55
CA ASP E 219 -32.28 -22.52 38.26
C ASP E 219 -32.99 -23.88 38.19
N GLU E 220 -32.46 -24.87 38.89
CA GLU E 220 -33.05 -26.21 38.90
C GLU E 220 -34.47 -26.16 39.47
N LYS E 221 -34.66 -25.26 40.44
CA LYS E 221 -35.97 -25.06 41.06
C LYS E 221 -36.93 -24.34 40.11
N ARG E 222 -36.41 -23.39 39.33
CA ARG E 222 -37.21 -22.73 38.31
C ARG E 222 -37.70 -23.74 37.29
N ILE E 223 -36.81 -24.64 36.90
CA ILE E 223 -37.13 -25.65 35.88
C ILE E 223 -38.20 -26.61 36.41
N ALA E 224 -38.07 -27.00 37.67
CA ALA E 224 -39.10 -27.83 38.31
C ALA E 224 -40.47 -27.16 38.30
N MET E 225 -40.52 -25.86 38.56
CA MET E 225 -41.79 -25.14 38.55
C MET E 225 -42.36 -25.11 37.14
N LEU E 226 -41.49 -24.91 36.15
CA LEU E 226 -41.93 -24.88 34.76
C LEU E 226 -42.51 -26.22 34.34
N HIS E 227 -41.86 -27.31 34.76
CA HIS E 227 -42.40 -28.64 34.52
C HIS E 227 -43.78 -28.84 35.14
N ALA E 228 -43.98 -28.31 36.35
CA ALA E 228 -45.29 -28.39 36.99
C ALA E 228 -46.35 -27.66 36.17
N LEU E 229 -45.98 -26.49 35.61
CA LEU E 229 -46.91 -25.70 34.82
C LEU E 229 -47.17 -26.35 33.46
N ARG E 230 -46.15 -27.00 32.93
CA ARG E 230 -46.27 -27.73 31.68
C ARG E 230 -47.26 -28.89 31.83
N ASP E 231 -47.17 -29.59 32.96
CA ASP E 231 -48.03 -30.75 33.21
C ASP E 231 -49.49 -30.34 33.27
N ARG E 232 -49.74 -29.06 33.53
CA ARG E 232 -51.11 -28.56 33.63
C ARG E 232 -51.50 -27.77 32.39
N GLY E 233 -50.62 -27.72 31.40
CA GLY E 233 -50.90 -27.06 30.15
C GLY E 233 -50.99 -25.55 30.26
N LEU E 234 -50.19 -24.99 31.15
CA LEU E 234 -50.27 -23.57 31.47
C LEU E 234 -49.14 -22.75 30.88
N LEU E 235 -48.37 -23.36 29.96
CA LEU E 235 -47.23 -22.67 29.38
C LEU E 235 -47.64 -21.48 28.51
N ASN E 236 -48.91 -21.44 28.10
CA ASN E 236 -49.40 -20.31 27.32
C ASN E 236 -49.65 -19.07 28.17
N ARG E 237 -49.20 -19.10 29.41
CA ARG E 237 -49.28 -17.93 30.29
C ARG E 237 -47.95 -17.61 30.94
N VAL E 238 -46.88 -18.24 30.45
CA VAL E 238 -45.53 -18.05 30.98
C VAL E 238 -44.61 -17.32 30.01
N MET E 239 -43.89 -16.32 30.51
CA MET E 239 -42.85 -15.67 29.73
C MET E 239 -41.55 -15.64 30.53
N LEU E 240 -40.42 -15.50 29.84
CA LEU E 240 -39.10 -15.69 30.46
C LEU E 240 -38.19 -14.50 30.22
N SER E 241 -37.17 -14.35 31.05
CA SER E 241 -36.16 -13.32 30.86
C SER E 241 -35.02 -13.49 31.84
N MET E 242 -34.00 -12.64 31.70
CA MET E 242 -32.84 -12.70 32.58
C MET E 242 -32.87 -11.59 33.60
N ASP E 243 -33.58 -10.51 33.28
CA ASP E 243 -33.57 -9.30 34.12
C ASP E 243 -32.13 -8.85 34.44
N ILE E 244 -31.36 -8.59 33.39
CA ILE E 244 -30.03 -8.02 33.56
C ILE E 244 -30.11 -6.63 34.20
N THR E 245 -29.32 -6.39 35.24
CA THR E 245 -29.42 -5.14 36.01
C THR E 245 -28.07 -4.53 36.39
N ARG E 246 -27.00 -5.32 36.29
CA ARG E 246 -25.69 -4.88 36.76
C ARG E 246 -24.60 -5.02 35.71
N ARG E 247 -23.62 -4.12 35.78
CA ARG E 247 -22.42 -4.25 34.96
C ARG E 247 -21.82 -5.64 35.07
N SER E 248 -21.85 -6.21 36.26
CA SER E 248 -21.24 -7.52 36.49
C SER E 248 -21.98 -8.65 35.77
N HIS E 249 -23.18 -8.36 35.28
CA HIS E 249 -23.95 -9.34 34.51
C HIS E 249 -23.50 -9.43 33.04
N LEU E 250 -22.83 -8.40 32.53
CA LEU E 250 -22.42 -8.39 31.14
C LEU E 250 -21.23 -9.31 30.89
N LYS E 251 -21.24 -10.01 29.76
CA LYS E 251 -20.15 -10.95 29.44
C LYS E 251 -18.77 -10.29 29.41
N ALA E 252 -18.71 -9.05 28.96
CA ALA E 252 -17.44 -8.32 28.89
C ALA E 252 -16.84 -8.13 30.27
N ASN E 253 -17.67 -8.18 31.29
CA ASN E 253 -17.23 -8.07 32.68
C ASN E 253 -17.19 -9.43 33.36
N GLY E 254 -17.24 -10.49 32.56
CA GLY E 254 -17.16 -11.84 33.09
C GLY E 254 -18.50 -12.42 33.51
N GLY E 255 -19.59 -11.70 33.22
CA GLY E 255 -20.92 -12.16 33.58
C GLY E 255 -21.50 -13.14 32.56
N TYR E 256 -22.71 -13.62 32.78
CA TYR E 256 -23.26 -14.60 31.85
C TYR E 256 -23.97 -13.97 30.63
N GLY E 257 -24.30 -12.69 30.72
CA GLY E 257 -24.89 -11.98 29.59
C GLY E 257 -26.37 -12.22 29.34
N TYR E 258 -26.94 -11.45 28.43
CA TYR E 258 -28.37 -11.59 28.14
C TYR E 258 -28.68 -12.93 27.46
N ASP E 259 -27.77 -13.40 26.60
CA ASP E 259 -28.07 -14.56 25.75
C ASP E 259 -27.98 -15.92 26.48
N TYR E 260 -27.58 -15.86 27.75
CA TYR E 260 -27.52 -17.06 28.59
C TYR E 260 -28.84 -17.84 28.56
N LEU E 261 -29.96 -17.11 28.52
CA LEU E 261 -31.28 -17.74 28.45
C LEU E 261 -31.38 -18.71 27.28
N LEU E 262 -30.90 -18.28 26.13
CA LEU E 262 -30.96 -19.11 24.92
C LEU E 262 -29.81 -20.12 24.77
N THR E 263 -28.62 -19.77 25.21
CA THR E 263 -27.47 -20.68 25.04
C THR E 263 -27.46 -21.80 26.07
N THR E 264 -28.01 -21.53 27.24
CA THR E 264 -27.80 -22.41 28.38
C THR E 264 -29.11 -22.89 29.03
N PHE E 265 -29.94 -21.95 29.45
CA PHE E 265 -31.16 -22.31 30.17
C PHE E 265 -32.16 -23.07 29.29
N ILE E 266 -32.48 -22.52 28.13
CA ILE E 266 -33.37 -23.20 27.19
C ILE E 266 -32.91 -24.64 26.87
N PRO E 267 -31.62 -24.84 26.54
CA PRO E 267 -31.17 -26.23 26.38
C PRO E 267 -31.37 -27.11 27.63
N GLN E 268 -31.24 -26.55 28.82
CA GLN E 268 -31.46 -27.33 30.04
C GLN E 268 -32.92 -27.71 30.11
N LEU E 269 -33.78 -26.80 29.69
CA LEU E 269 -35.21 -27.07 29.64
C LEU E 269 -35.52 -28.19 28.63
N ARG E 270 -34.93 -28.08 27.44
CA ARG E 270 -35.12 -29.10 26.40
C ARG E 270 -34.59 -30.45 26.85
N GLN E 271 -33.46 -30.46 27.54
CA GLN E 271 -32.84 -31.70 28.00
C GLN E 271 -33.71 -32.36 29.08
N SER E 272 -34.47 -31.54 29.81
CA SER E 272 -35.30 -32.06 30.89
C SER E 272 -36.66 -32.57 30.40
N GLY E 273 -36.91 -32.46 29.10
CA GLY E 273 -38.14 -32.98 28.52
C GLY E 273 -39.01 -32.00 27.76
N PHE E 274 -38.75 -30.70 27.89
CA PHE E 274 -39.52 -29.70 27.12
C PHE E 274 -39.31 -29.84 25.62
N SER E 275 -40.38 -29.66 24.86
CA SER E 275 -40.32 -29.74 23.41
C SER E 275 -40.05 -28.38 22.79
N GLN E 276 -39.79 -28.37 21.50
CA GLN E 276 -39.65 -27.12 20.75
C GLN E 276 -40.89 -26.25 20.90
N ALA E 277 -42.06 -26.87 20.82
CA ALA E 277 -43.33 -26.15 20.96
C ALA E 277 -43.44 -25.50 22.33
N ASP E 278 -43.04 -26.23 23.36
CA ASP E 278 -43.09 -25.72 24.72
C ASP E 278 -42.24 -24.46 24.85
N VAL E 279 -41.05 -24.51 24.26
CA VAL E 279 -40.15 -23.36 24.36
C VAL E 279 -40.65 -22.19 23.51
N ASP E 280 -41.12 -22.49 22.30
CA ASP E 280 -41.58 -21.45 21.40
C ASP E 280 -42.83 -20.71 21.89
N VAL E 281 -43.67 -21.41 22.65
CA VAL E 281 -44.83 -20.76 23.27
C VAL E 281 -44.40 -19.62 24.22
N MET E 282 -43.40 -19.89 25.05
CA MET E 282 -42.99 -18.92 26.05
C MET E 282 -42.16 -17.80 25.44
N LEU E 283 -41.34 -18.13 24.45
CA LEU E 283 -40.38 -17.20 23.89
C LEU E 283 -40.90 -16.38 22.70
N ARG E 284 -41.84 -16.93 21.95
CA ARG E 284 -42.32 -16.26 20.73
C ARG E 284 -43.80 -15.93 20.78
N GLU E 285 -44.63 -16.95 20.97
CA GLU E 285 -46.07 -16.80 20.83
C GLU E 285 -46.70 -15.96 21.94
N ASN E 286 -46.38 -16.27 23.20
CA ASN E 286 -46.93 -15.50 24.31
C ASN E 286 -46.57 -14.01 24.22
N PRO E 287 -45.27 -13.70 24.04
CA PRO E 287 -44.92 -12.27 23.92
C PRO E 287 -45.56 -11.60 22.72
N SER E 288 -45.74 -12.33 21.62
CA SER E 288 -46.38 -11.73 20.47
C SER E 288 -47.84 -11.39 20.75
N GLN E 289 -48.49 -12.24 21.55
CA GLN E 289 -49.88 -11.99 21.91
C GLN E 289 -49.96 -10.85 22.94
N PHE E 290 -49.03 -10.84 23.89
CA PHE E 290 -49.14 -9.94 25.04
C PHE E 290 -48.69 -8.50 24.78
N PHE E 291 -47.51 -8.35 24.16
CA PHE E 291 -46.87 -7.05 24.05
C PHE E 291 -47.34 -6.20 22.87
N GLN E 292 -48.02 -6.83 21.91
CA GLN E 292 -48.64 -6.08 20.82
C GLN E 292 -50.02 -5.54 21.20
N SER F 2 43.82 6.18 -37.57
CA SER F 2 45.23 5.98 -37.22
C SER F 2 45.39 4.98 -36.07
N PHE F 3 44.42 4.08 -35.93
CA PHE F 3 44.60 2.89 -35.13
C PHE F 3 44.65 1.77 -36.15
N ASP F 4 45.61 0.85 -35.99
CA ASP F 4 45.74 -0.25 -36.92
C ASP F 4 45.22 -1.54 -36.30
N PRO F 5 43.97 -1.92 -36.62
CA PRO F 5 43.34 -3.10 -36.01
C PRO F 5 43.97 -4.42 -36.48
N THR F 6 44.83 -4.38 -37.48
CA THR F 6 45.46 -5.60 -37.97
C THR F 6 46.70 -5.98 -37.16
N GLY F 7 47.25 -5.04 -36.41
CA GLY F 7 48.44 -5.28 -35.61
C GLY F 7 48.17 -5.48 -34.13
N TYR F 8 49.20 -5.87 -33.39
CA TYR F 8 49.08 -6.02 -31.95
C TYR F 8 49.03 -4.66 -31.25
N THR F 9 48.44 -4.64 -30.06
CA THR F 9 48.33 -3.42 -29.27
C THR F 9 48.82 -3.65 -27.83
N LEU F 10 49.69 -2.77 -27.34
CA LEU F 10 50.07 -2.75 -25.93
C LEU F 10 49.07 -1.83 -25.24
N ALA F 11 48.27 -2.40 -24.34
CA ALA F 11 47.12 -1.69 -23.75
C ALA F 11 47.44 -0.65 -22.67
N HIS F 12 48.63 -0.70 -22.09
CA HIS F 12 48.99 0.24 -21.02
C HIS F 12 50.48 0.46 -20.99
N GLU F 13 50.93 1.57 -21.55
CA GLU F 13 52.35 1.89 -21.59
C GLU F 13 52.58 3.36 -21.33
N HIS F 14 53.83 3.72 -21.04
CA HIS F 14 54.22 5.12 -21.00
C HIS F 14 55.38 5.30 -21.97
N LEU F 15 55.35 6.40 -22.73
CA LEU F 15 56.45 6.75 -23.61
C LEU F 15 57.20 7.98 -23.09
N HIS F 16 56.48 8.87 -22.41
CA HIS F 16 57.10 10.01 -21.75
C HIS F 16 56.29 10.29 -20.49
N ILE F 17 56.89 10.01 -19.35
CA ILE F 17 56.26 10.25 -18.06
C ILE F 17 57.36 10.79 -17.16
N ASP F 18 57.01 11.70 -16.26
CA ASP F 18 58.00 12.25 -15.34
C ASP F 18 57.44 12.37 -13.95
N LEU F 19 57.75 11.37 -13.13
CA LEU F 19 57.37 11.44 -11.73
C LEU F 19 58.63 11.60 -10.89
N SER F 20 59.70 12.09 -11.50
CA SER F 20 60.97 12.22 -10.81
C SER F 20 60.92 13.26 -9.71
N GLY F 21 60.02 14.23 -9.85
CA GLY F 21 59.84 15.24 -8.82
C GLY F 21 59.15 14.65 -7.60
N PHE F 22 58.03 13.97 -7.82
CA PHE F 22 57.27 13.34 -6.73
C PHE F 22 58.12 12.32 -5.98
N LYS F 23 58.90 11.54 -6.73
CA LYS F 23 59.63 10.40 -6.17
C LYS F 23 61.10 10.69 -5.86
N ASN F 24 61.56 11.89 -6.21
CA ASN F 24 62.95 12.30 -5.99
C ASN F 24 63.92 11.24 -6.53
N ASN F 25 63.70 10.87 -7.80
CA ASN F 25 64.41 9.75 -8.41
C ASN F 25 64.52 9.96 -9.93
N VAL F 26 65.74 10.12 -10.43
CA VAL F 26 65.92 10.37 -11.86
C VAL F 26 65.43 9.22 -12.72
N ASP F 27 65.32 8.03 -12.14
CA ASP F 27 64.85 6.87 -12.91
C ASP F 27 63.40 7.04 -13.38
N CYS F 28 62.63 7.86 -12.68
CA CYS F 28 61.20 8.00 -12.94
C CYS F 28 60.92 9.07 -13.98
N ARG F 29 61.99 9.64 -14.55
CA ARG F 29 61.88 10.59 -15.66
C ARG F 29 62.12 9.85 -16.98
N LEU F 30 61.06 9.24 -17.52
CA LEU F 30 61.19 8.50 -18.76
C LEU F 30 61.09 9.45 -19.94
N ASP F 31 62.22 9.89 -20.46
CA ASP F 31 62.22 10.93 -21.48
C ASP F 31 63.33 10.77 -22.52
N GLN F 32 63.86 9.56 -22.65
CA GLN F 32 65.01 9.34 -23.53
C GLN F 32 64.54 9.00 -24.94
N TYR F 33 64.41 10.04 -25.75
CA TYR F 33 63.78 9.94 -27.06
C TYR F 33 64.39 8.91 -27.97
N ALA F 34 65.70 8.98 -28.21
CA ALA F 34 66.35 8.06 -29.13
C ALA F 34 66.14 6.59 -28.73
N PHE F 35 66.34 6.29 -27.45
CA PHE F 35 66.16 4.93 -26.94
C PHE F 35 64.71 4.46 -27.16
N ILE F 36 63.77 5.35 -26.87
CA ILE F 36 62.36 4.97 -26.94
C ILE F 36 61.93 4.76 -28.37
N CYS F 37 62.48 5.58 -29.28
CA CYS F 37 62.25 5.37 -30.70
C CYS F 37 62.70 3.99 -31.15
N GLN F 38 63.90 3.59 -30.74
CA GLN F 38 64.38 2.26 -31.10
C GLN F 38 63.50 1.15 -30.49
N GLU F 39 63.03 1.37 -29.25
CA GLU F 39 62.13 0.41 -28.62
C GLU F 39 60.86 0.27 -29.46
N MET F 40 60.36 1.39 -30.00
CA MET F 40 59.15 1.33 -30.81
C MET F 40 59.43 0.59 -32.11
N ASN F 41 60.59 0.85 -32.70
CA ASN F 41 61.02 0.11 -33.88
C ASN F 41 61.04 -1.38 -33.61
N ASP F 42 61.55 -1.77 -32.43
CA ASP F 42 61.57 -3.18 -32.04
C ASP F 42 60.15 -3.76 -31.93
N LEU F 43 59.22 -2.98 -31.39
CA LEU F 43 57.85 -3.46 -31.22
C LEU F 43 57.25 -3.71 -32.59
N MET F 44 57.51 -2.80 -33.51
N MET F 44 57.51 -2.82 -33.52
CA MET F 44 56.94 -2.84 -34.84
CA MET F 44 56.89 -2.93 -34.82
C MET F 44 57.40 -4.10 -35.57
C MET F 44 57.40 -4.13 -35.59
N THR F 45 58.67 -4.47 -35.39
CA THR F 45 59.20 -5.67 -36.04
C THR F 45 58.52 -6.92 -35.48
N ARG F 46 58.00 -6.82 -34.26
CA ARG F 46 57.33 -7.94 -33.61
C ARG F 46 55.82 -7.88 -33.84
N GLY F 47 55.38 -7.03 -34.76
CA GLY F 47 53.97 -6.96 -35.13
C GLY F 47 53.11 -5.98 -34.35
N VAL F 48 53.69 -5.24 -33.41
CA VAL F 48 52.93 -4.26 -32.64
C VAL F 48 52.76 -2.98 -33.46
N ARG F 49 51.51 -2.52 -33.61
CA ARG F 49 51.24 -1.33 -34.41
C ARG F 49 50.66 -0.19 -33.58
N ASN F 50 50.18 -0.51 -32.39
CA ASN F 50 49.51 0.48 -31.54
C ASN F 50 49.98 0.40 -30.10
N VAL F 51 50.10 1.57 -29.48
CA VAL F 51 50.48 1.66 -28.09
C VAL F 51 49.52 2.65 -27.42
N ILE F 52 48.90 2.23 -26.32
CA ILE F 52 47.99 3.09 -25.60
C ILE F 52 48.75 3.74 -24.44
N GLU F 53 48.98 5.05 -24.56
CA GLU F 53 49.83 5.77 -23.62
C GLU F 53 49.02 6.34 -22.44
N MET F 54 49.51 6.08 -21.25
CA MET F 54 48.72 6.27 -20.03
C MET F 54 49.17 7.46 -19.19
N THR F 55 50.04 8.31 -19.74
CA THR F 55 50.52 9.48 -19.02
C THR F 55 49.59 10.68 -19.21
N ASN F 56 48.80 11.02 -18.20
CA ASN F 56 47.98 12.22 -18.31
C ASN F 56 48.75 13.49 -17.89
N ARG F 57 48.12 14.65 -18.00
CA ARG F 57 48.85 15.92 -17.92
C ARG F 57 49.80 16.07 -16.73
N TYR F 58 49.29 15.84 -15.53
CA TYR F 58 50.11 16.10 -14.34
C TYR F 58 50.99 14.91 -13.93
N MET F 59 51.03 13.90 -14.79
CA MET F 59 52.02 12.82 -14.69
C MET F 59 53.23 13.14 -15.59
N GLY F 60 53.22 14.32 -16.23
CA GLY F 60 54.32 14.73 -17.06
C GLY F 60 54.20 14.31 -18.52
N ARG F 61 52.97 14.27 -19.03
CA ARG F 61 52.72 13.95 -20.43
C ARG F 61 53.46 14.92 -21.36
N ASN F 62 53.89 14.44 -22.52
CA ASN F 62 54.49 15.32 -23.53
C ASN F 62 53.96 14.96 -24.91
N ALA F 63 52.92 15.66 -25.35
CA ALA F 63 52.27 15.33 -26.62
C ALA F 63 53.21 15.45 -27.81
N GLN F 64 54.08 16.46 -27.79
CA GLN F 64 55.01 16.65 -28.91
C GLN F 64 55.98 15.48 -29.02
N PHE F 65 56.48 15.02 -27.88
CA PHE F 65 57.36 13.84 -27.82
C PHE F 65 56.63 12.67 -28.50
N MET F 66 55.37 12.48 -28.16
CA MET F 66 54.63 11.34 -28.71
C MET F 66 54.40 11.53 -30.20
N LEU F 67 54.18 12.77 -30.64
CA LEU F 67 54.04 13.03 -32.06
C LEU F 67 55.34 12.74 -32.79
N ASP F 68 56.46 13.12 -32.18
CA ASP F 68 57.78 12.86 -32.77
C ASP F 68 58.04 11.35 -32.92
N VAL F 69 57.72 10.58 -31.88
CA VAL F 69 57.92 9.13 -31.91
C VAL F 69 57.13 8.49 -33.04
N MET F 70 55.88 8.92 -33.19
CA MET F 70 55.02 8.42 -34.26
C MET F 70 55.59 8.74 -35.62
N ARG F 71 56.07 9.97 -35.78
CA ARG F 71 56.61 10.40 -37.07
C ARG F 71 57.84 9.56 -37.44
N GLU F 72 58.70 9.34 -36.45
CA GLU F 72 59.96 8.62 -36.68
C GLU F 72 59.77 7.13 -36.95
N THR F 73 58.85 6.49 -36.23
CA THR F 73 58.76 5.03 -36.19
C THR F 73 57.57 4.44 -36.94
N GLY F 74 56.52 5.22 -37.12
CA GLY F 74 55.32 4.72 -37.77
C GLY F 74 54.38 3.97 -36.83
N ILE F 75 54.75 3.86 -35.56
CA ILE F 75 53.86 3.24 -34.59
C ILE F 75 52.71 4.22 -34.28
N ASN F 76 51.54 3.69 -33.93
CA ASN F 76 50.42 4.55 -33.54
C ASN F 76 50.37 4.67 -32.03
N VAL F 77 50.32 5.91 -31.55
CA VAL F 77 50.24 6.15 -30.12
C VAL F 77 48.92 6.85 -29.82
N VAL F 78 48.13 6.25 -28.92
CA VAL F 78 46.87 6.84 -28.49
C VAL F 78 47.18 7.53 -27.18
N ALA F 79 46.98 8.85 -27.13
CA ALA F 79 47.28 9.65 -25.94
C ALA F 79 46.08 9.66 -24.99
N CYS F 80 46.30 10.01 -23.72
CA CYS F 80 45.18 10.04 -22.77
C CYS F 80 44.96 11.41 -22.11
N THR F 81 43.84 11.52 -21.43
CA THR F 81 43.54 12.68 -20.58
C THR F 81 42.99 12.12 -19.27
N GLY F 82 43.32 12.78 -18.16
CA GLY F 82 42.79 12.33 -16.90
C GLY F 82 43.52 12.88 -15.71
N TYR F 83 43.21 12.36 -14.53
CA TYR F 83 43.98 12.66 -13.31
C TYR F 83 44.34 11.32 -12.68
N TYR F 84 45.50 11.26 -12.05
CA TYR F 84 46.14 9.99 -11.73
C TYR F 84 45.63 9.33 -10.43
N GLN F 85 46.08 9.83 -9.28
CA GLN F 85 45.63 9.29 -7.99
C GLN F 85 45.89 10.30 -6.88
N ASP F 86 45.27 10.09 -5.73
CA ASP F 86 45.21 11.08 -4.65
C ASP F 86 46.51 11.82 -4.38
N ALA F 87 47.59 11.06 -4.22
CA ALA F 87 48.88 11.60 -3.79
C ALA F 87 49.53 12.47 -4.86
N PHE F 88 49.07 12.35 -6.09
CA PHE F 88 49.70 13.04 -7.21
C PHE F 88 48.83 14.15 -7.79
N PHE F 89 47.62 14.31 -7.27
CA PHE F 89 46.72 15.36 -7.78
C PHE F 89 47.27 16.76 -7.50
N PRO F 90 47.08 17.68 -8.46
CA PRO F 90 47.31 19.10 -8.18
C PRO F 90 46.24 19.62 -7.21
N GLU F 91 46.50 20.76 -6.56
CA GLU F 91 45.56 21.31 -5.58
C GLU F 91 44.19 21.62 -6.14
N HIS F 92 44.14 22.03 -7.40
CA HIS F 92 42.88 22.43 -8.03
C HIS F 92 41.85 21.31 -8.21
N VAL F 93 42.26 20.05 -8.05
CA VAL F 93 41.28 18.95 -8.08
C VAL F 93 40.27 19.12 -6.94
N ALA F 94 40.74 19.65 -5.81
CA ALA F 94 39.88 19.86 -4.65
C ALA F 94 38.89 21.00 -4.85
N THR F 95 39.31 22.04 -5.55
CA THR F 95 38.49 23.25 -5.63
C THR F 95 37.60 23.33 -6.87
N ARG F 96 37.98 22.66 -7.94
CA ARG F 96 37.15 22.65 -9.15
C ARG F 96 35.98 21.68 -9.02
N SER F 97 34.86 21.97 -9.67
CA SER F 97 33.71 21.06 -9.66
C SER F 97 33.97 19.85 -10.54
N VAL F 98 33.17 18.80 -10.38
CA VAL F 98 33.28 17.63 -11.25
C VAL F 98 33.00 18.02 -12.69
N GLN F 99 32.12 19.00 -12.90
CA GLN F 99 31.83 19.47 -14.26
C GLN F 99 33.04 20.13 -14.89
N GLU F 100 33.74 20.96 -14.12
CA GLU F 100 34.93 21.62 -14.62
C GLU F 100 36.05 20.64 -14.94
N LEU F 101 36.23 19.63 -14.08
CA LEU F 101 37.26 18.63 -14.34
C LEU F 101 36.90 17.82 -15.59
N ALA F 102 35.62 17.48 -15.72
CA ALA F 102 35.16 16.74 -16.90
C ALA F 102 35.39 17.55 -18.17
N GLN F 103 35.09 18.85 -18.12
CA GLN F 103 35.19 19.69 -19.30
C GLN F 103 36.64 19.77 -19.78
N GLU F 104 37.56 19.71 -18.83
CA GLU F 104 38.99 19.73 -19.14
C GLU F 104 39.38 18.49 -19.94
N MET F 105 38.85 17.34 -19.55
CA MET F 105 39.12 16.12 -20.28
C MET F 105 38.44 16.16 -21.66
N VAL F 106 37.21 16.66 -21.71
CA VAL F 106 36.50 16.80 -22.98
C VAL F 106 37.33 17.65 -23.94
N ASP F 107 37.89 18.75 -23.45
CA ASP F 107 38.67 19.64 -24.30
C ASP F 107 39.98 18.98 -24.79
N GLU F 108 40.60 18.15 -23.96
CA GLU F 108 41.81 17.43 -24.40
C GLU F 108 41.49 16.36 -25.44
N ILE F 109 40.28 15.81 -25.38
CA ILE F 109 39.78 14.87 -26.40
C ILE F 109 39.36 15.57 -27.71
N GLU F 110 38.67 16.70 -27.59
CA GLU F 110 38.06 17.35 -28.74
C GLU F 110 38.91 18.45 -29.39
N GLN F 111 39.70 19.15 -28.59
CA GLN F 111 40.48 20.27 -29.12
C GLN F 111 41.96 19.92 -29.27
N GLY F 112 42.56 19.35 -28.24
CA GLY F 112 43.94 18.89 -28.35
C GLY F 112 44.69 18.93 -27.03
N ILE F 113 45.91 18.41 -27.02
CA ILE F 113 46.68 18.40 -25.79
C ILE F 113 48.03 19.10 -25.91
N ASP F 114 48.45 19.72 -24.80
CA ASP F 114 49.79 20.28 -24.63
C ASP F 114 50.16 21.26 -25.74
N GLY F 115 49.18 22.01 -26.24
CA GLY F 115 49.43 22.99 -27.28
C GLY F 115 49.68 22.42 -28.67
N THR F 116 49.40 21.13 -28.87
CA THR F 116 49.67 20.51 -30.16
C THR F 116 48.40 20.09 -30.88
N GLU F 117 48.58 19.46 -32.04
CA GLU F 117 47.48 18.94 -32.84
C GLU F 117 47.04 17.55 -32.37
N LEU F 118 47.77 16.96 -31.43
CA LEU F 118 47.42 15.64 -30.93
C LEU F 118 46.25 15.76 -29.98
N LYS F 119 45.28 14.84 -30.09
CA LYS F 119 44.14 14.83 -29.19
C LYS F 119 44.16 13.54 -28.37
N ALA F 120 43.63 13.61 -27.15
CA ALA F 120 43.50 12.39 -26.34
C ALA F 120 42.41 11.50 -26.94
N GLY F 121 42.68 10.19 -26.97
CA GLY F 121 41.73 9.23 -27.49
C GLY F 121 41.18 8.30 -26.40
N ILE F 122 41.63 8.50 -25.16
CA ILE F 122 41.17 7.68 -24.02
C ILE F 122 41.28 8.49 -22.74
N ILE F 123 40.41 8.15 -21.77
CA ILE F 123 40.41 8.77 -20.46
C ILE F 123 41.19 7.82 -19.54
N ALA F 124 42.39 8.21 -19.13
CA ALA F 124 43.30 7.26 -18.50
C ALA F 124 44.53 8.00 -17.95
N GLU F 125 45.38 7.32 -17.17
CA GLU F 125 44.97 6.19 -16.36
C GLU F 125 44.44 6.79 -15.08
N ILE F 126 43.16 6.57 -14.81
CA ILE F 126 42.53 7.20 -13.66
C ILE F 126 42.52 6.20 -12.52
N GLY F 127 43.10 6.60 -11.39
CA GLY F 127 43.46 5.63 -10.37
C GLY F 127 42.85 5.82 -9.00
N THR F 128 42.93 4.76 -8.22
CA THR F 128 42.52 4.78 -6.84
C THR F 128 43.71 4.33 -6.00
N SER F 129 43.63 4.56 -4.70
CA SER F 129 44.75 4.29 -3.82
C SER F 129 44.73 2.82 -3.37
N GLU F 130 45.75 2.41 -2.64
CA GLU F 130 45.83 1.04 -2.16
C GLU F 130 44.75 0.78 -1.12
N GLY F 131 43.83 -0.12 -1.44
CA GLY F 131 42.81 -0.58 -0.50
C GLY F 131 41.70 0.43 -0.27
N LYS F 132 41.66 1.49 -1.08
CA LYS F 132 40.60 2.50 -0.91
C LYS F 132 40.48 3.50 -2.04
N ILE F 133 39.27 4.04 -2.18
CA ILE F 133 39.00 5.18 -3.03
C ILE F 133 38.87 6.41 -2.13
N THR F 134 39.72 7.41 -2.36
CA THR F 134 39.67 8.64 -1.58
C THR F 134 38.55 9.59 -2.07
N PRO F 135 38.16 10.57 -1.24
CA PRO F 135 37.13 11.51 -1.69
C PRO F 135 37.47 12.18 -3.03
N LEU F 136 38.72 12.58 -3.21
CA LEU F 136 39.12 13.22 -4.44
C LEU F 136 39.19 12.27 -5.62
N GLU F 137 39.57 11.02 -5.36
CA GLU F 137 39.55 10.02 -6.43
C GLU F 137 38.11 9.77 -6.91
N GLU F 138 37.18 9.72 -5.97
CA GLU F 138 35.76 9.52 -6.32
C GLU F 138 35.29 10.66 -7.24
N LYS F 139 35.70 11.86 -6.90
CA LYS F 139 35.40 13.05 -7.68
C LYS F 139 35.97 12.95 -9.09
N VAL F 140 37.22 12.51 -9.20
CA VAL F 140 37.85 12.33 -10.51
C VAL F 140 37.12 11.26 -11.34
N PHE F 141 36.76 10.14 -10.71
CA PHE F 141 35.99 9.10 -11.41
C PHE F 141 34.63 9.62 -11.91
N ILE F 142 33.97 10.46 -11.11
CA ILE F 142 32.68 11.02 -11.54
C ILE F 142 32.90 11.93 -12.74
N ALA F 143 33.95 12.74 -12.68
CA ALA F 143 34.33 13.60 -13.80
C ALA F 143 34.69 12.78 -15.05
N ALA F 144 35.39 11.67 -14.85
CA ALA F 144 35.71 10.78 -15.97
C ALA F 144 34.44 10.20 -16.60
N ALA F 145 33.48 9.82 -15.76
CA ALA F 145 32.16 9.38 -16.25
C ALA F 145 31.47 10.45 -17.11
N LEU F 146 31.43 11.68 -16.62
CA LEU F 146 30.87 12.79 -17.37
C LEU F 146 31.57 13.00 -18.71
N ALA F 147 32.90 12.94 -18.71
CA ALA F 147 33.64 13.12 -19.95
C ALA F 147 33.40 11.95 -20.90
N HIS F 148 33.31 10.75 -20.36
CA HIS F 148 32.99 9.59 -21.20
C HIS F 148 31.64 9.76 -21.87
N ASN F 149 30.66 10.20 -21.08
CA ASN F 149 29.28 10.31 -21.56
C ASN F 149 29.20 11.35 -22.67
N GLN F 150 30.07 12.37 -22.58
N GLN F 150 30.10 12.33 -22.57
CA GLN F 150 30.05 13.48 -23.51
CA GLN F 150 30.04 13.49 -23.44
C GLN F 150 30.77 13.13 -24.82
C GLN F 150 30.99 13.38 -24.66
N THR F 151 31.82 12.34 -24.71
CA THR F 151 32.71 12.10 -25.85
C THR F 151 32.65 10.69 -26.42
N GLY F 152 32.18 9.73 -25.63
CA GLY F 152 32.20 8.33 -26.04
C GLY F 152 33.55 7.63 -25.92
N ARG F 153 34.61 8.34 -25.55
CA ARG F 153 35.92 7.70 -25.39
C ARG F 153 35.94 6.75 -24.18
N PRO F 154 36.66 5.63 -24.30
CA PRO F 154 36.70 4.63 -23.22
C PRO F 154 37.49 5.12 -22.04
N ILE F 155 37.36 4.42 -20.91
CA ILE F 155 38.05 4.74 -19.67
C ILE F 155 38.98 3.60 -19.34
N SER F 156 40.22 3.92 -18.98
CA SER F 156 41.19 2.92 -18.58
C SER F 156 41.69 3.31 -17.20
N THR F 157 41.61 2.40 -16.22
CA THR F 157 41.88 2.76 -14.83
C THR F 157 43.23 2.27 -14.29
N HIS F 158 43.63 2.84 -13.16
CA HIS F 158 44.78 2.35 -12.40
C HIS F 158 44.21 1.73 -11.13
N THR F 159 44.60 0.49 -10.81
CA THR F 159 44.30 -0.01 -9.46
C THR F 159 45.66 -0.10 -8.75
N SER F 160 45.71 0.30 -7.48
CA SER F 160 46.95 0.21 -6.73
C SER F 160 47.05 -1.18 -6.10
N PHE F 161 48.09 -1.93 -6.47
CA PHE F 161 48.25 -3.33 -6.05
C PHE F 161 46.98 -4.17 -6.27
N SER F 162 46.34 -3.96 -7.42
CA SER F 162 45.18 -4.77 -7.82
C SER F 162 44.01 -4.71 -6.81
N THR F 163 43.83 -3.56 -6.17
CA THR F 163 42.67 -3.35 -5.28
C THR F 163 41.66 -2.34 -5.88
N MET F 164 40.42 -2.43 -5.42
CA MET F 164 39.35 -1.47 -5.71
C MET F 164 38.75 -1.47 -7.13
N GLY F 165 39.16 -2.38 -7.99
CA GLY F 165 38.58 -2.43 -9.33
C GLY F 165 37.06 -2.57 -9.34
N LEU F 166 36.54 -3.44 -8.50
CA LEU F 166 35.08 -3.63 -8.44
C LEU F 166 34.35 -2.37 -8.00
N GLU F 167 34.93 -1.66 -7.06
CA GLU F 167 34.33 -0.40 -6.60
C GLU F 167 34.42 0.70 -7.64
N GLN F 168 35.51 0.70 -8.40
CA GLN F 168 35.63 1.62 -9.53
C GLN F 168 34.50 1.39 -10.51
N LEU F 169 34.24 0.13 -10.84
CA LEU F 169 33.18 -0.19 -11.80
C LEU F 169 31.81 0.24 -11.30
N ALA F 170 31.52 -0.05 -10.03
CA ALA F 170 30.23 0.31 -9.44
C ALA F 170 30.05 1.83 -9.50
N LEU F 171 31.11 2.57 -9.19
CA LEU F 171 31.04 4.02 -9.21
C LEU F 171 30.78 4.57 -10.62
N LEU F 172 31.51 4.04 -11.61
CA LEU F 172 31.31 4.48 -12.99
C LEU F 172 29.92 4.13 -13.49
N GLN F 173 29.46 2.93 -13.14
CA GLN F 173 28.12 2.50 -13.49
C GLN F 173 27.04 3.46 -12.93
N ALA F 174 27.25 3.91 -11.70
CA ALA F 174 26.30 4.82 -11.03
C ALA F 174 26.26 6.21 -11.66
N HIS F 175 27.16 6.48 -12.61
CA HIS F 175 27.14 7.75 -13.34
C HIS F 175 27.02 7.56 -14.84
N GLY F 176 26.51 6.39 -15.24
CA GLY F 176 25.98 6.20 -16.59
C GLY F 176 26.90 5.54 -17.60
N VAL F 177 28.07 5.12 -17.13
CA VAL F 177 29.06 4.51 -18.01
C VAL F 177 28.72 3.05 -18.30
N ASP F 178 28.63 2.71 -19.58
CA ASP F 178 28.55 1.32 -20.04
C ASP F 178 29.89 0.66 -19.73
N LEU F 179 29.87 -0.36 -18.87
CA LEU F 179 31.13 -0.95 -18.39
C LEU F 179 31.93 -1.69 -19.46
N SER F 180 31.33 -1.95 -20.62
CA SER F 180 32.09 -2.54 -21.73
C SER F 180 33.06 -1.50 -22.30
N ARG F 181 32.90 -0.25 -21.88
CA ARG F 181 33.79 0.83 -22.30
C ARG F 181 34.83 1.16 -21.24
N VAL F 182 34.97 0.27 -20.26
CA VAL F 182 35.93 0.42 -19.18
C VAL F 182 36.89 -0.77 -19.13
N THR F 183 38.17 -0.45 -18.99
CA THR F 183 39.20 -1.47 -18.80
C THR F 183 39.93 -1.18 -17.49
N VAL F 184 40.00 -2.19 -16.64
CA VAL F 184 40.59 -2.06 -15.31
C VAL F 184 42.08 -2.41 -15.33
N GLY F 185 42.91 -1.44 -14.96
CA GLY F 185 44.34 -1.61 -15.06
C GLY F 185 44.96 -2.31 -13.86
N HIS F 186 46.12 -2.92 -14.10
CA HIS F 186 46.93 -3.55 -13.07
C HIS F 186 46.21 -4.61 -12.26
N CYS F 187 45.46 -5.48 -12.93
CA CYS F 187 44.77 -6.56 -12.23
C CYS F 187 45.69 -7.72 -11.89
N ASP F 188 46.98 -7.59 -12.24
CA ASP F 188 47.93 -8.70 -12.14
C ASP F 188 49.10 -8.45 -11.17
N LEU F 189 48.81 -7.90 -9.99
CA LEU F 189 49.85 -7.71 -8.98
C LEU F 189 49.67 -8.63 -7.77
N LYS F 190 48.66 -9.49 -7.84
CA LYS F 190 48.45 -10.50 -6.79
C LYS F 190 47.48 -11.52 -7.32
N ASP F 191 47.29 -12.63 -6.60
CA ASP F 191 46.24 -13.58 -6.96
C ASP F 191 44.92 -12.86 -6.76
N ASN F 192 44.15 -12.75 -7.84
CA ASN F 192 43.06 -11.79 -7.91
C ASN F 192 41.90 -12.38 -8.71
N LEU F 193 41.83 -13.70 -8.79
CA LEU F 193 40.90 -14.33 -9.72
C LEU F 193 39.44 -14.04 -9.38
N ASP F 194 39.09 -14.14 -8.10
CA ASP F 194 37.71 -13.95 -7.67
C ASP F 194 37.17 -12.58 -8.10
N ASN F 195 37.94 -11.53 -7.84
CA ASN F 195 37.53 -10.19 -8.23
C ASN F 195 37.52 -10.01 -9.74
N ILE F 196 38.47 -10.63 -10.42
CA ILE F 196 38.54 -10.52 -11.88
C ILE F 196 37.28 -11.12 -12.53
N LEU F 197 36.86 -12.29 -12.04
CA LEU F 197 35.67 -12.94 -12.56
C LEU F 197 34.44 -12.05 -12.36
N LYS F 198 34.39 -11.35 -11.22
CA LYS F 198 33.25 -10.45 -10.97
C LYS F 198 33.30 -9.22 -11.87
N MET F 199 34.49 -8.69 -12.12
CA MET F 199 34.62 -7.55 -13.02
C MET F 199 34.20 -7.90 -14.43
N ILE F 200 34.64 -9.07 -14.89
CA ILE F 200 34.27 -9.54 -16.21
C ILE F 200 32.74 -9.75 -16.30
N ASP F 201 32.15 -10.34 -15.27
CA ASP F 201 30.68 -10.48 -15.26
C ASP F 201 29.93 -9.14 -15.33
N LEU F 202 30.55 -8.07 -14.82
CA LEU F 202 29.94 -6.75 -14.88
C LEU F 202 30.01 -6.16 -16.29
N GLY F 203 30.80 -6.77 -17.16
CA GLY F 203 30.93 -6.30 -18.53
C GLY F 203 32.25 -5.62 -18.86
N ALA F 204 33.12 -5.45 -17.88
CA ALA F 204 34.36 -4.71 -18.08
C ALA F 204 35.49 -5.55 -18.69
N TYR F 205 36.53 -4.87 -19.16
CA TYR F 205 37.75 -5.52 -19.56
C TYR F 205 38.73 -5.44 -18.41
N VAL F 206 39.67 -6.40 -18.37
CA VAL F 206 40.70 -6.42 -17.34
C VAL F 206 42.08 -6.50 -17.98
N GLN F 207 43.07 -5.89 -17.33
CA GLN F 207 44.41 -5.84 -17.90
C GLN F 207 45.46 -6.50 -17.04
N PHE F 208 46.24 -7.37 -17.67
CA PHE F 208 47.46 -7.89 -17.08
C PHE F 208 48.55 -7.04 -17.70
N ASP F 209 48.88 -5.93 -17.05
CA ASP F 209 49.70 -4.93 -17.72
C ASP F 209 50.98 -4.64 -16.99
N THR F 210 51.36 -5.54 -16.07
CA THR F 210 52.61 -5.36 -15.32
C THR F 210 53.54 -6.57 -15.52
N ILE F 211 53.41 -7.20 -16.68
CA ILE F 211 54.26 -8.33 -17.04
C ILE F 211 55.73 -7.88 -16.95
N GLY F 212 56.56 -8.69 -16.31
CA GLY F 212 57.95 -8.33 -16.11
C GLY F 212 58.22 -7.71 -14.76
N LYS F 213 57.19 -7.14 -14.13
CA LYS F 213 57.36 -6.52 -12.82
C LYS F 213 57.27 -7.57 -11.71
N ASN F 214 58.34 -8.35 -11.61
CA ASN F 214 58.42 -9.56 -10.78
C ASN F 214 58.87 -9.29 -9.35
N SER F 215 59.26 -8.05 -9.08
CA SER F 215 59.57 -7.65 -7.72
C SER F 215 58.31 -7.73 -6.87
N TYR F 216 57.17 -7.55 -7.53
CA TYR F 216 55.87 -7.44 -6.87
C TYR F 216 55.10 -8.76 -6.84
N TYR F 217 55.29 -9.59 -7.86
CA TYR F 217 54.43 -10.74 -8.12
C TYR F 217 55.02 -11.43 -9.35
N PRO F 218 55.24 -12.75 -9.28
CA PRO F 218 55.93 -13.53 -10.33
C PRO F 218 55.14 -13.64 -11.62
N ASP F 219 55.81 -13.55 -12.77
CA ASP F 219 55.16 -13.81 -14.06
C ASP F 219 54.51 -15.19 -14.08
N GLU F 220 55.11 -16.14 -13.35
CA GLU F 220 54.59 -17.50 -13.26
C GLU F 220 53.16 -17.48 -12.70
N LYS F 221 52.91 -16.61 -11.74
CA LYS F 221 51.57 -16.52 -11.16
C LYS F 221 50.61 -15.74 -12.08
N ARG F 222 51.11 -14.78 -12.85
CA ARG F 222 50.30 -14.14 -13.90
C ARG F 222 49.87 -15.21 -14.90
N ILE F 223 50.79 -16.08 -15.30
CA ILE F 223 50.45 -17.13 -16.26
C ILE F 223 49.38 -18.09 -15.71
N ALA F 224 49.48 -18.42 -14.42
CA ALA F 224 48.49 -19.29 -13.79
C ALA F 224 47.09 -18.66 -13.78
N MET F 225 47.05 -17.35 -13.56
CA MET F 225 45.75 -16.66 -13.61
C MET F 225 45.19 -16.68 -15.04
N LEU F 226 46.03 -16.41 -16.04
CA LEU F 226 45.57 -16.45 -17.42
C LEU F 226 45.06 -17.84 -17.83
N HIS F 227 45.71 -18.90 -17.36
CA HIS F 227 45.25 -20.25 -17.63
C HIS F 227 43.84 -20.49 -17.09
N ALA F 228 43.56 -19.91 -15.92
CA ALA F 228 42.25 -20.08 -15.30
C ALA F 228 41.21 -19.35 -16.14
N LEU F 229 41.57 -18.16 -16.61
CA LEU F 229 40.67 -17.39 -17.46
C LEU F 229 40.44 -18.08 -18.79
N ARG F 230 41.48 -18.67 -19.34
CA ARG F 230 41.37 -19.45 -20.57
C ARG F 230 40.42 -20.66 -20.40
N ASP F 231 40.57 -21.39 -19.30
CA ASP F 231 39.73 -22.57 -19.03
C ASP F 231 38.27 -22.18 -18.93
N ARG F 232 38.01 -20.94 -18.54
CA ARG F 232 36.65 -20.46 -18.35
C ARG F 232 36.12 -19.73 -19.58
N GLY F 233 36.93 -19.67 -20.62
CA GLY F 233 36.56 -19.01 -21.86
C GLY F 233 36.46 -17.49 -21.76
N LEU F 234 37.31 -16.87 -20.94
CA LEU F 234 37.18 -15.43 -20.72
C LEU F 234 38.30 -14.57 -21.30
N LEU F 235 39.11 -15.14 -22.18
CA LEU F 235 40.22 -14.38 -22.72
C LEU F 235 39.74 -13.23 -23.61
N ASN F 236 38.48 -13.27 -24.03
CA ASN F 236 37.94 -12.17 -24.81
C ASN F 236 37.66 -10.90 -23.99
N ARG F 237 38.05 -10.89 -22.71
CA ARG F 237 38.00 -9.64 -21.95
C ARG F 237 39.33 -9.30 -21.29
N VAL F 238 40.40 -9.95 -21.74
CA VAL F 238 41.72 -9.68 -21.18
C VAL F 238 42.61 -8.97 -22.20
N MET F 239 43.32 -7.94 -21.74
CA MET F 239 44.37 -7.30 -22.57
C MET F 239 45.70 -7.25 -21.79
N LEU F 240 46.81 -7.00 -22.49
CA LEU F 240 48.14 -7.21 -21.89
C LEU F 240 49.03 -6.01 -22.12
N SER F 241 50.06 -5.83 -21.28
CA SER F 241 51.06 -4.79 -21.50
C SER F 241 52.19 -4.95 -20.51
N MET F 242 53.20 -4.09 -20.63
CA MET F 242 54.38 -4.08 -19.75
C MET F 242 54.32 -2.96 -18.71
N ASP F 243 53.65 -1.86 -19.06
CA ASP F 243 53.63 -0.67 -18.25
C ASP F 243 55.07 -0.19 -17.97
N ILE F 244 55.85 -0.03 -19.02
CA ILE F 244 57.16 0.62 -18.89
C ILE F 244 56.99 1.99 -18.26
N THR F 245 57.74 2.25 -17.20
CA THR F 245 57.62 3.51 -16.49
C THR F 245 58.95 4.16 -16.17
N ARG F 246 60.05 3.43 -16.31
CA ARG F 246 61.34 3.91 -15.80
C ARG F 246 62.47 3.80 -16.81
N ARG F 247 63.47 4.64 -16.65
CA ARG F 247 64.64 4.54 -17.51
C ARG F 247 65.26 3.15 -17.46
N SER F 248 65.31 2.57 -16.27
CA SER F 248 65.96 1.28 -16.06
C SER F 248 65.22 0.12 -16.74
N HIS F 249 64.01 0.38 -17.20
CA HIS F 249 63.25 -0.60 -17.99
C HIS F 249 63.70 -0.68 -19.43
N LEU F 250 64.37 0.36 -19.92
CA LEU F 250 64.77 0.40 -21.32
C LEU F 250 65.98 -0.49 -21.61
N LYS F 251 65.99 -1.14 -22.78
CA LYS F 251 67.12 -2.01 -23.14
C LYS F 251 68.46 -1.29 -23.16
N ALA F 252 68.47 -0.05 -23.62
CA ALA F 252 69.72 0.69 -23.73
C ALA F 252 70.33 0.96 -22.36
N ASN F 253 69.48 0.93 -21.34
CA ASN F 253 69.91 1.06 -19.96
C ASN F 253 70.02 -0.28 -19.24
N GLY F 254 70.02 -1.37 -20.01
CA GLY F 254 70.13 -2.71 -19.45
C GLY F 254 68.84 -3.37 -18.99
N GLY F 255 67.70 -2.76 -19.30
CA GLY F 255 66.42 -3.32 -18.88
C GLY F 255 65.88 -4.29 -19.92
N TYR F 256 64.68 -4.82 -19.67
CA TYR F 256 64.08 -5.81 -20.59
C TYR F 256 63.37 -5.22 -21.81
N GLY F 257 62.98 -3.95 -21.75
CA GLY F 257 62.40 -3.28 -22.90
C GLY F 257 60.92 -3.55 -23.10
N TYR F 258 60.30 -2.80 -23.99
CA TYR F 258 58.88 -2.96 -24.29
C TYR F 258 58.59 -4.31 -24.95
N ASP F 259 59.48 -4.76 -25.82
CA ASP F 259 59.20 -5.93 -26.62
C ASP F 259 59.34 -7.26 -25.88
N TYR F 260 59.76 -7.20 -24.62
CA TYR F 260 59.81 -8.39 -23.77
C TYR F 260 58.48 -9.15 -23.77
N LEU F 261 57.38 -8.41 -23.79
CA LEU F 261 56.06 -9.02 -23.85
C LEU F 261 55.94 -10.01 -25.01
N LEU F 262 56.44 -9.61 -26.18
CA LEU F 262 56.39 -10.48 -27.34
C LEU F 262 57.55 -11.47 -27.48
N THR F 263 58.74 -11.08 -27.06
CA THR F 263 59.89 -11.96 -27.23
C THR F 263 59.94 -13.05 -26.18
N THR F 264 59.39 -12.78 -25.01
CA THR F 264 59.64 -13.64 -23.86
C THR F 264 58.36 -14.15 -23.20
N PHE F 265 57.47 -13.25 -22.79
CA PHE F 265 56.27 -13.68 -22.06
C PHE F 265 55.30 -14.46 -22.93
N ILE F 266 54.98 -13.95 -24.12
CA ILE F 266 54.07 -14.65 -25.02
C ILE F 266 54.57 -16.07 -25.37
N PRO F 267 55.87 -16.22 -25.72
CA PRO F 267 56.34 -17.61 -25.90
C PRO F 267 56.20 -18.51 -24.65
N GLN F 268 56.40 -17.97 -23.45
CA GLN F 268 56.20 -18.72 -22.21
C GLN F 268 54.75 -19.18 -22.13
N LEU F 269 53.84 -18.28 -22.50
CA LEU F 269 52.43 -18.58 -22.53
C LEU F 269 52.11 -19.67 -23.56
N ARG F 270 52.63 -19.53 -24.77
CA ARG F 270 52.44 -20.57 -25.78
C ARG F 270 52.96 -21.92 -25.28
N GLN F 271 54.13 -21.90 -24.68
CA GLN F 271 54.77 -23.12 -24.18
C GLN F 271 53.96 -23.76 -23.05
N SER F 272 53.23 -22.93 -22.31
CA SER F 272 52.40 -23.42 -21.21
C SER F 272 51.05 -23.98 -21.66
N GLY F 273 50.76 -23.88 -22.96
CA GLY F 273 49.57 -24.46 -23.54
C GLY F 273 48.58 -23.49 -24.17
N PHE F 274 48.94 -22.22 -24.27
CA PHE F 274 48.10 -21.24 -24.95
C PHE F 274 48.23 -21.37 -26.45
N SER F 275 47.13 -21.19 -27.17
CA SER F 275 47.15 -21.31 -28.62
C SER F 275 47.48 -19.94 -29.26
N GLN F 276 47.81 -19.93 -30.54
CA GLN F 276 47.91 -18.69 -31.30
C GLN F 276 46.66 -17.83 -31.18
N ALA F 277 45.49 -18.48 -31.17
CA ALA F 277 44.23 -17.76 -31.13
C ALA F 277 44.00 -17.13 -29.77
N ASP F 278 44.45 -17.82 -28.72
CA ASP F 278 44.41 -17.27 -27.36
C ASP F 278 45.21 -15.98 -27.31
N VAL F 279 46.42 -16.02 -27.88
CA VAL F 279 47.28 -14.84 -27.88
C VAL F 279 46.70 -13.72 -28.74
N ASP F 280 46.18 -14.08 -29.92
CA ASP F 280 45.65 -13.06 -30.81
C ASP F 280 44.38 -12.39 -30.30
N VAL F 281 43.56 -13.13 -29.54
CA VAL F 281 42.40 -12.49 -28.92
C VAL F 281 42.83 -11.37 -27.97
N MET F 282 43.86 -11.63 -27.16
CA MET F 282 44.29 -10.63 -26.18
C MET F 282 45.08 -9.45 -26.78
N LEU F 283 45.92 -9.73 -27.77
CA LEU F 283 46.83 -8.71 -28.30
C LEU F 283 46.29 -7.98 -29.52
N ARG F 284 45.37 -8.59 -30.24
CA ARG F 284 44.88 -7.97 -31.48
C ARG F 284 43.37 -7.72 -31.43
N GLU F 285 42.60 -8.78 -31.24
CA GLU F 285 41.14 -8.64 -31.33
C GLU F 285 40.50 -7.79 -30.23
N ASN F 286 40.81 -8.05 -28.96
CA ASN F 286 40.21 -7.26 -27.89
C ASN F 286 40.58 -5.78 -28.01
N PRO F 287 41.88 -5.47 -28.20
CA PRO F 287 42.17 -4.03 -28.33
C PRO F 287 41.49 -3.35 -29.52
N SER F 288 41.39 -4.04 -30.66
CA SER F 288 40.69 -3.46 -31.81
C SER F 288 39.24 -3.13 -31.48
N GLN F 289 38.57 -4.03 -30.77
CA GLN F 289 37.20 -3.78 -30.35
C GLN F 289 37.14 -2.65 -29.33
N PHE F 290 38.04 -2.68 -28.35
CA PHE F 290 37.95 -1.75 -27.22
C PHE F 290 38.40 -0.31 -27.50
N PHE F 291 39.54 -0.13 -28.15
CA PHE F 291 40.12 1.21 -28.23
C PHE F 291 39.60 2.08 -29.37
N GLN F 292 38.99 1.45 -30.37
CA GLN F 292 38.43 2.22 -31.47
C GLN F 292 37.08 2.84 -31.12
N SER G 2 30.07 -20.30 -22.08
CA SER G 2 31.03 -20.89 -22.99
C SER G 2 30.89 -22.41 -23.03
N PHE G 3 31.74 -23.05 -23.83
CA PHE G 3 31.66 -24.49 -24.06
C PHE G 3 33.04 -25.10 -24.20
N ASP G 4 33.29 -26.19 -23.47
CA ASP G 4 34.57 -26.91 -23.54
C ASP G 4 34.35 -28.29 -24.17
N PRO G 5 34.72 -28.42 -25.45
CA PRO G 5 34.46 -29.65 -26.22
C PRO G 5 35.26 -30.87 -25.76
N THR G 6 36.24 -30.68 -24.86
CA THR G 6 37.05 -31.79 -24.39
C THR G 6 36.42 -32.53 -23.20
N GLY G 7 35.39 -31.94 -22.59
CA GLY G 7 34.75 -32.59 -21.46
C GLY G 7 33.40 -33.17 -21.83
N TYR G 8 32.80 -33.89 -20.89
CA TYR G 8 31.45 -34.42 -21.09
C TYR G 8 30.40 -33.33 -20.99
N THR G 9 29.24 -33.58 -21.61
CA THR G 9 28.14 -32.63 -21.59
C THR G 9 26.81 -33.28 -21.20
N LEU G 10 26.12 -32.67 -20.23
CA LEU G 10 24.74 -33.03 -19.91
C LEU G 10 23.83 -32.19 -20.78
N ALA G 11 23.09 -32.86 -21.67
CA ALA G 11 22.41 -32.18 -22.77
C ALA G 11 21.10 -31.51 -22.35
N HIS G 12 20.56 -31.89 -21.19
CA HIS G 12 19.30 -31.32 -20.76
C HIS G 12 19.18 -31.28 -19.25
N GLU G 13 19.45 -30.11 -18.67
CA GLU G 13 19.38 -29.96 -17.22
C GLU G 13 18.72 -28.66 -16.79
N HIS G 14 18.41 -28.54 -15.50
CA HIS G 14 17.95 -27.29 -14.93
C HIS G 14 18.84 -27.00 -13.73
N LEU G 15 19.32 -25.77 -13.63
CA LEU G 15 20.13 -25.33 -12.50
C LEU G 15 19.31 -24.39 -11.61
N HIS G 16 18.38 -23.67 -12.22
CA HIS G 16 17.47 -22.83 -11.46
C HIS G 16 16.19 -22.78 -12.25
N ILE G 17 15.18 -23.48 -11.75
CA ILE G 17 13.88 -23.53 -12.39
C ILE G 17 12.85 -23.39 -11.29
N ASP G 18 11.74 -22.71 -11.57
CA ASP G 18 10.73 -22.49 -10.56
C ASP G 18 9.32 -22.66 -11.14
N LEU G 19 8.83 -23.89 -11.14
CA LEU G 19 7.43 -24.16 -11.50
C LEU G 19 6.59 -24.31 -10.23
N SER G 20 7.06 -23.75 -9.11
CA SER G 20 6.38 -23.95 -7.84
C SER G 20 5.03 -23.24 -7.83
N GLY G 21 4.90 -22.18 -8.63
CA GLY G 21 3.64 -21.48 -8.74
C GLY G 21 2.64 -22.34 -9.50
N PHE G 22 3.07 -22.83 -10.68
CA PHE G 22 2.23 -23.66 -11.54
C PHE G 22 1.79 -24.92 -10.81
N LYS G 23 2.72 -25.55 -10.12
CA LYS G 23 2.44 -26.84 -9.49
C LYS G 23 2.08 -26.70 -8.01
N ASN G 24 2.08 -25.47 -7.51
CA ASN G 24 1.72 -25.20 -6.12
C ASN G 24 2.51 -26.10 -5.15
N ASN G 25 3.84 -26.12 -5.30
CA ASN G 25 4.70 -27.05 -4.58
C ASN G 25 6.12 -26.52 -4.52
N VAL G 26 6.63 -26.28 -3.32
CA VAL G 26 7.96 -25.69 -3.20
C VAL G 26 9.07 -26.63 -3.67
N ASP G 27 8.75 -27.92 -3.80
CA ASP G 27 9.75 -28.86 -4.30
C ASP G 27 10.17 -28.50 -5.72
N CYS G 28 9.29 -27.81 -6.45
CA CYS G 28 9.56 -27.48 -7.84
C CYS G 28 10.24 -26.12 -7.97
N ARG G 29 10.62 -25.54 -6.83
CA ARG G 29 11.47 -24.35 -6.81
C ARG G 29 12.92 -24.80 -6.58
N LEU G 30 13.59 -25.13 -7.67
CA LEU G 30 14.96 -25.56 -7.61
C LEU G 30 15.84 -24.31 -7.57
N ASP G 31 16.26 -23.89 -6.37
CA ASP G 31 16.99 -22.63 -6.25
C ASP G 31 18.03 -22.68 -5.13
N GLN G 32 18.48 -23.87 -4.80
CA GLN G 32 19.36 -24.07 -3.65
C GLN G 32 20.82 -23.95 -4.07
N TYR G 33 21.31 -22.71 -4.03
CA TYR G 33 22.60 -22.35 -4.63
C TYR G 33 23.78 -23.20 -4.13
N ALA G 34 23.92 -23.29 -2.80
CA ALA G 34 25.03 -24.04 -2.23
C ALA G 34 25.03 -25.52 -2.67
N PHE G 35 23.86 -26.16 -2.63
CA PHE G 35 23.77 -27.56 -3.05
C PHE G 35 24.06 -27.69 -4.54
N ILE G 36 23.53 -26.75 -5.34
CA ILE G 36 23.75 -26.80 -6.78
C ILE G 36 25.24 -26.64 -7.10
N CYS G 37 25.91 -25.74 -6.40
CA CYS G 37 27.34 -25.59 -6.64
C CYS G 37 28.10 -26.89 -6.36
N GLN G 38 27.73 -27.54 -5.26
CA GLN G 38 28.35 -28.81 -4.89
C GLN G 38 28.14 -29.86 -5.97
N GLU G 39 26.90 -29.97 -6.45
CA GLU G 39 26.58 -30.88 -7.56
C GLU G 39 27.44 -30.59 -8.79
N MET G 40 27.63 -29.32 -9.11
CA MET G 40 28.47 -28.95 -10.24
C MET G 40 29.93 -29.33 -10.02
N ASN G 41 30.40 -29.16 -8.79
CA ASN G 41 31.75 -29.58 -8.45
C ASN G 41 31.92 -31.09 -8.62
N ASP G 42 30.91 -31.85 -8.17
CA ASP G 42 30.92 -33.30 -8.36
C ASP G 42 30.99 -33.65 -9.84
N LEU G 43 30.18 -32.97 -10.65
CA LEU G 43 30.13 -33.26 -12.09
C LEU G 43 31.52 -33.10 -12.70
N MET G 44 32.24 -32.07 -12.28
N MET G 44 32.21 -32.04 -12.31
CA MET G 44 33.55 -31.79 -12.85
CA MET G 44 33.55 -31.76 -12.83
C MET G 44 34.61 -32.80 -12.43
C MET G 44 34.53 -32.89 -12.51
N THR G 45 34.37 -33.52 -11.34
CA THR G 45 35.26 -34.63 -10.97
C THR G 45 34.95 -35.88 -11.78
N ARG G 46 33.85 -35.87 -12.54
CA ARG G 46 33.49 -37.01 -13.37
C ARG G 46 33.79 -36.72 -14.84
N GLY G 47 34.50 -35.63 -15.10
CA GLY G 47 34.89 -35.29 -16.46
C GLY G 47 33.83 -34.51 -17.23
N VAL G 48 32.81 -34.02 -16.52
CA VAL G 48 31.78 -33.19 -17.16
C VAL G 48 32.18 -31.72 -17.08
N ARG G 49 32.23 -31.06 -18.24
CA ARG G 49 32.60 -29.65 -18.28
C ARG G 49 31.45 -28.73 -18.70
N ASN G 50 30.38 -29.31 -19.28
CA ASN G 50 29.29 -28.50 -19.83
C ASN G 50 27.91 -28.97 -19.42
N VAL G 51 27.04 -28.02 -19.14
CA VAL G 51 25.64 -28.31 -18.84
C VAL G 51 24.78 -27.42 -19.72
N ILE G 52 23.84 -28.02 -20.46
CA ILE G 52 22.92 -27.21 -21.27
C ILE G 52 21.64 -27.03 -20.47
N GLU G 53 21.38 -25.78 -20.08
CA GLU G 53 20.30 -25.45 -19.16
C GLU G 53 19.03 -25.11 -19.92
N MET G 54 17.92 -25.73 -19.51
CA MET G 54 16.68 -25.78 -20.30
C MET G 54 15.56 -24.93 -19.73
N THR G 55 15.90 -24.08 -18.76
CA THR G 55 14.91 -23.26 -18.09
C THR G 55 14.74 -21.95 -18.85
N ASN G 56 13.65 -21.79 -19.61
CA ASN G 56 13.47 -20.51 -20.27
C ASN G 56 12.77 -19.52 -19.33
N ARG G 57 12.55 -18.30 -19.82
CA ARG G 57 12.16 -17.19 -18.93
C ARG G 57 11.01 -17.48 -17.99
N TYR G 58 9.90 -17.96 -18.53
CA TYR G 58 8.69 -18.14 -17.73
C TYR G 58 8.61 -19.50 -17.07
N MET G 59 9.71 -20.26 -17.16
CA MET G 59 9.89 -21.43 -16.33
C MET G 59 10.69 -21.08 -15.07
N GLY G 60 10.97 -19.79 -14.89
CA GLY G 60 11.66 -19.32 -13.70
C GLY G 60 13.18 -19.24 -13.83
N ARG G 61 13.66 -18.95 -15.04
CA ARG G 61 15.09 -18.86 -15.30
C ARG G 61 15.74 -17.75 -14.48
N ASN G 62 16.99 -17.94 -14.07
CA ASN G 62 17.72 -16.91 -13.35
C ASN G 62 19.15 -16.78 -13.85
N ALA G 63 19.38 -15.84 -14.76
CA ALA G 63 20.68 -15.68 -15.40
C ALA G 63 21.79 -15.46 -14.38
N GLN G 64 21.52 -14.62 -13.40
CA GLN G 64 22.54 -14.27 -12.40
C GLN G 64 22.94 -15.48 -11.56
N PHE G 65 21.95 -16.30 -11.18
CA PHE G 65 22.18 -17.55 -10.46
C PHE G 65 23.15 -18.42 -11.28
N MET G 66 22.90 -18.53 -12.57
CA MET G 66 23.73 -19.36 -13.43
C MET G 66 25.12 -18.78 -13.59
N LEU G 67 25.22 -17.45 -13.73
CA LEU G 67 26.53 -16.81 -13.78
C LEU G 67 27.33 -17.08 -12.51
N ASP G 68 26.65 -17.00 -11.36
CA ASP G 68 27.31 -17.25 -10.08
C ASP G 68 27.78 -18.69 -9.95
N VAL G 69 26.96 -19.65 -10.39
CA VAL G 69 27.38 -21.06 -10.38
C VAL G 69 28.63 -21.27 -11.23
N MET G 70 28.67 -20.66 -12.41
CA MET G 70 29.84 -20.76 -13.27
C MET G 70 31.09 -20.17 -12.63
N ARG G 71 30.93 -19.01 -12.00
CA ARG G 71 32.04 -18.32 -11.37
C ARG G 71 32.61 -19.14 -10.19
N GLU G 72 31.72 -19.70 -9.39
CA GLU G 72 32.10 -20.48 -8.22
C GLU G 72 32.76 -21.81 -8.58
N THR G 73 32.24 -22.49 -9.61
CA THR G 73 32.63 -23.87 -9.88
C THR G 73 33.49 -24.05 -11.13
N GLY G 74 33.37 -23.15 -12.09
CA GLY G 74 34.11 -23.29 -13.34
C GLY G 74 33.43 -24.20 -14.37
N ILE G 75 32.23 -24.66 -14.06
CA ILE G 75 31.44 -25.42 -15.02
C ILE G 75 30.96 -24.48 -16.11
N ASN G 76 30.82 -25.00 -17.32
CA ASN G 76 30.28 -24.20 -18.41
C ASN G 76 28.77 -24.42 -18.50
N VAL G 77 28.01 -23.34 -18.52
CA VAL G 77 26.55 -23.46 -18.66
C VAL G 77 26.13 -22.77 -19.93
N VAL G 78 25.31 -23.45 -20.73
CA VAL G 78 24.70 -22.83 -21.90
C VAL G 78 23.25 -22.54 -21.56
N ALA G 79 22.85 -21.28 -21.69
CA ALA G 79 21.50 -20.87 -21.29
C ALA G 79 20.57 -20.89 -22.50
N CYS G 80 19.27 -20.94 -22.23
CA CYS G 80 18.31 -21.04 -23.31
C CYS G 80 17.30 -19.91 -23.33
N THR G 81 16.59 -19.81 -24.44
CA THR G 81 15.49 -18.88 -24.58
C THR G 81 14.33 -19.66 -25.19
N GLY G 82 13.10 -19.25 -24.91
CA GLY G 82 11.94 -19.86 -25.54
C GLY G 82 10.69 -19.89 -24.69
N TYR G 83 9.72 -20.70 -25.09
CA TYR G 83 8.49 -20.92 -24.32
C TYR G 83 8.24 -22.41 -24.12
N TYR G 84 7.62 -22.76 -23.00
CA TYR G 84 7.60 -24.14 -22.50
C TYR G 84 6.55 -25.04 -23.17
N GLN G 85 5.32 -25.04 -22.65
CA GLN G 85 4.23 -25.78 -23.27
C GLN G 85 2.89 -25.15 -22.91
N ASP G 86 1.82 -25.63 -23.53
CA ASP G 86 0.52 -24.92 -23.52
C ASP G 86 0.06 -24.53 -22.12
N ALA G 87 0.10 -25.50 -21.19
CA ALA G 87 -0.44 -25.29 -19.86
C ALA G 87 0.39 -24.32 -19.02
N PHE G 88 1.57 -23.97 -19.52
CA PHE G 88 2.50 -23.14 -18.76
C PHE G 88 2.78 -21.79 -19.43
N PHE G 89 2.20 -21.55 -20.61
CA PHE G 89 2.42 -20.29 -21.32
C PHE G 89 1.83 -19.12 -20.55
N PRO G 90 2.53 -17.98 -20.55
CA PRO G 90 1.86 -16.78 -20.04
C PRO G 90 0.82 -16.30 -21.08
N GLU G 91 -0.13 -15.49 -20.63
CA GLU G 91 -1.22 -15.04 -21.48
C GLU G 91 -0.79 -14.40 -22.81
N HIS G 92 0.35 -13.69 -22.80
CA HIS G 92 0.77 -12.94 -23.98
C HIS G 92 1.23 -13.80 -25.16
N VAL G 93 1.44 -15.09 -24.93
CA VAL G 93 1.77 -15.98 -26.04
C VAL G 93 0.61 -16.01 -27.04
N ALA G 94 -0.60 -15.92 -26.50
CA ALA G 94 -1.80 -15.85 -27.33
C ALA G 94 -1.95 -14.49 -28.03
N THR G 95 -1.52 -13.43 -27.37
CA THR G 95 -1.77 -12.07 -27.85
C THR G 95 -0.66 -11.49 -28.73
N ARG G 96 0.58 -11.91 -28.48
CA ARG G 96 1.68 -11.43 -29.30
C ARG G 96 1.80 -12.25 -30.58
N SER G 97 2.41 -11.67 -31.62
CA SER G 97 2.53 -12.34 -32.91
C SER G 97 3.70 -13.31 -32.96
N VAL G 98 3.73 -14.13 -34.00
CA VAL G 98 4.82 -15.08 -34.19
C VAL G 98 6.17 -14.37 -34.30
N GLN G 99 6.20 -13.26 -35.03
CA GLN G 99 7.45 -12.53 -35.20
C GLN G 99 7.87 -11.87 -33.90
N GLU G 100 6.90 -11.37 -33.14
CA GLU G 100 7.18 -10.80 -31.83
C GLU G 100 7.76 -11.82 -30.85
N LEU G 101 7.23 -13.05 -30.86
CA LEU G 101 7.78 -14.11 -30.03
C LEU G 101 9.18 -14.49 -30.49
N ALA G 102 9.35 -14.60 -31.80
CA ALA G 102 10.63 -14.93 -32.40
C ALA G 102 11.69 -13.90 -32.02
N GLN G 103 11.31 -12.62 -32.07
CA GLN G 103 12.24 -11.51 -31.83
C GLN G 103 12.70 -11.45 -30.38
N GLU G 104 11.81 -11.83 -29.46
CA GLU G 104 12.15 -11.92 -28.05
C GLU G 104 13.28 -12.93 -27.89
N MET G 105 13.14 -14.08 -28.55
CA MET G 105 14.19 -15.10 -28.53
C MET G 105 15.49 -14.60 -29.17
N VAL G 106 15.37 -13.94 -30.33
CA VAL G 106 16.54 -13.37 -30.98
C VAL G 106 17.29 -12.43 -30.03
N ASP G 107 16.55 -11.56 -29.36
CA ASP G 107 17.14 -10.58 -28.44
C ASP G 107 17.82 -11.23 -27.24
N GLU G 108 17.25 -12.33 -26.74
CA GLU G 108 17.88 -13.05 -25.63
C GLU G 108 19.17 -13.75 -26.08
N ILE G 109 19.22 -14.11 -27.35
CA ILE G 109 20.40 -14.72 -27.95
C ILE G 109 21.49 -13.67 -28.24
N GLU G 110 21.07 -12.47 -28.62
CA GLU G 110 21.99 -11.45 -29.13
C GLU G 110 22.32 -10.32 -28.14
N GLN G 111 21.36 -9.98 -27.28
CA GLN G 111 21.55 -8.90 -26.32
C GLN G 111 21.82 -9.42 -24.91
N GLY G 112 21.06 -10.44 -24.51
CA GLY G 112 21.29 -11.04 -23.22
C GLY G 112 20.00 -11.37 -22.48
N ILE G 113 20.14 -12.04 -21.34
CA ILE G 113 18.97 -12.48 -20.59
C ILE G 113 18.94 -11.92 -19.18
N ASP G 114 17.73 -11.67 -18.68
CA ASP G 114 17.50 -11.30 -17.29
C ASP G 114 18.33 -10.12 -16.80
N GLY G 115 18.63 -9.18 -17.70
CA GLY G 115 19.34 -7.97 -17.34
C GLY G 115 20.81 -8.19 -17.00
N THR G 116 21.36 -9.30 -17.51
CA THR G 116 22.77 -9.62 -17.30
C THR G 116 23.50 -9.65 -18.64
N GLU G 117 24.80 -9.85 -18.58
CA GLU G 117 25.62 -9.99 -19.78
C GLU G 117 25.54 -11.39 -20.39
N LEU G 118 25.01 -12.35 -19.64
CA LEU G 118 24.82 -13.71 -20.14
C LEU G 118 23.85 -13.75 -21.32
N LYS G 119 24.15 -14.54 -22.35
CA LYS G 119 23.27 -14.70 -23.50
C LYS G 119 22.80 -16.14 -23.69
N ALA G 120 21.59 -16.30 -24.24
CA ALA G 120 21.08 -17.63 -24.57
C ALA G 120 21.86 -18.23 -25.75
N GLY G 121 22.27 -19.48 -25.59
CA GLY G 121 23.00 -20.19 -26.64
C GLY G 121 22.16 -21.21 -27.37
N ILE G 122 20.93 -21.41 -26.90
CA ILE G 122 20.06 -22.42 -27.50
C ILE G 122 18.59 -22.01 -27.33
N ILE G 123 17.74 -22.44 -28.26
CA ILE G 123 16.29 -22.24 -28.17
C ILE G 123 15.66 -23.49 -27.57
N ALA G 124 15.17 -23.41 -26.33
CA ALA G 124 14.81 -24.59 -25.56
C ALA G 124 14.11 -24.18 -24.25
N GLU G 125 13.52 -25.15 -23.53
CA GLU G 125 13.09 -26.41 -24.10
C GLU G 125 11.67 -26.15 -24.61
N ILE G 126 11.49 -26.21 -25.91
CA ILE G 126 10.20 -25.84 -26.48
C ILE G 126 9.34 -27.09 -26.62
N GLY G 127 8.17 -27.06 -25.98
CA GLY G 127 7.44 -28.29 -25.75
C GLY G 127 6.06 -28.38 -26.34
N THR G 128 5.59 -29.61 -26.46
CA THR G 128 4.24 -29.91 -26.90
C THR G 128 3.55 -30.79 -25.85
N SER G 129 2.23 -30.86 -25.93
CA SER G 129 1.45 -31.52 -24.90
C SER G 129 1.40 -33.02 -25.12
N GLU G 130 0.80 -33.73 -24.17
CA GLU G 130 0.70 -35.16 -24.29
C GLU G 130 -0.27 -35.56 -25.40
N GLY G 131 0.27 -36.14 -26.47
CA GLY G 131 -0.57 -36.71 -27.52
C GLY G 131 -1.12 -35.71 -28.51
N LYS G 132 -0.71 -34.45 -28.39
CA LYS G 132 -1.16 -33.43 -29.34
C LYS G 132 -0.28 -32.19 -29.35
N ILE G 133 -0.36 -31.44 -30.44
CA ILE G 133 0.24 -30.12 -30.53
C ILE G 133 -0.89 -29.10 -30.53
N THR G 134 -0.86 -28.17 -29.59
CA THR G 134 -1.94 -27.18 -29.49
C THR G 134 -1.64 -26.04 -30.44
N PRO G 135 -2.67 -25.26 -30.79
CA PRO G 135 -2.44 -24.09 -31.64
C PRO G 135 -1.35 -23.13 -31.10
N LEU G 136 -1.30 -22.92 -29.79
CA LEU G 136 -0.27 -22.02 -29.23
C LEU G 136 1.10 -22.69 -29.24
N GLU G 137 1.14 -23.99 -29.03
CA GLU G 137 2.40 -24.72 -29.16
C GLU G 137 2.91 -24.67 -30.61
N GLU G 138 2.02 -24.81 -31.57
CA GLU G 138 2.41 -24.71 -32.97
C GLU G 138 3.03 -23.33 -33.24
N LYS G 139 2.39 -22.32 -32.68
CA LYS G 139 2.81 -20.93 -32.84
C LYS G 139 4.23 -20.74 -32.34
N VAL G 140 4.47 -21.18 -31.12
CA VAL G 140 5.79 -21.09 -30.51
C VAL G 140 6.84 -21.81 -31.35
N PHE G 141 6.49 -22.97 -31.88
CA PHE G 141 7.42 -23.70 -32.74
C PHE G 141 7.74 -22.93 -34.01
N ILE G 142 6.72 -22.29 -34.57
CA ILE G 142 6.91 -21.45 -35.75
C ILE G 142 7.83 -20.27 -35.45
N ALA G 143 7.66 -19.67 -34.27
CA ALA G 143 8.53 -18.57 -33.84
C ALA G 143 9.96 -19.06 -33.58
N ALA G 144 10.09 -20.26 -33.02
CA ALA G 144 11.39 -20.89 -32.82
C ALA G 144 12.12 -21.11 -34.15
N ALA G 145 11.37 -21.53 -35.16
CA ALA G 145 11.91 -21.70 -36.51
C ALA G 145 12.49 -20.39 -37.05
N LEU G 146 11.75 -19.30 -36.86
CA LEU G 146 12.19 -17.99 -37.32
C LEU G 146 13.41 -17.51 -36.55
N ALA G 147 13.38 -17.66 -35.22
CA ALA G 147 14.50 -17.25 -34.38
C ALA G 147 15.74 -18.06 -34.77
N HIS G 148 15.52 -19.34 -35.06
CA HIS G 148 16.61 -20.20 -35.49
C HIS G 148 17.23 -19.68 -36.78
N ASN G 149 16.37 -19.34 -37.73
CA ASN G 149 16.82 -18.82 -39.03
C ASN G 149 17.60 -17.51 -38.92
N GLN G 150 17.21 -16.65 -37.98
CA GLN G 150 17.87 -15.35 -37.81
C GLN G 150 19.15 -15.39 -36.99
N THR G 151 19.36 -16.47 -36.23
CA THR G 151 20.51 -16.55 -35.33
C THR G 151 21.38 -17.79 -35.56
N GLY G 152 20.81 -18.83 -36.15
CA GLY G 152 21.54 -20.07 -36.37
C GLY G 152 21.70 -20.94 -35.13
N ARG G 153 21.12 -20.50 -34.02
CA ARG G 153 21.19 -21.28 -32.79
C ARG G 153 20.29 -22.52 -32.89
N PRO G 154 20.70 -23.64 -32.28
CA PRO G 154 19.92 -24.87 -32.41
C PRO G 154 18.65 -24.88 -31.58
N ILE G 155 17.82 -25.89 -31.82
CA ILE G 155 16.56 -26.05 -31.12
C ILE G 155 16.55 -27.35 -30.32
N SER G 156 16.10 -27.26 -29.06
CA SER G 156 15.98 -28.42 -28.20
C SER G 156 14.54 -28.47 -27.67
N THR G 157 13.86 -29.58 -27.90
CA THR G 157 12.43 -29.66 -27.61
C THR G 157 12.08 -30.46 -26.35
N HIS G 158 10.83 -30.30 -25.93
CA HIS G 158 10.23 -31.09 -24.87
C HIS G 158 9.12 -31.91 -25.51
N THR G 159 9.20 -33.23 -25.39
CA THR G 159 8.03 -34.05 -25.70
C THR G 159 7.42 -34.51 -24.37
N SER G 160 6.09 -34.50 -24.30
CA SER G 160 5.38 -34.96 -23.11
C SER G 160 5.11 -36.45 -23.25
N PHE G 161 5.66 -37.25 -22.34
CA PHE G 161 5.54 -38.70 -22.38
C PHE G 161 6.04 -39.29 -23.70
N SER G 162 7.11 -38.69 -24.23
CA SER G 162 7.73 -39.12 -25.47
C SER G 162 6.75 -39.15 -26.65
N THR G 163 5.87 -38.15 -26.74
CA THR G 163 4.94 -38.05 -27.85
C THR G 163 5.20 -36.83 -28.73
N MET G 164 4.82 -36.95 -30.01
CA MET G 164 4.75 -35.83 -30.97
C MET G 164 6.10 -35.37 -31.49
N GLY G 165 7.16 -36.10 -31.14
CA GLY G 165 8.48 -35.77 -31.66
C GLY G 165 8.50 -35.66 -33.17
N LEU G 166 7.85 -36.60 -33.85
CA LEU G 166 7.88 -36.60 -35.30
C LEU G 166 7.08 -35.43 -35.86
N GLU G 167 5.99 -35.09 -35.19
CA GLU G 167 5.19 -33.93 -35.58
C GLU G 167 5.96 -32.62 -35.37
N GLN G 168 6.70 -32.54 -34.27
CA GLN G 168 7.58 -31.40 -34.03
C GLN G 168 8.58 -31.21 -35.17
N LEU G 169 9.22 -32.29 -35.61
CA LEU G 169 10.20 -32.20 -36.69
C LEU G 169 9.54 -31.81 -38.01
N ALA G 170 8.36 -32.34 -38.28
CA ALA G 170 7.66 -32.01 -39.51
C ALA G 170 7.36 -30.52 -39.55
N LEU G 171 6.83 -30.00 -38.45
CA LEU G 171 6.51 -28.58 -38.33
C LEU G 171 7.76 -27.71 -38.53
N LEU G 172 8.84 -28.06 -37.82
CA LEU G 172 10.08 -27.31 -37.93
C LEU G 172 10.66 -27.38 -39.35
N GLN G 173 10.70 -28.58 -39.92
CA GLN G 173 11.26 -28.78 -41.25
C GLN G 173 10.43 -28.05 -42.30
N ALA G 174 9.14 -27.92 -42.05
CA ALA G 174 8.24 -27.18 -42.92
C ALA G 174 8.54 -25.69 -42.89
N HIS G 175 9.25 -25.23 -41.85
CA HIS G 175 9.60 -23.82 -41.73
C HIS G 175 11.09 -23.51 -41.83
N GLY G 176 11.79 -24.32 -42.63
CA GLY G 176 13.15 -24.00 -43.04
C GLY G 176 14.23 -24.44 -42.08
N VAL G 177 13.86 -25.14 -41.01
CA VAL G 177 14.86 -25.63 -40.08
C VAL G 177 15.60 -26.87 -40.59
N ASP G 178 16.92 -26.77 -40.68
CA ASP G 178 17.78 -27.94 -40.87
C ASP G 178 17.63 -28.83 -39.64
N LEU G 179 17.08 -30.03 -39.83
CA LEU G 179 16.79 -30.92 -38.71
C LEU G 179 18.03 -31.41 -37.97
N SER G 180 19.20 -31.22 -38.58
CA SER G 180 20.45 -31.57 -37.90
C SER G 180 20.75 -30.55 -36.79
N ARG G 181 19.99 -29.46 -36.78
CA ARG G 181 20.12 -28.41 -35.77
C ARG G 181 19.02 -28.54 -34.72
N VAL G 182 18.31 -29.67 -34.72
CA VAL G 182 17.25 -29.92 -33.74
C VAL G 182 17.52 -31.18 -32.93
N THR G 183 17.35 -31.08 -31.61
CA THR G 183 17.39 -32.26 -30.77
C THR G 183 16.04 -32.43 -30.03
N VAL G 184 15.51 -33.64 -30.09
CA VAL G 184 14.20 -33.95 -29.51
C VAL G 184 14.34 -34.48 -28.07
N GLY G 185 13.73 -33.80 -27.11
CA GLY G 185 13.92 -34.13 -25.71
C GLY G 185 12.96 -35.18 -25.20
N HIS G 186 13.34 -35.83 -24.09
CA HIS G 186 12.48 -36.81 -23.41
C HIS G 186 12.00 -37.94 -24.31
N CYS G 187 12.90 -38.52 -25.10
CA CYS G 187 12.55 -39.65 -25.94
C CYS G 187 12.55 -40.97 -25.18
N ASP G 188 12.86 -40.91 -23.88
CA ASP G 188 13.08 -42.13 -23.11
C ASP G 188 12.10 -42.30 -21.94
N LEU G 189 10.82 -42.07 -22.19
CA LEU G 189 9.80 -42.25 -21.16
C LEU G 189 8.93 -43.48 -21.43
N LYS G 190 9.17 -44.14 -22.55
CA LYS G 190 8.47 -45.36 -22.91
C LYS G 190 9.27 -46.05 -24.01
N ASP G 191 8.93 -47.29 -24.31
CA ASP G 191 9.52 -47.94 -25.48
C ASP G 191 9.09 -47.13 -26.71
N ASN G 192 10.07 -46.66 -27.46
CA ASN G 192 9.85 -45.59 -28.41
C ASN G 192 10.75 -45.74 -29.63
N LEU G 193 11.29 -46.93 -29.82
CA LEU G 193 12.32 -47.16 -30.83
C LEU G 193 11.83 -46.84 -32.23
N ASP G 194 10.60 -47.26 -32.54
CA ASP G 194 10.03 -47.03 -33.86
C ASP G 194 10.13 -45.56 -34.26
N ASN G 195 9.58 -44.70 -33.41
CA ASN G 195 9.60 -43.26 -33.66
C ASN G 195 11.00 -42.66 -33.65
N ILE G 196 11.83 -43.13 -32.72
CA ILE G 196 13.20 -42.60 -32.60
C ILE G 196 13.95 -42.82 -33.91
N LEU G 197 13.85 -44.02 -34.46
CA LEU G 197 14.51 -44.36 -35.72
C LEU G 197 14.07 -43.44 -36.84
N LYS G 198 12.80 -43.05 -36.82
CA LYS G 198 12.27 -42.18 -37.87
C LYS G 198 12.71 -40.74 -37.66
N MET G 199 12.81 -40.32 -36.40
CA MET G 199 13.35 -39.00 -36.09
C MET G 199 14.81 -38.90 -36.53
N ILE G 200 15.59 -39.93 -36.21
CA ILE G 200 16.99 -39.98 -36.60
C ILE G 200 17.10 -39.99 -38.13
N ASP G 201 16.17 -40.69 -38.78
CA ASP G 201 16.18 -40.75 -40.24
C ASP G 201 15.87 -39.39 -40.86
N LEU G 202 15.07 -38.59 -40.17
CA LEU G 202 14.77 -37.24 -40.65
C LEU G 202 15.94 -36.27 -40.51
N GLY G 203 16.97 -36.66 -39.75
CA GLY G 203 18.17 -35.85 -39.59
C GLY G 203 18.41 -35.35 -38.18
N ALA G 204 17.40 -35.50 -37.32
CA ALA G 204 17.45 -34.95 -35.97
C ALA G 204 18.32 -35.76 -35.00
N TYR G 205 18.65 -35.12 -33.87
CA TYR G 205 19.24 -35.81 -32.73
C TYR G 205 18.11 -36.18 -31.77
N VAL G 206 18.34 -37.20 -30.94
CA VAL G 206 17.35 -37.58 -29.94
C VAL G 206 18.01 -37.60 -28.58
N GLN G 207 17.23 -37.32 -27.54
CA GLN G 207 17.78 -37.32 -26.19
C GLN G 207 17.13 -38.33 -25.26
N PHE G 208 17.98 -39.06 -24.54
CA PHE G 208 17.55 -39.89 -23.44
C PHE G 208 17.92 -39.07 -22.22
N ASP G 209 17.04 -38.16 -21.82
CA ASP G 209 17.42 -37.20 -20.79
C ASP G 209 16.66 -37.38 -19.48
N THR G 210 16.04 -38.54 -19.31
CA THR G 210 15.29 -38.80 -18.09
C THR G 210 15.87 -39.98 -17.30
N ILE G 211 17.19 -40.21 -17.45
CA ILE G 211 17.89 -41.27 -16.71
C ILE G 211 17.67 -41.05 -15.22
N GLY G 212 17.31 -42.09 -14.49
CA GLY G 212 17.05 -41.97 -13.07
C GLY G 212 15.61 -41.66 -12.71
N LYS G 213 14.81 -41.22 -13.69
CA LYS G 213 13.38 -41.03 -13.45
C LYS G 213 12.71 -42.38 -13.69
N ASN G 214 12.84 -43.26 -12.71
CA ASN G 214 12.45 -44.67 -12.82
C ASN G 214 10.99 -44.97 -12.50
N SER G 215 10.31 -44.04 -11.83
CA SER G 215 8.89 -44.20 -11.58
C SER G 215 8.17 -44.25 -12.93
N TYR G 216 8.71 -43.51 -13.89
CA TYR G 216 8.15 -43.44 -15.23
C TYR G 216 8.46 -44.69 -16.08
N TYR G 217 9.69 -45.16 -16.02
CA TYR G 217 10.21 -46.09 -17.02
C TYR G 217 11.62 -46.51 -16.60
N PRO G 218 11.92 -47.83 -16.63
CA PRO G 218 13.16 -48.38 -16.06
C PRO G 218 14.42 -48.04 -16.86
N ASP G 219 15.52 -47.76 -16.17
CA ASP G 219 16.79 -47.49 -16.86
C ASP G 219 17.23 -48.69 -17.70
N GLU G 220 16.81 -49.88 -17.28
CA GLU G 220 17.12 -51.11 -18.00
C GLU G 220 16.51 -51.08 -19.39
N LYS G 221 15.31 -50.51 -19.52
CA LYS G 221 14.69 -50.37 -20.83
C LYS G 221 15.36 -49.27 -21.67
N ARG G 222 15.81 -48.20 -21.01
CA ARG G 222 16.62 -47.18 -21.67
C ARG G 222 17.88 -47.82 -22.27
N ILE G 223 18.54 -48.65 -21.46
CA ILE G 223 19.72 -49.37 -21.93
C ILE G 223 19.42 -50.31 -23.11
N ALA G 224 18.27 -50.98 -23.07
CA ALA G 224 17.84 -51.83 -24.18
C ALA G 224 17.72 -51.02 -25.48
N MET G 225 17.14 -49.83 -25.40
CA MET G 225 16.98 -48.98 -26.58
C MET G 225 18.30 -48.46 -27.11
N LEU G 226 19.24 -48.16 -26.22
CA LEU G 226 20.56 -47.72 -26.65
C LEU G 226 21.26 -48.82 -27.44
N HIS G 227 21.11 -50.06 -27.00
CA HIS G 227 21.71 -51.20 -27.70
C HIS G 227 21.11 -51.38 -29.09
N ALA G 228 19.81 -51.14 -29.21
CA ALA G 228 19.14 -51.22 -30.48
C ALA G 228 19.66 -50.13 -31.43
N LEU G 229 19.88 -48.94 -30.88
CA LEU G 229 20.41 -47.83 -31.67
C LEU G 229 21.85 -48.10 -32.09
N ARG G 230 22.65 -48.61 -31.16
CA ARG G 230 24.02 -48.98 -31.47
C ARG G 230 24.08 -50.06 -32.57
N ASP G 231 23.18 -51.05 -32.48
CA ASP G 231 23.01 -52.08 -33.50
C ASP G 231 22.90 -51.50 -34.92
N ARG G 232 22.29 -50.33 -35.02
CA ARG G 232 22.02 -49.72 -36.32
C ARG G 232 23.03 -48.62 -36.66
N GLY G 233 24.08 -48.52 -35.84
CA GLY G 233 25.12 -47.54 -36.06
C GLY G 233 24.63 -46.11 -35.85
N LEU G 234 23.77 -45.92 -34.87
CA LEU G 234 23.10 -44.64 -34.69
C LEU G 234 23.42 -43.93 -33.39
N LEU G 235 24.43 -44.41 -32.66
CA LEU G 235 24.79 -43.75 -31.40
C LEU G 235 25.23 -42.30 -31.62
N ASN G 236 25.66 -41.98 -32.84
CA ASN G 236 26.11 -40.62 -33.16
C ASN G 236 24.97 -39.60 -33.30
N ARG G 237 23.77 -39.98 -32.89
CA ARG G 237 22.62 -39.07 -32.88
C ARG G 237 21.89 -39.04 -31.53
N VAL G 238 22.50 -39.65 -30.50
CA VAL G 238 21.87 -39.72 -29.19
C VAL G 238 22.69 -38.95 -28.15
N MET G 239 22.01 -38.15 -27.33
CA MET G 239 22.67 -37.49 -26.21
C MET G 239 21.95 -37.83 -24.92
N LEU G 240 22.60 -37.59 -23.79
CA LEU G 240 22.10 -38.09 -22.51
C LEU G 240 22.01 -36.99 -21.46
N SER G 241 21.10 -37.16 -20.51
CA SER G 241 21.00 -36.25 -19.37
C SER G 241 20.14 -36.84 -18.25
N MET G 242 20.06 -36.08 -17.14
CA MET G 242 19.26 -36.45 -15.96
C MET G 242 17.97 -35.65 -15.89
N ASP G 243 18.00 -34.44 -16.44
CA ASP G 243 16.88 -33.51 -16.32
C ASP G 243 16.47 -33.28 -14.86
N ILE G 244 17.42 -32.85 -14.04
CA ILE G 244 17.12 -32.53 -12.65
C ILE G 244 16.16 -31.36 -12.64
N THR G 245 15.07 -31.44 -11.86
CA THR G 245 14.04 -30.38 -11.85
C THR G 245 13.53 -29.96 -10.47
N ARG G 246 13.79 -30.80 -9.46
CA ARG G 246 13.22 -30.60 -8.13
C ARG G 246 14.26 -30.64 -7.04
N ARG G 247 13.99 -29.97 -5.93
CA ARG G 247 14.90 -30.04 -4.77
C ARG G 247 15.13 -31.50 -4.37
N SER G 248 14.08 -32.28 -4.42
CA SER G 248 14.17 -33.67 -3.96
C SER G 248 15.10 -34.53 -4.83
N HIS G 249 15.48 -34.00 -5.99
CA HIS G 249 16.42 -34.68 -6.89
C HIS G 249 17.88 -34.49 -6.48
N LEU G 250 18.13 -33.53 -5.60
CA LEU G 250 19.50 -33.21 -5.22
C LEU G 250 19.98 -34.17 -4.16
N LYS G 251 21.25 -34.59 -4.28
CA LYS G 251 21.84 -35.48 -3.30
C LYS G 251 21.69 -34.99 -1.87
N ALA G 252 21.82 -33.68 -1.66
CA ALA G 252 21.72 -33.12 -0.30
C ALA G 252 20.34 -33.35 0.32
N ASN G 253 19.33 -33.58 -0.53
CA ASN G 253 17.97 -33.82 -0.05
C ASN G 253 17.56 -35.29 -0.23
N GLY G 254 18.54 -36.16 -0.38
CA GLY G 254 18.28 -37.59 -0.50
C GLY G 254 18.09 -38.08 -1.92
N GLY G 255 18.22 -37.21 -2.91
CA GLY G 255 18.04 -37.61 -4.30
C GLY G 255 19.30 -38.14 -4.98
N TYR G 256 19.19 -38.42 -6.28
CA TYR G 256 20.29 -38.99 -7.07
C TYR G 256 21.35 -37.96 -7.48
N GLY G 257 20.93 -36.72 -7.68
CA GLY G 257 21.84 -35.68 -8.14
C GLY G 257 22.17 -35.80 -9.63
N TYR G 258 22.91 -34.80 -10.12
CA TYR G 258 23.30 -34.75 -11.52
C TYR G 258 24.31 -35.83 -11.91
N ASP G 259 25.29 -36.09 -11.06
CA ASP G 259 26.39 -36.96 -11.47
C ASP G 259 26.02 -38.44 -11.43
N TYR G 260 24.78 -38.75 -11.05
CA TYR G 260 24.27 -40.12 -11.10
C TYR G 260 24.48 -40.72 -12.50
N LEU G 261 24.31 -39.89 -13.52
CA LEU G 261 24.49 -40.36 -14.89
C LEU G 261 25.86 -41.03 -15.06
N LEU G 262 26.89 -40.43 -14.49
CA LEU G 262 28.25 -40.95 -14.65
C LEU G 262 28.67 -41.96 -13.61
N THR G 263 28.23 -41.79 -12.37
CA THR G 263 28.67 -42.69 -11.31
C THR G 263 27.91 -44.01 -11.39
N THR G 264 26.69 -43.96 -11.93
CA THR G 264 25.78 -45.10 -11.80
C THR G 264 25.20 -45.64 -13.12
N PHE G 265 24.59 -44.77 -13.92
CA PHE G 265 23.99 -45.23 -15.17
C PHE G 265 25.03 -45.73 -16.17
N ILE G 266 26.06 -44.92 -16.42
CA ILE G 266 27.10 -45.28 -17.39
C ILE G 266 27.81 -46.61 -17.07
N PRO G 267 28.15 -46.85 -15.78
CA PRO G 267 28.69 -48.18 -15.46
C PRO G 267 27.74 -49.33 -15.80
N GLN G 268 26.44 -49.15 -15.56
CA GLN G 268 25.46 -50.17 -15.94
C GLN G 268 25.46 -50.39 -17.45
N LEU G 269 25.53 -49.28 -18.19
CA LEU G 269 25.60 -49.35 -19.65
C LEU G 269 26.90 -50.02 -20.15
N ARG G 270 28.02 -49.72 -19.50
CA ARG G 270 29.29 -50.35 -19.85
C ARG G 270 29.17 -51.85 -19.61
N GLN G 271 28.65 -52.21 -18.44
CA GLN G 271 28.52 -53.62 -18.08
C GLN G 271 27.59 -54.36 -19.02
N SER G 272 26.56 -53.68 -19.51
CA SER G 272 25.62 -54.30 -20.46
C SER G 272 26.31 -54.69 -21.76
N GLY G 273 27.39 -54.00 -22.11
CA GLY G 273 28.14 -54.33 -23.31
C GLY G 273 28.78 -53.17 -24.03
N PHE G 274 28.44 -51.95 -23.64
CA PHE G 274 29.01 -50.75 -24.27
C PHE G 274 30.49 -50.57 -23.93
N SER G 275 31.25 -50.05 -24.89
CA SER G 275 32.66 -49.70 -24.64
C SER G 275 32.77 -48.27 -24.11
N GLN G 276 34.00 -47.85 -23.80
CA GLN G 276 34.25 -46.47 -23.42
C GLN G 276 33.99 -45.58 -24.63
N ALA G 277 34.44 -46.04 -25.80
CA ALA G 277 34.21 -45.34 -27.05
C ALA G 277 32.73 -45.07 -27.31
N ASP G 278 31.90 -46.10 -27.14
CA ASP G 278 30.46 -45.99 -27.29
C ASP G 278 29.91 -44.86 -26.42
N VAL G 279 30.31 -44.88 -25.15
CA VAL G 279 29.87 -43.86 -24.19
C VAL G 279 30.33 -42.46 -24.61
N ASP G 280 31.59 -42.35 -25.00
CA ASP G 280 32.17 -41.05 -25.35
C ASP G 280 31.53 -40.39 -26.58
N VAL G 281 31.00 -41.21 -27.50
CA VAL G 281 30.27 -40.65 -28.63
C VAL G 281 29.07 -39.82 -28.13
N MET G 282 28.37 -40.34 -27.14
CA MET G 282 27.14 -39.69 -26.66
C MET G 282 27.39 -38.52 -25.70
N LEU G 283 28.41 -38.66 -24.87
CA LEU G 283 28.69 -37.71 -23.80
C LEU G 283 29.65 -36.59 -24.20
N ARG G 284 30.54 -36.88 -25.15
CA ARG G 284 31.50 -35.90 -25.60
C ARG G 284 31.35 -35.51 -27.06
N GLU G 285 31.44 -36.50 -27.96
CA GLU G 285 31.46 -36.26 -29.39
C GLU G 285 30.19 -35.59 -29.93
N ASN G 286 29.02 -36.19 -29.66
CA ASN G 286 27.77 -35.61 -30.15
C ASN G 286 27.49 -34.18 -29.68
N PRO G 287 27.57 -33.92 -28.35
CA PRO G 287 27.30 -32.55 -27.90
C PRO G 287 28.27 -31.51 -28.46
N SER G 288 29.54 -31.87 -28.64
CA SER G 288 30.50 -30.94 -29.21
C SER G 288 30.13 -30.58 -30.64
N GLN G 289 29.56 -31.54 -31.36
CA GLN G 289 29.13 -31.29 -32.74
C GLN G 289 27.86 -30.45 -32.73
N PHE G 290 26.97 -30.76 -31.80
CA PHE G 290 25.62 -30.20 -31.85
C PHE G 290 25.46 -28.83 -31.21
N PHE G 291 26.06 -28.62 -30.04
CA PHE G 291 25.82 -27.41 -29.27
C PHE G 291 26.72 -26.24 -29.65
N GLN G 292 27.82 -26.54 -30.32
CA GLN G 292 28.73 -25.50 -30.76
C GLN G 292 28.24 -24.88 -32.06
N PHE H 3 -35.16 30.79 18.66
CA PHE H 3 -34.17 30.49 19.70
C PHE H 3 -34.76 29.53 20.73
N ASP H 4 -34.02 28.46 21.03
CA ASP H 4 -34.47 27.46 21.99
C ASP H 4 -33.61 27.48 23.25
N PRO H 5 -34.15 28.02 24.35
CA PRO H 5 -33.44 28.21 25.62
C PRO H 5 -33.11 26.88 26.31
N THR H 6 -33.73 25.80 25.87
CA THR H 6 -33.51 24.49 26.48
C THR H 6 -32.21 23.83 26.01
N GLY H 7 -31.70 24.29 24.87
CA GLY H 7 -30.52 23.69 24.29
C GLY H 7 -29.26 24.53 24.43
N TYR H 8 -28.12 23.92 24.12
CA TYR H 8 -26.84 24.61 24.12
C TYR H 8 -26.76 25.69 23.04
N THR H 9 -25.69 26.47 23.06
CA THR H 9 -25.50 27.56 22.11
C THR H 9 -24.02 27.79 21.82
N LEU H 10 -23.69 27.90 20.53
CA LEU H 10 -22.34 28.33 20.15
C LEU H 10 -22.42 29.84 19.93
N ALA H 11 -21.70 30.59 20.74
CA ALA H 11 -21.87 32.03 20.80
C ALA H 11 -21.19 32.81 19.67
N HIS H 12 -20.31 32.15 18.94
CA HIS H 12 -19.60 32.80 17.83
C HIS H 12 -19.18 31.81 16.74
N GLU H 13 -19.96 31.75 15.66
CA GLU H 13 -19.67 30.85 14.56
C GLU H 13 -19.92 31.50 13.20
N HIS H 14 -19.40 30.88 12.15
CA HIS H 14 -19.75 31.27 10.79
C HIS H 14 -20.26 30.04 10.05
N LEU H 15 -21.36 30.23 9.32
CA LEU H 15 -21.90 29.17 8.48
C LEU H 15 -21.66 29.49 7.02
N HIS H 16 -21.69 30.79 6.71
CA HIS H 16 -21.40 31.23 5.35
C HIS H 16 -20.68 32.56 5.42
N ILE H 17 -19.38 32.51 5.16
CA ILE H 17 -18.55 33.71 5.20
C ILE H 17 -17.66 33.67 3.98
N ASP H 18 -17.36 34.84 3.41
CA ASP H 18 -16.48 34.89 2.25
C ASP H 18 -15.47 36.01 2.33
N LEU H 19 -14.31 35.70 2.88
CA LEU H 19 -13.23 36.66 2.88
C LEU H 19 -12.18 36.25 1.86
N SER H 20 -12.55 35.44 0.87
CA SER H 20 -11.58 34.91 -0.08
C SER H 20 -10.98 36.01 -0.93
N GLY H 21 -11.76 37.04 -1.21
CA GLY H 21 -11.29 38.17 -1.97
C GLY H 21 -10.22 38.90 -1.19
N PHE H 22 -10.54 39.30 0.03
CA PHE H 22 -9.58 40.01 0.89
C PHE H 22 -8.31 39.20 1.11
N LYS H 23 -8.47 37.90 1.33
CA LYS H 23 -7.35 37.07 1.75
C LYS H 23 -6.71 36.30 0.59
N ASN H 24 -7.27 36.45 -0.60
CA ASN H 24 -6.77 35.80 -1.81
C ASN H 24 -6.61 34.30 -1.59
N ASN H 25 -7.68 33.66 -1.12
CA ASN H 25 -7.63 32.26 -0.71
C ASN H 25 -9.04 31.66 -0.65
N VAL H 26 -9.31 30.67 -1.49
CA VAL H 26 -10.66 30.08 -1.54
C VAL H 26 -10.99 29.30 -0.26
N ASP H 27 -9.98 29.01 0.56
CA ASP H 27 -10.22 28.35 1.84
C ASP H 27 -11.09 29.26 2.71
N CYS H 28 -11.05 30.57 2.44
CA CYS H 28 -11.80 31.52 3.25
C CYS H 28 -13.19 31.78 2.69
N ARG H 29 -13.54 31.08 1.61
CA ARG H 29 -14.92 31.05 1.12
C ARG H 29 -15.64 29.85 1.73
N LEU H 30 -16.19 30.05 2.92
CA LEU H 30 -16.92 28.99 3.61
C LEU H 30 -18.36 28.92 3.06
N ASP H 31 -18.58 28.10 2.03
CA ASP H 31 -19.88 28.07 1.35
C ASP H 31 -20.29 26.66 0.92
N GLN H 32 -19.63 25.66 1.50
CA GLN H 32 -19.88 24.27 1.14
C GLN H 32 -21.11 23.71 1.87
N TYR H 33 -22.27 23.94 1.28
CA TYR H 33 -23.56 23.70 1.90
C TYR H 33 -23.77 22.28 2.45
N ALA H 34 -23.45 21.27 1.66
CA ALA H 34 -23.68 19.89 2.07
C ALA H 34 -22.84 19.54 3.30
N PHE H 35 -21.58 19.95 3.30
CA PHE H 35 -20.69 19.69 4.42
C PHE H 35 -21.17 20.39 5.69
N ILE H 36 -21.68 21.61 5.53
CA ILE H 36 -22.13 22.43 6.65
C ILE H 36 -23.41 21.88 7.28
N CYS H 37 -24.32 21.37 6.46
CA CYS H 37 -25.55 20.76 6.98
C CYS H 37 -25.19 19.55 7.85
N GLN H 38 -24.24 18.75 7.37
CA GLN H 38 -23.76 17.61 8.14
C GLN H 38 -23.18 18.03 9.50
N GLU H 39 -22.48 19.16 9.53
CA GLU H 39 -21.94 19.68 10.78
C GLU H 39 -23.07 20.07 11.72
N MET H 40 -24.08 20.74 11.18
CA MET H 40 -25.21 21.19 11.99
C MET H 40 -26.01 20.01 12.52
N ASN H 41 -25.99 18.91 11.78
CA ASN H 41 -26.62 17.66 12.21
C ASN H 41 -25.94 17.11 13.45
N ASP H 42 -24.61 17.13 13.44
CA ASP H 42 -23.81 16.65 14.57
C ASP H 42 -24.02 17.50 15.82
N LEU H 43 -24.11 18.81 15.63
CA LEU H 43 -24.36 19.70 16.75
C LEU H 43 -25.74 19.45 17.35
N MET H 44 -26.73 19.25 16.49
CA MET H 44 -28.10 19.00 16.92
C MET H 44 -28.20 17.74 17.78
N THR H 45 -27.46 16.71 17.41
CA THR H 45 -27.53 15.44 18.12
C THR H 45 -26.83 15.52 19.47
N ARG H 46 -25.97 16.51 19.65
CA ARG H 46 -25.22 16.65 20.90
C ARG H 46 -25.73 17.78 21.79
N GLY H 47 -26.97 18.20 21.58
CA GLY H 47 -27.63 19.11 22.50
C GLY H 47 -27.62 20.57 22.07
N VAL H 48 -26.85 20.90 21.03
CA VAL H 48 -26.84 22.26 20.51
C VAL H 48 -28.12 22.51 19.73
N ARG H 49 -28.75 23.65 19.98
CA ARG H 49 -29.98 23.99 19.30
C ARG H 49 -29.86 25.37 18.66
N ASN H 50 -28.86 26.12 19.10
CA ASN H 50 -28.65 27.48 18.62
C ASN H 50 -27.20 27.76 18.23
N VAL H 51 -27.03 28.43 17.09
CA VAL H 51 -25.73 28.94 16.68
C VAL H 51 -25.88 30.43 16.41
N ILE H 52 -25.00 31.25 16.99
CA ILE H 52 -25.02 32.68 16.76
C ILE H 52 -24.01 33.00 15.66
N GLU H 53 -24.52 33.33 14.48
CA GLU H 53 -23.69 33.50 13.29
C GLU H 53 -23.18 34.93 13.21
N MET H 54 -21.87 35.06 13.00
CA MET H 54 -21.16 36.34 13.17
C MET H 54 -20.74 36.96 11.85
N THR H 55 -21.31 36.49 10.76
CA THR H 55 -20.96 37.02 9.46
C THR H 55 -21.91 38.17 9.16
N ASN H 56 -21.41 39.40 9.16
CA ASN H 56 -22.25 40.53 8.76
C ASN H 56 -22.16 40.78 7.25
N ARG H 57 -22.91 41.75 6.75
CA ARG H 57 -23.10 41.89 5.30
C ARG H 57 -21.82 41.84 4.48
N TYR H 58 -20.88 42.71 4.79
CA TYR H 58 -19.68 42.84 3.96
C TYR H 58 -18.58 41.82 4.27
N MET H 59 -18.90 40.85 5.13
CA MET H 59 -18.05 39.68 5.34
C MET H 59 -18.53 38.52 4.43
N GLY H 60 -19.53 38.78 3.62
CA GLY H 60 -20.08 37.75 2.75
C GLY H 60 -21.25 36.96 3.33
N ARG H 61 -22.06 37.60 4.17
CA ARG H 61 -23.24 36.95 4.76
C ARG H 61 -24.21 36.48 3.68
N ASN H 62 -24.92 35.40 3.95
CA ASN H 62 -25.91 34.86 3.02
C ASN H 62 -27.09 34.30 3.79
N ALA H 63 -28.11 35.14 3.96
CA ALA H 63 -29.31 34.74 4.70
C ALA H 63 -29.95 33.47 4.13
N GLN H 64 -30.03 33.38 2.81
CA GLN H 64 -30.74 32.25 2.18
C GLN H 64 -30.03 30.92 2.45
N PHE H 65 -28.70 30.95 2.40
CA PHE H 65 -27.90 29.80 2.78
C PHE H 65 -28.24 29.41 4.22
N MET H 66 -28.30 30.41 5.11
CA MET H 66 -28.58 30.16 6.52
C MET H 66 -30.02 29.66 6.71
N LEU H 67 -30.94 30.21 5.93
CA LEU H 67 -32.33 29.74 5.94
C LEU H 67 -32.44 28.29 5.45
N ASP H 68 -31.67 27.96 4.41
CA ASP H 68 -31.68 26.61 3.87
C ASP H 68 -31.14 25.63 4.92
N VAL H 69 -30.08 26.02 5.60
CA VAL H 69 -29.44 25.18 6.59
C VAL H 69 -30.37 24.86 7.75
N MET H 70 -31.08 25.87 8.24
CA MET H 70 -32.02 25.67 9.34
C MET H 70 -33.10 24.66 8.96
N ARG H 71 -33.63 24.79 7.75
CA ARG H 71 -34.75 23.94 7.35
C ARG H 71 -34.31 22.51 7.13
N GLU H 72 -33.09 22.35 6.61
CA GLU H 72 -32.51 21.04 6.37
C GLU H 72 -32.17 20.30 7.68
N THR H 73 -31.71 21.04 8.70
CA THR H 73 -31.18 20.42 9.91
C THR H 73 -31.97 20.68 11.19
N GLY H 74 -32.80 21.71 11.20
CA GLY H 74 -33.55 22.06 12.40
C GLY H 74 -32.80 22.95 13.38
N ILE H 75 -31.50 23.14 13.19
CA ILE H 75 -30.71 24.01 14.06
C ILE H 75 -31.24 25.44 14.01
N ASN H 76 -31.13 26.18 15.12
CA ASN H 76 -31.45 27.60 15.10
C ASN H 76 -30.21 28.46 14.85
N VAL H 77 -30.29 29.32 13.84
CA VAL H 77 -29.21 30.23 13.53
C VAL H 77 -29.67 31.65 13.80
N VAL H 78 -28.97 32.32 14.71
CA VAL H 78 -29.25 33.73 14.96
C VAL H 78 -28.32 34.55 14.08
N ALA H 79 -28.90 35.34 13.18
CA ALA H 79 -28.12 36.12 12.24
C ALA H 79 -27.65 37.42 12.86
N CYS H 80 -26.64 38.05 12.25
CA CYS H 80 -26.10 39.29 12.81
C CYS H 80 -26.08 40.43 11.79
N THR H 81 -25.87 41.63 12.32
CA THR H 81 -25.71 42.83 11.52
C THR H 81 -24.58 43.66 12.12
N GLY H 82 -23.88 44.37 11.27
CA GLY H 82 -22.82 45.24 11.75
C GLY H 82 -21.75 45.46 10.69
N TYR H 83 -20.62 46.02 11.12
CA TYR H 83 -19.45 46.17 10.25
C TYR H 83 -18.24 45.57 10.95
N TYR H 84 -17.29 45.04 10.17
CA TYR H 84 -16.29 44.13 10.70
C TYR H 84 -15.10 44.83 11.35
N GLN H 85 -14.11 45.22 10.55
CA GLN H 85 -12.96 46.00 11.07
C GLN H 85 -12.37 46.87 9.97
N ASP H 86 -11.46 47.77 10.34
CA ASP H 86 -11.00 48.83 9.45
C ASP H 86 -10.55 48.35 8.06
N ALA H 87 -9.70 47.33 8.03
CA ALA H 87 -9.14 46.81 6.79
C ALA H 87 -10.19 46.20 5.87
N PHE H 88 -11.38 45.94 6.40
CA PHE H 88 -12.41 45.27 5.61
C PHE H 88 -13.63 46.16 5.33
N PHE H 89 -13.68 47.37 5.89
CA PHE H 89 -14.84 48.25 5.69
C PHE H 89 -15.00 48.61 4.22
N PRO H 90 -16.25 48.60 3.72
CA PRO H 90 -16.47 49.25 2.43
C PRO H 90 -16.29 50.77 2.55
N GLU H 91 -16.08 51.44 1.43
CA GLU H 91 -15.82 52.88 1.43
C GLU H 91 -16.90 53.71 2.14
N HIS H 92 -18.14 53.22 2.11
CA HIS H 92 -19.26 54.04 2.56
C HIS H 92 -19.35 54.20 4.08
N VAL H 93 -18.60 53.38 4.82
CA VAL H 93 -18.46 53.58 6.26
C VAL H 93 -17.90 54.98 6.55
N ALA H 94 -17.01 55.44 5.67
CA ALA H 94 -16.39 56.76 5.82
C ALA H 94 -17.35 57.92 5.51
N THR H 95 -18.24 57.71 4.54
CA THR H 95 -19.11 58.79 4.04
C THR H 95 -20.49 58.86 4.69
N ARG H 96 -21.01 57.74 5.18
CA ARG H 96 -22.31 57.75 5.84
C ARG H 96 -22.23 58.27 7.27
N SER H 97 -23.30 58.90 7.74
CA SER H 97 -23.34 59.39 9.10
C SER H 97 -23.44 58.22 10.05
N VAL H 98 -23.03 58.44 11.30
CA VAL H 98 -23.28 57.48 12.36
C VAL H 98 -24.76 57.05 12.39
N GLN H 99 -25.69 58.00 12.28
CA GLN H 99 -27.12 57.69 12.24
C GLN H 99 -27.46 56.68 11.15
N GLU H 100 -26.93 56.92 9.95
CA GLU H 100 -27.24 56.07 8.81
C GLU H 100 -26.76 54.65 9.08
N LEU H 101 -25.53 54.54 9.57
CA LEU H 101 -24.95 53.23 9.87
C LEU H 101 -25.81 52.55 10.93
N ALA H 102 -26.28 53.33 11.89
CA ALA H 102 -27.15 52.80 12.93
C ALA H 102 -28.46 52.27 12.34
N GLN H 103 -29.08 53.06 11.47
CA GLN H 103 -30.39 52.71 10.91
C GLN H 103 -30.35 51.47 10.02
N GLU H 104 -29.21 51.27 9.36
CA GLU H 104 -29.03 50.07 8.54
C GLU H 104 -29.08 48.83 9.44
N MET H 105 -28.42 48.89 10.58
CA MET H 105 -28.42 47.76 11.51
C MET H 105 -29.80 47.55 12.15
N VAL H 106 -30.46 48.64 12.51
CA VAL H 106 -31.82 48.57 13.02
C VAL H 106 -32.74 47.88 12.00
N ASP H 107 -32.61 48.24 10.72
CA ASP H 107 -33.42 47.65 9.66
C ASP H 107 -33.15 46.17 9.47
N GLU H 108 -31.90 45.76 9.55
CA GLU H 108 -31.57 44.34 9.41
C GLU H 108 -32.12 43.54 10.59
N ILE H 109 -32.24 44.20 11.73
CA ILE H 109 -32.87 43.62 12.91
C ILE H 109 -34.41 43.60 12.82
N GLU H 110 -34.98 44.67 12.26
CA GLU H 110 -36.43 44.85 12.28
C GLU H 110 -37.15 44.51 10.98
N GLN H 111 -36.48 44.69 9.83
CA GLN H 111 -37.11 44.44 8.53
C GLN H 111 -36.69 43.09 7.94
N GLY H 112 -35.39 42.78 8.02
CA GLY H 112 -34.87 41.54 7.47
C GLY H 112 -33.50 41.72 6.85
N ILE H 113 -32.86 40.62 6.47
CA ILE H 113 -31.56 40.70 5.84
C ILE H 113 -31.52 40.01 4.47
N ASP H 114 -30.70 40.55 3.58
CA ASP H 114 -30.37 39.95 2.30
C ASP H 114 -31.60 39.61 1.46
N GLY H 115 -32.60 40.49 1.52
CA GLY H 115 -33.81 40.33 0.74
C GLY H 115 -34.69 39.17 1.19
N THR H 116 -34.45 38.66 2.40
CA THR H 116 -35.18 37.50 2.88
C THR H 116 -36.04 37.82 4.10
N GLU H 117 -36.65 36.77 4.64
CA GLU H 117 -37.52 36.87 5.81
C GLU H 117 -36.71 36.81 7.12
N LEU H 118 -35.51 36.27 7.03
CA LEU H 118 -34.62 36.12 8.19
C LEU H 118 -34.18 37.48 8.72
N LYS H 119 -34.20 37.63 10.05
CA LYS H 119 -33.76 38.87 10.68
C LYS H 119 -32.50 38.70 11.50
N ALA H 120 -31.73 39.79 11.59
CA ALA H 120 -30.60 39.87 12.51
C ALA H 120 -31.13 39.96 13.94
N GLY H 121 -30.63 39.10 14.81
CA GLY H 121 -31.00 39.14 16.21
C GLY H 121 -29.90 39.70 17.08
N ILE H 122 -28.75 40.02 16.47
CA ILE H 122 -27.60 40.54 17.23
C ILE H 122 -26.74 41.51 16.41
N ILE H 123 -26.04 42.41 17.09
CA ILE H 123 -25.13 43.35 16.45
C ILE H 123 -23.71 42.81 16.59
N ALA H 124 -23.10 42.41 15.47
CA ALA H 124 -21.91 41.56 15.51
C ALA H 124 -21.36 41.30 14.11
N GLU H 125 -20.14 40.76 13.99
CA GLU H 125 -19.14 40.86 15.05
C GLU H 125 -18.44 42.18 14.74
N ILE H 126 -18.62 43.18 15.61
CA ILE H 126 -18.05 44.49 15.35
C ILE H 126 -16.65 44.54 15.94
N GLY H 127 -15.68 44.85 15.09
CA GLY H 127 -14.30 44.63 15.48
C GLY H 127 -13.41 45.85 15.53
N THR H 128 -12.30 45.69 16.22
CA THR H 128 -11.26 46.70 16.25
C THR H 128 -9.98 46.03 15.77
N SER H 129 -9.01 46.86 15.38
CA SER H 129 -7.78 46.35 14.78
C SER H 129 -6.81 45.88 15.86
N GLU H 130 -5.70 45.29 15.42
CA GLU H 130 -4.72 44.79 16.38
C GLU H 130 -4.01 45.90 17.14
N GLY H 131 -4.26 45.94 18.44
CA GLY H 131 -3.59 46.88 19.32
C GLY H 131 -4.07 48.32 19.19
N LYS H 132 -5.16 48.56 18.47
CA LYS H 132 -5.70 49.90 18.37
C LYS H 132 -7.15 49.94 17.89
N ILE H 133 -7.82 51.04 18.21
CA ILE H 133 -9.13 51.36 17.61
C ILE H 133 -8.90 52.45 16.59
N THR H 134 -9.29 52.21 15.34
CA THR H 134 -9.14 53.22 14.29
C THR H 134 -10.31 54.20 14.34
N PRO H 135 -10.10 55.41 13.79
CA PRO H 135 -11.19 56.39 13.73
C PRO H 135 -12.50 55.83 13.15
N LEU H 136 -12.44 55.06 12.06
CA LEU H 136 -13.65 54.44 11.49
C LEU H 136 -14.25 53.33 12.38
N GLU H 137 -13.39 52.57 13.04
CA GLU H 137 -13.88 51.57 13.99
C GLU H 137 -14.63 52.24 15.13
N GLU H 138 -14.11 53.37 15.60
CA GLU H 138 -14.79 54.14 16.66
C GLU H 138 -16.19 54.54 16.20
N LYS H 139 -16.26 55.03 14.98
CA LYS H 139 -17.50 55.48 14.36
C LYS H 139 -18.54 54.36 14.30
N VAL H 140 -18.11 53.17 13.92
CA VAL H 140 -18.97 52.00 13.84
C VAL H 140 -19.48 51.60 15.23
N PHE H 141 -18.59 51.60 16.20
CA PHE H 141 -18.97 51.26 17.56
C PHE H 141 -20.02 52.24 18.08
N ILE H 142 -19.92 53.51 17.70
CA ILE H 142 -20.90 54.50 18.11
C ILE H 142 -22.26 54.19 17.48
N ALA H 143 -22.24 53.90 16.18
CA ALA H 143 -23.43 53.44 15.45
C ALA H 143 -24.07 52.21 16.08
N ALA H 144 -23.23 51.26 16.50
CA ALA H 144 -23.71 50.04 17.14
C ALA H 144 -24.43 50.36 18.45
N ALA H 145 -23.89 51.33 19.19
CA ALA H 145 -24.52 51.79 20.41
C ALA H 145 -25.91 52.33 20.09
N LEU H 146 -25.99 53.19 19.07
CA LEU H 146 -27.26 53.76 18.65
C LEU H 146 -28.25 52.67 18.28
N ALA H 147 -27.80 51.71 17.46
CA ALA H 147 -28.64 50.58 17.05
C ALA H 147 -29.08 49.77 18.25
N HIS H 148 -28.16 49.54 19.18
CA HIS H 148 -28.51 48.82 20.40
C HIS H 148 -29.58 49.58 21.18
N ASN H 149 -29.38 50.88 21.37
CA ASN H 149 -30.34 51.69 22.12
C ASN H 149 -31.67 51.86 21.41
N GLN H 150 -31.70 51.55 20.12
CA GLN H 150 -32.91 51.65 19.32
C GLN H 150 -33.70 50.32 19.29
N THR H 151 -32.98 49.20 19.35
CA THR H 151 -33.62 47.89 19.19
C THR H 151 -33.56 46.99 20.42
N GLY H 152 -32.59 47.24 21.31
CA GLY H 152 -32.42 46.40 22.49
C GLY H 152 -31.63 45.12 22.23
N ARG H 153 -31.23 44.88 20.99
CA ARG H 153 -30.45 43.69 20.67
C ARG H 153 -29.03 43.84 21.23
N PRO H 154 -28.45 42.71 21.69
CA PRO H 154 -27.12 42.79 22.32
C PRO H 154 -26.03 43.04 21.28
N ILE H 155 -24.81 43.30 21.74
CA ILE H 155 -23.67 43.56 20.88
C ILE H 155 -22.56 42.54 21.13
N SER H 156 -22.03 41.97 20.06
CA SER H 156 -20.95 41.00 20.15
C SER H 156 -19.76 41.52 19.34
N THR H 157 -18.59 41.63 19.96
CA THR H 157 -17.45 42.26 19.30
C THR H 157 -16.39 41.27 18.79
N HIS H 158 -15.45 41.80 18.00
CA HIS H 158 -14.28 41.07 17.56
C HIS H 158 -13.08 41.79 18.15
N THR H 159 -12.23 41.09 18.89
CA THR H 159 -10.92 41.67 19.24
C THR H 159 -9.88 40.98 18.39
N SER H 160 -8.89 41.74 17.93
CA SER H 160 -7.85 41.19 17.07
C SER H 160 -6.71 40.76 17.98
N PHE H 161 -6.43 39.45 18.00
CA PHE H 161 -5.41 38.89 18.87
C PHE H 161 -5.63 39.30 20.32
N SER H 162 -6.91 39.34 20.72
CA SER H 162 -7.32 39.65 22.08
C SER H 162 -6.87 41.03 22.60
N THR H 163 -6.89 42.05 21.74
CA THR H 163 -6.51 43.39 22.18
C THR H 163 -7.72 44.31 22.15
N MET H 164 -7.68 45.37 22.98
CA MET H 164 -8.65 46.48 22.95
C MET H 164 -10.04 46.19 23.50
N GLY H 165 -10.25 45.01 24.07
CA GLY H 165 -11.53 44.68 24.68
C GLY H 165 -12.00 45.72 25.67
N LEU H 166 -11.10 46.15 26.56
CA LEU H 166 -11.45 47.15 27.56
C LEU H 166 -11.83 48.48 26.93
N GLU H 167 -11.08 48.86 25.89
CA GLU H 167 -11.32 50.11 25.18
C GLU H 167 -12.66 50.11 24.46
N GLN H 168 -13.05 48.96 23.93
CA GLN H 168 -14.36 48.80 23.33
C GLN H 168 -15.46 49.01 24.35
N LEU H 169 -15.28 48.41 25.53
CA LEU H 169 -16.24 48.55 26.62
C LEU H 169 -16.40 50.00 27.06
N ALA H 170 -15.29 50.69 27.26
CA ALA H 170 -15.33 52.09 27.64
C ALA H 170 -16.06 52.96 26.61
N LEU H 171 -15.78 52.74 25.33
CA LEU H 171 -16.46 53.49 24.28
C LEU H 171 -17.97 53.23 24.29
N LEU H 172 -18.34 51.95 24.35
CA LEU H 172 -19.74 51.56 24.33
C LEU H 172 -20.50 52.11 25.54
N GLN H 173 -19.89 51.98 26.71
CA GLN H 173 -20.48 52.52 27.92
C GLN H 173 -20.68 54.03 27.81
N ALA H 174 -19.71 54.72 27.21
CA ALA H 174 -19.79 56.17 27.07
C ALA H 174 -20.96 56.61 26.18
N HIS H 175 -21.46 55.71 25.35
CA HIS H 175 -22.60 56.03 24.50
C HIS H 175 -23.86 55.28 24.91
N GLY H 176 -24.01 55.11 26.23
CA GLY H 176 -25.27 54.65 26.80
C GLY H 176 -25.64 53.21 26.57
N VAL H 177 -24.64 52.34 26.46
CA VAL H 177 -24.91 50.91 26.35
C VAL H 177 -24.72 50.24 27.69
N ASP H 178 -25.73 49.51 28.14
CA ASP H 178 -25.59 48.69 29.34
C ASP H 178 -24.61 47.55 29.03
N LEU H 179 -23.47 47.55 29.71
CA LEU H 179 -22.41 46.60 29.41
C LEU H 179 -22.82 45.14 29.55
N SER H 180 -23.87 44.88 30.32
CA SER H 180 -24.40 43.53 30.44
C SER H 180 -25.05 43.08 29.12
N ARG H 181 -25.17 43.99 28.18
CA ARG H 181 -25.69 43.66 26.85
C ARG H 181 -24.56 43.61 25.82
N VAL H 182 -23.32 43.51 26.30
CA VAL H 182 -22.16 43.43 25.41
C VAL H 182 -21.38 42.15 25.70
N THR H 183 -20.99 41.44 24.64
CA THR H 183 -20.10 40.30 24.82
C THR H 183 -18.83 40.53 23.99
N VAL H 184 -17.68 40.32 24.60
CA VAL H 184 -16.41 40.59 23.95
C VAL H 184 -15.83 39.31 23.33
N GLY H 185 -15.64 39.31 22.02
CA GLY H 185 -15.19 38.12 21.33
C GLY H 185 -13.68 38.00 21.28
N HIS H 186 -13.20 36.77 21.11
CA HIS H 186 -11.78 36.47 20.90
C HIS H 186 -10.91 36.84 22.08
N CYS H 187 -11.39 36.61 23.30
CA CYS H 187 -10.61 36.91 24.49
C CYS H 187 -9.52 35.87 24.75
N ASP H 188 -9.53 34.81 23.94
CA ASP H 188 -8.72 33.61 24.23
C ASP H 188 -7.67 33.29 23.17
N LEU H 189 -6.91 34.29 22.75
CA LEU H 189 -5.85 34.08 21.77
C LEU H 189 -4.48 34.31 22.40
N LYS H 190 -4.50 34.69 23.67
CA LYS H 190 -3.28 34.87 24.47
C LYS H 190 -3.69 34.91 25.94
N ASP H 191 -2.70 34.80 26.83
CA ASP H 191 -2.94 34.96 28.26
C ASP H 191 -3.50 36.37 28.49
N ASN H 192 -4.71 36.45 29.00
CA ASN H 192 -5.46 37.70 28.97
C ASN H 192 -6.28 37.91 30.24
N LEU H 193 -5.87 37.25 31.31
CA LEU H 193 -6.67 37.20 32.52
C LEU H 193 -6.94 38.57 33.11
N ASP H 194 -5.89 39.40 33.21
CA ASP H 194 -6.00 40.76 33.73
C ASP H 194 -7.12 41.56 33.07
N ASN H 195 -7.08 41.63 31.73
CA ASN H 195 -8.06 42.40 31.00
C ASN H 195 -9.45 41.80 31.14
N ILE H 196 -9.53 40.48 31.08
CA ILE H 196 -10.80 39.77 31.20
C ILE H 196 -11.49 40.09 32.52
N LEU H 197 -10.73 40.04 33.61
CA LEU H 197 -11.27 40.34 34.92
C LEU H 197 -11.83 41.77 34.96
N LYS H 198 -11.14 42.70 34.31
CA LYS H 198 -11.60 44.08 34.25
C LYS H 198 -12.87 44.22 33.41
N MET H 199 -12.92 43.47 32.31
CA MET H 199 -14.09 43.47 31.45
C MET H 199 -15.32 42.95 32.21
N ILE H 200 -15.17 41.78 32.83
CA ILE H 200 -16.22 41.20 33.66
C ILE H 200 -16.64 42.17 34.76
N ASP H 201 -15.63 42.78 35.40
CA ASP H 201 -15.85 43.77 36.45
C ASP H 201 -16.76 44.91 35.98
N LEU H 202 -16.61 45.31 34.73
CA LEU H 202 -17.41 46.38 34.13
C LEU H 202 -18.84 45.93 33.80
N GLY H 203 -19.10 44.63 33.89
CA GLY H 203 -20.43 44.08 33.71
C GLY H 203 -20.61 43.26 32.45
N ALA H 204 -19.67 43.39 31.52
CA ALA H 204 -19.79 42.74 30.22
C ALA H 204 -19.53 41.23 30.28
N TYR H 205 -20.00 40.54 29.25
CA TYR H 205 -19.69 39.13 29.03
C TYR H 205 -18.43 38.99 28.17
N VAL H 206 -17.74 37.87 28.32
CA VAL H 206 -16.52 37.59 27.55
C VAL H 206 -16.61 36.22 26.89
N GLN H 207 -15.99 36.09 25.72
CA GLN H 207 -16.06 34.85 24.96
C GLN H 207 -14.73 34.16 24.73
N PHE H 208 -14.73 32.86 24.98
CA PHE H 208 -13.65 31.97 24.57
C PHE H 208 -14.11 31.28 23.29
N ASP H 209 -14.05 32.00 22.18
CA ASP H 209 -14.69 31.54 20.96
C ASP H 209 -13.73 31.02 19.91
N THR H 210 -12.47 30.79 20.30
CA THR H 210 -11.48 30.26 19.36
C THR H 210 -10.91 28.89 19.77
N ILE H 211 -11.70 28.09 20.49
CA ILE H 211 -11.29 26.74 20.87
C ILE H 211 -10.86 25.96 19.63
N GLY H 212 -9.73 25.27 19.73
CA GLY H 212 -9.26 24.45 18.62
C GLY H 212 -8.32 25.18 17.66
N LYS H 213 -8.25 26.51 17.77
CA LYS H 213 -7.29 27.26 16.96
C LYS H 213 -5.92 27.21 17.61
N ASN H 214 -5.38 25.99 17.70
CA ASN H 214 -4.17 25.71 18.46
C ASN H 214 -2.90 26.28 17.84
N SER H 215 -3.00 26.67 16.58
CA SER H 215 -1.88 27.29 15.88
C SER H 215 -1.37 28.53 16.61
N TYR H 216 -2.29 29.29 17.18
CA TYR H 216 -1.95 30.49 17.94
C TYR H 216 -1.63 30.16 19.40
N TYR H 217 -2.62 29.57 20.07
CA TYR H 217 -2.66 29.50 21.52
C TYR H 217 -3.38 28.21 21.88
N PRO H 218 -2.78 27.40 22.78
CA PRO H 218 -3.29 26.07 23.12
C PRO H 218 -4.57 26.08 23.97
N ASP H 219 -5.40 25.06 23.79
CA ASP H 219 -6.64 24.97 24.54
C ASP H 219 -6.39 24.78 26.04
N GLU H 220 -5.24 24.23 26.38
CA GLU H 220 -4.89 24.03 27.78
C GLU H 220 -4.80 25.37 28.48
N LYS H 221 -4.28 26.36 27.77
CA LYS H 221 -4.17 27.70 28.32
C LYS H 221 -5.51 28.42 28.34
N ARG H 222 -6.37 28.10 27.38
CA ARG H 222 -7.76 28.55 27.46
C ARG H 222 -8.42 27.99 28.73
N ILE H 223 -8.21 26.70 28.98
CA ILE H 223 -8.83 26.06 30.15
C ILE H 223 -8.29 26.65 31.44
N ALA H 224 -7.00 26.94 31.47
CA ALA H 224 -6.37 27.53 32.64
C ALA H 224 -7.05 28.85 32.99
N MET H 225 -7.30 29.68 31.98
CA MET H 225 -7.98 30.96 32.17
C MET H 225 -9.40 30.79 32.70
N LEU H 226 -10.08 29.75 32.23
CA LEU H 226 -11.45 29.46 32.64
C LEU H 226 -11.50 29.10 34.13
N HIS H 227 -10.51 28.34 34.60
CA HIS H 227 -10.36 28.02 36.01
C HIS H 227 -10.34 29.25 36.88
N ALA H 228 -9.61 30.27 36.44
CA ALA H 228 -9.44 31.50 37.21
C ALA H 228 -10.75 32.26 37.35
N LEU H 229 -11.59 32.19 36.33
CA LEU H 229 -12.89 32.87 36.35
C LEU H 229 -13.87 32.09 37.20
N ARG H 230 -13.69 30.77 37.23
CA ARG H 230 -14.50 29.90 38.08
C ARG H 230 -14.18 30.12 39.56
N ASP H 231 -12.90 30.22 39.88
CA ASP H 231 -12.45 30.44 41.25
C ASP H 231 -12.99 31.73 41.87
N ARG H 232 -13.46 32.63 41.02
CA ARG H 232 -14.01 33.91 41.50
C ARG H 232 -15.51 33.98 41.24
N GLY H 233 -16.09 32.87 40.78
CA GLY H 233 -17.52 32.78 40.56
C GLY H 233 -18.01 33.69 39.44
N LEU H 234 -17.23 33.76 38.37
CA LEU H 234 -17.52 34.67 37.27
C LEU H 234 -17.98 33.96 35.99
N LEU H 235 -18.26 32.66 36.07
CA LEU H 235 -18.68 31.91 34.89
C LEU H 235 -20.05 32.33 34.38
N ASN H 236 -20.78 33.10 35.16
CA ASN H 236 -22.08 33.61 34.74
C ASN H 236 -21.98 34.76 33.73
N ARG H 237 -20.73 35.09 33.36
CA ARG H 237 -20.48 36.10 32.34
C ARG H 237 -19.60 35.57 31.19
N VAL H 238 -19.41 34.26 31.13
CA VAL H 238 -18.54 33.64 30.12
C VAL H 238 -19.34 32.80 29.12
N MET H 239 -19.02 32.93 27.84
CA MET H 239 -19.63 32.07 26.81
C MET H 239 -18.55 31.49 25.89
N LEU H 240 -19.04 30.69 25.05
CA LEU H 240 -17.97 29.93 24.41
C LEU H 240 -18.26 29.58 22.95
N SER H 241 -17.25 29.20 22.06
CA SER H 241 -17.44 28.77 20.66
C SER H 241 -16.16 28.29 19.96
N MET H 242 -16.28 27.95 18.68
N MET H 242 -16.31 27.95 18.68
CA MET H 242 -15.14 27.49 17.90
CA MET H 242 -15.23 27.43 17.84
C MET H 242 -14.71 28.48 16.82
C MET H 242 -14.74 28.46 16.83
N ASP H 243 -15.65 29.32 16.39
CA ASP H 243 -15.37 30.30 15.35
C ASP H 243 -14.86 29.67 14.06
N ILE H 244 -15.58 28.66 13.56
CA ILE H 244 -15.24 28.04 12.28
C ILE H 244 -15.29 29.12 11.20
N THR H 245 -14.25 29.21 10.37
CA THR H 245 -14.19 30.25 9.35
C THR H 245 -13.71 29.77 7.98
N ARG H 246 -13.16 28.57 7.92
CA ARG H 246 -12.52 28.11 6.70
C ARG H 246 -12.99 26.73 6.29
N ARG H 247 -12.88 26.44 5.00
CA ARG H 247 -13.20 25.12 4.49
C ARG H 247 -12.33 24.07 5.16
N SER H 248 -11.09 24.44 5.45
CA SER H 248 -10.12 23.52 6.05
C SER H 248 -10.49 23.13 7.49
N HIS H 249 -11.45 23.86 8.06
CA HIS H 249 -11.93 23.58 9.40
C HIS H 249 -12.98 22.49 9.42
N LEU H 250 -13.63 22.26 8.28
CA LEU H 250 -14.70 21.29 8.22
C LEU H 250 -14.17 19.86 8.23
N LYS H 251 -14.85 18.98 8.95
CA LYS H 251 -14.43 17.59 9.07
C LYS H 251 -14.25 16.96 7.68
N ALA H 252 -15.23 17.19 6.81
CA ALA H 252 -15.19 16.63 5.45
C ALA H 252 -13.96 17.04 4.66
N ASN H 253 -13.30 18.11 5.09
CA ASN H 253 -12.05 18.53 4.47
C ASN H 253 -10.85 18.22 5.35
N GLY H 254 -11.09 17.39 6.37
CA GLY H 254 -10.03 16.93 7.26
C GLY H 254 -9.84 17.75 8.51
N GLY H 255 -10.75 18.69 8.77
CA GLY H 255 -10.61 19.60 9.89
C GLY H 255 -11.36 19.18 11.15
N TYR H 256 -11.30 20.03 12.17
CA TYR H 256 -11.83 19.72 13.49
C TYR H 256 -13.37 19.69 13.56
N GLY H 257 -14.04 20.47 12.71
CA GLY H 257 -15.49 20.55 12.73
C GLY H 257 -16.02 21.40 13.86
N TYR H 258 -17.32 21.66 13.85
CA TYR H 258 -17.96 22.49 14.88
C TYR H 258 -18.11 21.73 16.20
N ASP H 259 -18.42 20.45 16.12
CA ASP H 259 -18.73 19.70 17.34
C ASP H 259 -17.51 19.27 18.15
N TYR H 260 -16.32 19.60 17.65
CA TYR H 260 -15.08 19.38 18.38
C TYR H 260 -15.18 19.98 19.77
N LEU H 261 -15.89 21.10 19.88
CA LEU H 261 -16.15 21.70 21.19
C LEU H 261 -16.79 20.69 22.15
N LEU H 262 -17.90 20.09 21.74
CA LEU H 262 -18.63 19.19 22.63
C LEU H 262 -18.03 17.79 22.75
N THR H 263 -17.42 17.31 21.68
CA THR H 263 -16.85 15.96 21.70
C THR H 263 -15.46 15.92 22.32
N THR H 264 -14.75 17.04 22.27
CA THR H 264 -13.35 17.06 22.67
C THR H 264 -12.99 18.10 23.73
N PHE H 265 -13.33 19.37 23.49
CA PHE H 265 -12.97 20.41 24.45
C PHE H 265 -13.76 20.35 25.76
N ILE H 266 -15.09 20.21 25.67
CA ILE H 266 -15.92 20.11 26.87
C ILE H 266 -15.54 18.93 27.78
N PRO H 267 -15.24 17.75 27.20
CA PRO H 267 -14.69 16.67 28.04
C PRO H 267 -13.44 17.07 28.84
N GLN H 268 -12.47 17.74 28.23
CA GLN H 268 -11.26 18.12 28.95
C GLN H 268 -11.56 19.12 30.05
N LEU H 269 -12.44 20.06 29.74
CA LEU H 269 -12.90 21.06 30.71
C LEU H 269 -13.58 20.40 31.92
N ARG H 270 -14.47 19.43 31.66
CA ARG H 270 -15.14 18.68 32.72
C ARG H 270 -14.11 18.03 33.65
N GLN H 271 -13.18 17.32 33.02
CA GLN H 271 -12.10 16.65 33.73
C GLN H 271 -11.25 17.61 34.56
N SER H 272 -11.13 18.84 34.08
CA SER H 272 -10.28 19.83 34.75
C SER H 272 -10.89 20.34 36.06
N GLY H 273 -12.12 19.95 36.34
CA GLY H 273 -12.77 20.34 37.58
C GLY H 273 -14.06 21.11 37.41
N PHE H 274 -14.54 21.22 36.17
CA PHE H 274 -15.82 21.87 35.91
C PHE H 274 -16.96 20.85 36.05
N SER H 275 -18.05 21.27 36.69
CA SER H 275 -19.22 20.44 36.83
C SER H 275 -20.14 20.67 35.63
N GLN H 276 -21.22 19.89 35.58
CA GLN H 276 -22.20 20.01 34.50
C GLN H 276 -22.94 21.34 34.61
N ALA H 277 -23.23 21.73 35.84
CA ALA H 277 -23.92 22.99 36.12
C ALA H 277 -23.14 24.16 35.52
N ASP H 278 -21.83 24.16 35.73
CA ASP H 278 -20.96 25.23 35.24
C ASP H 278 -20.93 25.29 33.71
N VAL H 279 -20.89 24.13 33.07
CA VAL H 279 -20.96 24.04 31.63
C VAL H 279 -22.29 24.60 31.13
N ASP H 280 -23.37 24.18 31.79
CA ASP H 280 -24.74 24.63 31.46
C ASP H 280 -24.94 26.14 31.60
N VAL H 281 -24.25 26.75 32.56
CA VAL H 281 -24.28 28.20 32.69
C VAL H 281 -23.69 28.83 31.44
N MET H 282 -22.55 28.32 30.99
CA MET H 282 -21.85 28.87 29.83
C MET H 282 -22.55 28.53 28.51
N LEU H 283 -23.06 27.31 28.39
CA LEU H 283 -23.64 26.87 27.12
C LEU H 283 -25.15 27.08 27.00
N ARG H 284 -25.86 27.11 28.13
CA ARG H 284 -27.31 27.31 28.09
C ARG H 284 -27.78 28.59 28.78
N GLU H 285 -27.50 28.71 30.07
CA GLU H 285 -28.01 29.82 30.87
C GLU H 285 -27.60 31.19 30.33
N ASN H 286 -26.30 31.48 30.37
CA ASN H 286 -25.81 32.75 29.85
C ASN H 286 -26.32 33.07 28.43
N PRO H 287 -26.17 32.12 27.48
CA PRO H 287 -26.74 32.41 26.16
C PRO H 287 -28.26 32.67 26.17
N SER H 288 -29.01 31.95 27.01
CA SER H 288 -30.45 32.22 27.11
C SER H 288 -30.69 33.62 27.66
N GLN H 289 -29.89 34.00 28.66
CA GLN H 289 -29.98 35.32 29.28
C GLN H 289 -29.57 36.42 28.30
N PHE H 290 -28.39 36.27 27.73
CA PHE H 290 -27.78 37.31 26.93
C PHE H 290 -28.47 37.50 25.57
N PHE H 291 -28.62 36.40 24.83
CA PHE H 291 -29.05 36.48 23.43
C PHE H 291 -30.55 36.72 23.22
N GLN H 292 -31.35 36.60 24.28
CA GLN H 292 -32.79 36.76 24.15
C GLN H 292 -33.28 38.14 24.59
#